data_4AJP
#
_entry.id   4AJP
#
_cell.length_a   63.980
_cell.length_b   136.780
_cell.length_c   83.790
_cell.angle_alpha   90.00
_cell.angle_beta   102.31
_cell.angle_gamma   90.00
#
_symmetry.space_group_name_H-M   'P 1 21 1'
#
loop_
_entity.id
_entity.type
_entity.pdbx_description
1 polymer 'L-LACTATE DEHYDROGENASE A CHAIN'
2 non-polymer '{4-[4-({3-[(2-METHYL-1,3-BENZOTHIAZOL-6-YL)AMINO]-3-OXOPROPYL}AMINO)-4-OXOBUTYL]BENZYL}PROPANEDIOIC ACID'
3 non-polymer 'SULFATE ION'
4 non-polymer GLYCEROL
5 water water
#
_entity_poly.entity_id   1
_entity_poly.type   'polypeptide(L)'
_entity_poly.pdbx_seq_one_letter_code
;ATLKDQLIYNLLKEEQTPQNKITVVGVGAVGMACAISILMKDLADELALVDVIEDKLKGEMMDLQHGSLFLRTPKIVSGK
DYNVTANSKLVIITAGARQQEGESRLNLVQRNVNIFKFIIPNVVKYSPNCKLLIVSNPVDILTYVAWKISGFPKNRVIGS
GCNLDSARFRYLMGERLGVHPLSCHGWVLGEHGDSSVPVWSGMNVAGVSLKTLHPDLGTDKDKEQWKEVHKQVVESAYEV
IKLKGYTSWAIGLSVADLAESIMKNLRRVHPVSTMIKGLYGIKDDVFLSVPCILGQNGISDLVKVTLTSEEEARLKKSAD
TLWGIQKELQFHHHHHH
;
_entity_poly.pdbx_strand_id   A,B,C,D
#
# COMPACT_ATOMS: atom_id res chain seq x y z
N ALA A 1 -15.94 -23.44 -31.93
CA ALA A 1 -14.84 -22.51 -31.58
C ALA A 1 -14.16 -22.98 -30.30
N THR A 2 -12.97 -22.42 -30.03
CA THR A 2 -12.24 -22.66 -28.77
C THR A 2 -13.04 -22.10 -27.58
N LEU A 3 -12.63 -22.45 -26.38
CA LEU A 3 -13.31 -22.01 -25.16
C LEU A 3 -13.05 -20.53 -24.97
N LYS A 4 -11.80 -20.14 -25.13
CA LYS A 4 -11.41 -18.75 -25.07
C LYS A 4 -12.37 -17.92 -25.95
N ASP A 5 -12.57 -18.33 -27.20
CA ASP A 5 -13.43 -17.57 -28.12
C ASP A 5 -14.91 -17.65 -27.81
N GLN A 6 -15.35 -18.76 -27.22
CA GLN A 6 -16.76 -18.84 -26.84
C GLN A 6 -17.02 -17.87 -25.70
N LEU A 7 -16.03 -17.74 -24.81
CA LEU A 7 -16.14 -16.93 -23.62
C LEU A 7 -15.86 -15.45 -23.87
N ILE A 8 -14.93 -15.14 -24.75
CA ILE A 8 -14.38 -13.79 -24.86
C ILE A 8 -14.43 -13.23 -26.27
N TYR A 9 -15.09 -12.07 -26.42
CA TYR A 9 -15.03 -11.34 -27.68
C TYR A 9 -13.95 -10.25 -27.62
N ASN A 10 -12.98 -10.34 -28.53
CA ASN A 10 -11.83 -9.45 -28.54
C ASN A 10 -12.07 -8.20 -29.39
N LEU A 11 -11.89 -7.02 -28.79
CA LEU A 11 -11.92 -5.75 -29.51
C LEU A 11 -10.60 -5.45 -30.23
N LEU A 12 -9.47 -5.83 -29.62
CA LEU A 12 -8.13 -5.42 -30.06
C LEU A 12 -7.11 -6.51 -29.75
N LYS A 13 -6.21 -6.89 -30.66
CA LYS A 13 -5.97 -6.36 -32.01
C LYS A 13 -4.47 -6.39 -32.24
N GLN A 16 0.71 -3.97 -27.36
CA GLN A 16 0.90 -2.73 -26.60
C GLN A 16 2.27 -2.71 -25.89
N THR A 17 2.90 -1.53 -25.88
CA THR A 17 4.24 -1.36 -25.27
C THR A 17 4.09 -1.14 -23.76
N PRO A 18 4.98 -1.76 -22.96
CA PRO A 18 4.90 -1.56 -21.52
C PRO A 18 5.23 -0.11 -21.16
N GLN A 19 4.61 0.40 -20.10
CA GLN A 19 4.70 1.82 -19.74
C GLN A 19 5.53 2.12 -18.49
N ASN A 20 5.69 1.12 -17.63
CA ASN A 20 6.42 1.26 -16.37
C ASN A 20 7.23 -0.01 -16.12
N LYS A 21 8.07 -0.33 -17.09
CA LYS A 21 8.78 -1.59 -17.09
C LYS A 21 10.10 -1.41 -16.35
N ILE A 22 10.37 -2.39 -15.49
CA ILE A 22 11.61 -2.51 -14.77
C ILE A 22 12.31 -3.82 -15.16
N THR A 23 13.62 -3.74 -15.38
CA THR A 23 14.44 -4.90 -15.63
C THR A 23 15.43 -5.03 -14.50
N VAL A 24 15.63 -6.27 -14.07
CA VAL A 24 16.66 -6.60 -13.12
C VAL A 24 17.59 -7.61 -13.74
N VAL A 25 18.86 -7.22 -13.80
CA VAL A 25 19.87 -8.06 -14.36
C VAL A 25 20.61 -8.71 -13.19
N GLY A 26 20.60 -10.04 -13.20
CA GLY A 26 21.22 -10.80 -12.12
C GLY A 26 20.12 -11.33 -11.24
N VAL A 27 19.96 -12.65 -11.21
CA VAL A 27 19.01 -13.30 -10.33
C VAL A 27 19.71 -14.01 -9.18
N GLY A 28 20.82 -13.43 -8.69
CA GLY A 28 21.39 -13.85 -7.41
C GLY A 28 20.48 -13.37 -6.28
N ALA A 29 20.84 -13.62 -5.03
CA ALA A 29 20.03 -13.17 -3.88
C ALA A 29 19.73 -11.66 -3.92
N VAL A 30 20.72 -10.85 -4.23
CA VAL A 30 20.49 -9.41 -4.35
C VAL A 30 19.50 -9.10 -5.46
N GLY A 31 19.72 -9.66 -6.64
CA GLY A 31 18.76 -9.50 -7.73
C GLY A 31 17.32 -9.85 -7.33
N MET A 32 17.15 -11.02 -6.71
CA MET A 32 15.81 -11.47 -6.37
C MET A 32 15.19 -10.73 -5.19
N ALA A 33 15.99 -10.20 -4.27
CA ALA A 33 15.46 -9.30 -3.22
C ALA A 33 14.93 -7.99 -3.83
N CYS A 34 15.68 -7.45 -4.78
CA CYS A 34 15.26 -6.28 -5.55
C CYS A 34 13.94 -6.55 -6.28
N ALA A 35 13.89 -7.67 -7.01
CA ALA A 35 12.69 -8.13 -7.70
C ALA A 35 11.48 -8.19 -6.80
N ILE A 36 11.56 -8.97 -5.72
CA ILE A 36 10.41 -9.13 -4.81
C ILE A 36 9.97 -7.80 -4.20
N SER A 37 10.92 -7.00 -3.75
CA SER A 37 10.62 -5.71 -3.14
C SER A 37 9.87 -4.77 -4.08
N ILE A 38 10.32 -4.73 -5.34
CA ILE A 38 9.70 -3.92 -6.36
C ILE A 38 8.29 -4.44 -6.66
N LEU A 39 8.15 -5.76 -6.80
CA LEU A 39 6.84 -6.38 -7.02
C LEU A 39 5.86 -6.01 -5.90
N MET A 40 6.33 -5.97 -4.68
CA MET A 40 5.40 -5.70 -3.60
C MET A 40 5.15 -4.22 -3.36
N LYS A 41 5.88 -3.35 -4.05
CA LYS A 41 5.61 -1.91 -3.95
C LYS A 41 4.86 -1.40 -5.19
N ASP A 42 4.48 -2.30 -6.09
CA ASP A 42 3.64 -1.96 -7.26
C ASP A 42 4.27 -0.92 -8.22
N LEU A 43 5.59 -0.96 -8.32
CA LEU A 43 6.31 0.05 -9.09
C LEU A 43 6.29 -0.23 -10.59
N ALA A 44 5.93 -1.45 -10.99
CA ALA A 44 6.11 -1.88 -12.36
C ALA A 44 4.84 -2.56 -12.94
N ASP A 45 4.54 -2.27 -14.22
CA ASP A 45 3.53 -3.00 -14.97
C ASP A 45 4.15 -4.20 -15.70
N GLU A 46 5.48 -4.22 -15.75
CA GLU A 46 6.23 -5.35 -16.29
C GLU A 46 7.61 -5.44 -15.64
N LEU A 47 7.97 -6.64 -15.24
CA LEU A 47 9.27 -6.97 -14.64
C LEU A 47 9.98 -7.93 -15.58
N ALA A 48 11.25 -7.65 -15.85
CA ALA A 48 12.03 -8.54 -16.70
C ALA A 48 13.27 -8.98 -15.93
N LEU A 49 13.63 -10.25 -16.02
CA LEU A 49 14.83 -10.75 -15.36
C LEU A 49 15.79 -11.32 -16.42
N VAL A 50 17.08 -11.03 -16.28
CA VAL A 50 18.12 -11.55 -17.14
C VAL A 50 19.28 -12.10 -16.32
N ASP A 51 19.81 -13.24 -16.78
CA ASP A 51 21.01 -13.84 -16.20
C ASP A 51 21.68 -14.71 -17.27
N VAL A 52 22.74 -15.42 -16.92
CA VAL A 52 23.41 -16.32 -17.85
C VAL A 52 23.15 -17.80 -17.52
N ILE A 53 22.65 -18.10 -16.34
CA ILE A 53 22.33 -19.48 -15.98
C ILE A 53 20.83 -19.71 -16.24
N GLU A 54 20.52 -20.56 -17.21
CA GLU A 54 19.18 -20.59 -17.77
C GLU A 54 18.18 -21.33 -16.90
N ASP A 55 18.59 -22.41 -16.27
CA ASP A 55 17.72 -23.12 -15.32
C ASP A 55 17.33 -22.23 -14.14
N LYS A 56 18.32 -21.68 -13.45
CA LYS A 56 18.11 -20.77 -12.31
C LYS A 56 17.16 -19.62 -12.66
N LEU A 57 17.39 -19.02 -13.82
CA LEU A 57 16.63 -17.88 -14.33
C LEU A 57 15.16 -18.21 -14.55
N LYS A 58 14.92 -19.30 -15.29
CA LYS A 58 13.56 -19.76 -15.56
C LYS A 58 12.88 -20.12 -14.25
N GLY A 59 13.61 -20.77 -13.35
CA GLY A 59 13.04 -21.20 -12.09
C GLY A 59 12.55 -20.01 -11.29
N GLU A 60 13.36 -18.94 -11.24
CA GLU A 60 13.04 -17.72 -10.53
C GLU A 60 11.80 -17.05 -11.11
N MET A 61 11.84 -16.78 -12.42
CA MET A 61 10.71 -16.28 -13.15
C MET A 61 9.44 -17.04 -12.85
N MET A 62 9.49 -18.36 -12.97
CA MET A 62 8.31 -19.21 -12.71
C MET A 62 7.79 -19.06 -11.28
N ASP A 63 8.70 -18.97 -10.32
CA ASP A 63 8.34 -18.87 -8.90
C ASP A 63 7.58 -17.56 -8.61
N LEU A 64 8.04 -16.47 -9.22
CA LEU A 64 7.33 -15.19 -9.09
C LEU A 64 6.02 -15.27 -9.84
N GLN A 65 6.04 -15.92 -10.99
CA GLN A 65 4.83 -16.00 -11.80
C GLN A 65 3.73 -16.67 -11.01
N HIS A 66 4.07 -17.77 -10.36
CA HIS A 66 3.07 -18.50 -9.61
C HIS A 66 2.44 -17.66 -8.56
N GLY A 67 3.12 -16.58 -8.16
CA GLY A 67 2.59 -15.63 -7.17
C GLY A 67 1.75 -14.46 -7.68
N SER A 68 1.45 -14.46 -8.99
CA SER A 68 0.81 -13.34 -9.68
C SER A 68 -0.53 -12.92 -9.11
N LEU A 69 -1.33 -13.92 -8.73
CA LEU A 69 -2.59 -13.65 -8.03
C LEU A 69 -2.44 -12.63 -6.91
N PHE A 70 -1.28 -12.63 -6.26
CA PHE A 70 -1.10 -11.78 -5.05
C PHE A 70 -0.39 -10.47 -5.37
N LEU A 71 -0.10 -10.23 -6.63
CA LEU A 71 0.63 -9.05 -7.03
C LEU A 71 -0.23 -8.17 -7.95
N ARG A 72 0.33 -7.02 -8.31
CA ARG A 72 -0.30 -6.12 -9.25
C ARG A 72 0.65 -5.79 -10.41
N THR A 73 1.51 -6.74 -10.74
CA THR A 73 2.42 -6.59 -11.85
C THR A 73 2.03 -7.71 -12.81
N PRO A 74 1.39 -7.36 -13.93
CA PRO A 74 0.72 -8.37 -14.75
C PRO A 74 1.60 -9.13 -15.74
N LYS A 75 2.82 -8.68 -15.95
CA LYS A 75 3.73 -9.40 -16.85
C LYS A 75 5.13 -9.54 -16.22
N ILE A 76 5.58 -10.79 -16.17
CA ILE A 76 6.88 -11.14 -15.64
C ILE A 76 7.59 -11.96 -16.70
N VAL A 77 8.71 -11.49 -17.22
CA VAL A 77 9.43 -12.23 -18.26
C VAL A 77 10.87 -12.43 -17.83
N SER A 78 11.54 -13.39 -18.47
CA SER A 78 12.98 -13.64 -18.26
C SER A 78 13.67 -14.20 -19.50
N GLY A 79 14.98 -14.01 -19.58
CA GLY A 79 15.81 -14.58 -20.68
C GLY A 79 17.30 -14.25 -20.60
N LYS A 80 18.14 -15.13 -21.13
CA LYS A 80 19.52 -14.76 -21.44
C LYS A 80 19.59 -13.61 -22.47
N ASP A 81 18.67 -13.61 -23.43
CA ASP A 81 18.62 -12.60 -24.49
C ASP A 81 18.02 -11.31 -23.92
N TYR A 82 18.69 -10.18 -24.15
CA TYR A 82 18.24 -8.89 -23.61
C TYR A 82 17.02 -8.32 -24.32
N ASN A 83 16.59 -8.98 -25.40
CA ASN A 83 15.38 -8.52 -26.08
C ASN A 83 14.18 -8.50 -25.14
N VAL A 84 14.23 -9.24 -24.03
CA VAL A 84 13.14 -9.26 -23.05
C VAL A 84 13.13 -8.04 -22.14
N THR A 85 14.18 -7.23 -22.24
CA THR A 85 14.35 -6.02 -21.41
C THR A 85 13.83 -4.78 -22.12
N ALA A 86 13.45 -4.95 -23.39
CA ALA A 86 13.09 -3.82 -24.25
C ALA A 86 12.15 -2.83 -23.59
N ASN A 87 12.41 -1.55 -23.80
CA ASN A 87 11.55 -0.46 -23.30
C ASN A 87 11.41 -0.40 -21.76
N SER A 88 12.47 -0.77 -21.04
CA SER A 88 12.46 -0.58 -19.60
C SER A 88 12.66 0.90 -19.31
N LYS A 89 11.98 1.39 -18.27
CA LYS A 89 12.21 2.72 -17.73
C LYS A 89 13.43 2.73 -16.80
N LEU A 90 13.60 1.62 -16.08
CA LEU A 90 14.67 1.41 -15.10
C LEU A 90 15.29 0.01 -15.28
N VAL A 91 16.60 -0.04 -15.31
CA VAL A 91 17.33 -1.28 -15.43
C VAL A 91 18.31 -1.29 -14.28
N ILE A 92 18.19 -2.30 -13.44
CA ILE A 92 18.95 -2.42 -12.20
C ILE A 92 19.96 -3.52 -12.41
N ILE A 93 21.25 -3.19 -12.21
CA ILE A 93 22.35 -4.10 -12.49
C ILE A 93 22.89 -4.65 -11.18
N THR A 94 22.62 -5.93 -10.95
CA THR A 94 23.05 -6.63 -9.75
C THR A 94 24.00 -7.79 -10.08
N ALA A 95 24.49 -7.84 -11.32
CA ALA A 95 25.33 -8.97 -11.76
C ALA A 95 26.75 -8.83 -11.28
N GLY A 96 27.45 -9.96 -11.15
CA GLY A 96 28.90 -9.95 -10.94
C GLY A 96 29.41 -10.77 -9.79
N ALA A 97 30.72 -10.68 -9.59
CA ALA A 97 31.36 -11.30 -8.47
C ALA A 97 30.97 -10.51 -7.25
N ARG A 98 30.92 -11.18 -6.12
CA ARG A 98 30.73 -10.51 -4.83
C ARG A 98 31.84 -10.93 -3.85
N GLN A 99 32.09 -10.12 -2.84
CA GLN A 99 33.28 -10.30 -2.00
C GLN A 99 33.14 -11.38 -0.90
N GLN A 100 34.26 -12.05 -0.63
CA GLN A 100 34.35 -13.01 0.45
C GLN A 100 34.61 -12.28 1.76
N GLU A 101 34.56 -13.01 2.87
CA GLU A 101 34.99 -12.47 4.14
C GLU A 101 36.45 -12.01 3.97
N GLY A 102 36.76 -10.81 4.46
CA GLY A 102 38.10 -10.26 4.34
C GLY A 102 38.48 -9.75 2.94
N GLU A 103 37.53 -9.72 2.01
CA GLU A 103 37.84 -9.19 0.67
C GLU A 103 37.23 -7.80 0.54
N SER A 104 38.00 -6.87 0.01
CA SER A 104 37.48 -5.55 -0.30
C SER A 104 36.57 -5.61 -1.52
N ARG A 105 35.55 -4.76 -1.52
CA ARG A 105 34.72 -4.60 -2.68
C ARG A 105 35.57 -4.11 -3.86
N LEU A 106 36.60 -3.30 -3.59
CA LEU A 106 37.49 -2.82 -4.62
C LEU A 106 38.22 -3.94 -5.37
N ASN A 107 38.34 -5.11 -4.76
CA ASN A 107 39.02 -6.25 -5.39
C ASN A 107 38.19 -6.93 -6.48
N LEU A 108 36.93 -6.53 -6.59
CA LEU A 108 35.98 -7.11 -7.57
C LEU A 108 36.04 -6.41 -8.93
N VAL A 109 36.90 -5.41 -9.05
CA VAL A 109 36.81 -4.47 -10.16
C VAL A 109 37.07 -5.07 -11.55
N GLN A 110 38.16 -5.78 -11.75
CA GLN A 110 38.43 -6.37 -13.07
C GLN A 110 37.39 -7.45 -13.48
N ARG A 111 36.97 -8.27 -12.52
CA ARG A 111 35.93 -9.24 -12.77
C ARG A 111 34.61 -8.55 -13.19
N ASN A 112 34.19 -7.53 -12.45
CA ASN A 112 32.91 -6.94 -12.74
C ASN A 112 32.93 -5.95 -13.92
N VAL A 113 34.05 -5.28 -14.12
CA VAL A 113 34.22 -4.43 -15.29
C VAL A 113 34.07 -5.26 -16.55
N ASN A 114 34.73 -6.41 -16.61
CA ASN A 114 34.63 -7.32 -17.75
C ASN A 114 33.18 -7.77 -18.03
N ILE A 115 32.44 -8.08 -16.99
CA ILE A 115 31.02 -8.44 -17.14
C ILE A 115 30.21 -7.25 -17.69
N PHE A 116 30.49 -6.06 -17.16
CA PHE A 116 29.79 -4.85 -17.59
C PHE A 116 30.00 -4.51 -19.07
N LYS A 117 31.18 -4.85 -19.60
CA LYS A 117 31.44 -4.63 -21.03
C LYS A 117 30.49 -5.44 -21.95
N PHE A 118 29.96 -6.54 -21.43
CA PHE A 118 28.93 -7.31 -22.15
C PHE A 118 27.53 -6.82 -21.82
N ILE A 119 27.22 -6.66 -20.54
CA ILE A 119 25.88 -6.30 -20.10
C ILE A 119 25.41 -4.91 -20.57
N ILE A 120 26.25 -3.89 -20.35
CA ILE A 120 25.79 -2.52 -20.46
C ILE A 120 25.35 -2.17 -21.90
N PRO A 121 26.19 -2.48 -22.92
CA PRO A 121 25.77 -2.20 -24.32
C PRO A 121 24.45 -2.91 -24.72
N ASN A 122 24.17 -4.06 -24.11
CA ASN A 122 22.95 -4.81 -24.39
C ASN A 122 21.73 -4.21 -23.73
N VAL A 123 21.92 -3.75 -22.49
CA VAL A 123 20.89 -2.98 -21.81
C VAL A 123 20.53 -1.74 -22.62
N VAL A 124 21.56 -0.97 -22.98
CA VAL A 124 21.40 0.27 -23.76
C VAL A 124 20.73 0.04 -25.11
N LYS A 125 21.11 -1.04 -25.78
CA LYS A 125 20.50 -1.43 -27.04
C LYS A 125 18.97 -1.50 -26.96
N TYR A 126 18.44 -2.14 -25.94
CA TYR A 126 17.00 -2.36 -25.87
C TYR A 126 16.24 -1.29 -25.09
N SER A 127 16.94 -0.52 -24.24
CA SER A 127 16.30 0.52 -23.43
C SER A 127 17.18 1.75 -23.39
N PRO A 128 17.28 2.44 -24.53
CA PRO A 128 18.20 3.58 -24.57
C PRO A 128 17.73 4.78 -23.71
N ASN A 129 16.45 4.86 -23.41
CA ASN A 129 15.99 5.96 -22.58
C ASN A 129 15.84 5.60 -21.12
N CYS A 130 16.33 4.42 -20.70
CA CYS A 130 16.17 4.05 -19.29
C CYS A 130 17.07 4.87 -18.35
N LYS A 131 16.75 4.78 -17.06
CA LYS A 131 17.68 5.09 -15.98
C LYS A 131 18.34 3.77 -15.61
N LEU A 132 19.64 3.83 -15.32
CA LEU A 132 20.50 2.69 -15.08
C LEU A 132 20.82 2.84 -13.63
N LEU A 133 20.48 1.84 -12.82
CA LEU A 133 20.78 1.85 -11.40
C LEU A 133 21.78 0.73 -11.18
N ILE A 134 23.00 1.09 -10.80
CA ILE A 134 24.07 0.11 -10.66
C ILE A 134 24.11 -0.32 -9.21
N VAL A 135 24.05 -1.62 -8.95
CA VAL A 135 24.12 -2.13 -7.56
C VAL A 135 25.44 -2.90 -7.33
N SER A 136 25.99 -3.47 -8.42
CA SER A 136 27.16 -4.31 -8.40
C SER A 136 28.36 -3.53 -7.91
N ASN A 137 29.33 -4.23 -7.33
CA ASN A 137 30.41 -3.61 -6.59
C ASN A 137 31.76 -3.73 -7.29
N PRO A 138 32.66 -2.77 -7.08
CA PRO A 138 32.52 -1.57 -6.29
C PRO A 138 31.61 -0.60 -7.00
N VAL A 139 30.48 -0.30 -6.39
CA VAL A 139 29.40 0.39 -7.09
C VAL A 139 29.79 1.78 -7.61
N ASP A 140 30.71 2.44 -6.93
CA ASP A 140 31.08 3.82 -7.27
C ASP A 140 31.89 3.83 -8.57
N ILE A 141 32.85 2.92 -8.66
CA ILE A 141 33.62 2.74 -9.90
C ILE A 141 32.72 2.14 -10.98
N LEU A 142 31.90 1.15 -10.62
CA LEU A 142 31.03 0.54 -11.63
C LEU A 142 29.97 1.51 -12.19
N THR A 143 29.61 2.54 -11.41
CA THR A 143 28.70 3.56 -11.92
C THR A 143 29.39 4.47 -12.95
N TYR A 144 30.68 4.74 -12.73
CA TYR A 144 31.51 5.49 -13.66
C TYR A 144 31.71 4.68 -14.91
N VAL A 145 31.97 3.39 -14.73
CA VAL A 145 32.19 2.49 -15.84
C VAL A 145 30.92 2.38 -16.67
N ALA A 146 29.77 2.20 -16.01
CA ALA A 146 28.52 2.09 -16.75
C ALA A 146 28.26 3.38 -17.54
N TRP A 147 28.63 4.51 -16.96
CA TRP A 147 28.51 5.80 -17.62
C TRP A 147 29.33 5.87 -18.87
N LYS A 148 30.62 5.56 -18.76
CA LYS A 148 31.49 5.58 -19.95
C LYS A 148 31.06 4.54 -20.97
N ILE A 149 30.67 3.34 -20.53
CA ILE A 149 30.19 2.34 -21.50
C ILE A 149 28.87 2.73 -22.21
N SER A 150 27.85 3.09 -21.45
CA SER A 150 26.50 3.30 -22.01
C SER A 150 26.39 4.52 -22.92
N GLY A 151 27.24 5.52 -22.66
CA GLY A 151 27.14 6.83 -23.29
C GLY A 151 26.04 7.72 -22.72
N PHE A 152 25.39 7.29 -21.64
CA PHE A 152 24.24 8.03 -21.11
C PHE A 152 24.70 9.34 -20.49
N PRO A 153 23.81 10.35 -20.44
CA PRO A 153 24.19 11.53 -19.68
C PRO A 153 24.12 11.15 -18.20
N LYS A 154 24.86 11.87 -17.37
CA LYS A 154 25.18 11.36 -16.06
C LYS A 154 23.99 11.32 -15.11
N ASN A 155 22.94 12.08 -15.42
CA ASN A 155 21.68 11.99 -14.67
C ASN A 155 21.01 10.63 -14.73
N ARG A 156 21.23 9.88 -15.83
CA ARG A 156 20.61 8.56 -15.98
C ARG A 156 21.50 7.39 -15.59
N VAL A 157 22.66 7.68 -14.99
CA VAL A 157 23.48 6.62 -14.43
C VAL A 157 23.67 6.82 -12.92
N ILE A 158 23.00 5.99 -12.12
CA ILE A 158 22.87 6.17 -10.65
C ILE A 158 23.39 4.92 -9.95
N GLY A 159 24.33 5.07 -9.04
CA GLY A 159 24.83 3.93 -8.27
C GLY A 159 24.13 3.87 -6.90
N SER A 160 23.71 2.70 -6.50
CA SER A 160 23.00 2.55 -5.22
C SER A 160 23.80 3.19 -4.09
N GLY A 161 25.13 3.15 -4.18
CA GLY A 161 25.99 3.98 -3.31
C GLY A 161 25.67 3.82 -1.83
N CYS A 162 25.55 4.95 -1.12
CA CYS A 162 25.47 4.95 0.32
C CYS A 162 24.02 5.06 0.84
N ASN A 163 23.03 4.82 -0.01
CA ASN A 163 21.63 4.79 0.42
C ASN A 163 21.45 3.79 1.55
N LEU A 164 22.06 2.61 1.39
CA LEU A 164 21.99 1.54 2.38
C LEU A 164 22.88 1.84 3.60
N ASP A 165 24.06 2.38 3.34
CA ASP A 165 24.91 2.86 4.45
C ASP A 165 24.17 3.85 5.31
N SER A 166 23.47 4.78 4.67
CA SER A 166 22.73 5.78 5.44
C SER A 166 21.54 5.14 6.14
N ALA A 167 20.91 4.16 5.51
CA ALA A 167 19.80 3.45 6.14
C ALA A 167 20.28 2.70 7.38
N ARG A 168 21.50 2.16 7.30
CA ARG A 168 22.11 1.41 8.39
C ARG A 168 22.45 2.33 9.53
N PHE A 169 23.06 3.45 9.17
CA PHE A 169 23.39 4.48 10.12
C PHE A 169 22.14 4.94 10.85
N ARG A 170 21.08 5.20 10.10
CA ARG A 170 19.83 5.67 10.72
C ARG A 170 19.15 4.62 11.59
N TYR A 171 19.26 3.33 11.22
CA TYR A 171 18.75 2.26 12.07
C TYR A 171 19.47 2.27 13.43
N LEU A 172 20.81 2.26 13.41
CA LEU A 172 21.63 2.29 14.65
C LEU A 172 21.38 3.55 15.48
N MET A 173 21.24 4.69 14.82
CA MET A 173 20.95 5.94 15.47
C MET A 173 19.61 5.85 16.22
N GLY A 174 18.63 5.21 15.55
CA GLY A 174 17.31 4.92 16.11
C GLY A 174 17.30 4.02 17.34
N GLU A 175 18.16 2.99 17.35
CA GLU A 175 18.30 2.08 18.49
C GLU A 175 18.91 2.76 19.65
N ARG A 176 19.86 3.64 19.37
CA ARG A 176 20.43 4.43 20.45
C ARG A 176 19.47 5.48 21.03
N LEU A 177 18.68 6.12 20.18
CA LEU A 177 17.82 7.21 20.65
C LEU A 177 16.39 6.80 21.03
N GLY A 178 15.93 5.61 20.62
CA GLY A 178 14.53 5.19 20.86
C GLY A 178 13.51 5.86 19.94
N VAL A 179 13.89 6.09 18.70
CA VAL A 179 13.11 6.84 17.71
C VAL A 179 13.18 6.04 16.43
N HIS A 180 12.06 5.91 15.71
CA HIS A 180 12.10 5.27 14.39
C HIS A 180 13.17 5.84 13.50
N PRO A 181 13.82 5.02 12.69
CA PRO A 181 14.86 5.59 11.81
C PRO A 181 14.39 6.68 10.87
N LEU A 182 13.13 6.63 10.45
CA LEU A 182 12.50 7.71 9.63
C LEU A 182 12.64 9.13 10.23
N SER A 183 12.62 9.23 11.55
CA SER A 183 12.69 10.50 12.24
C SER A 183 14.12 10.81 12.73
N CYS A 184 15.05 9.90 12.42
CA CYS A 184 16.50 10.07 12.64
C CYS A 184 17.20 10.47 11.35
N HIS A 185 18.04 11.50 11.39
CA HIS A 185 18.65 11.99 10.16
C HIS A 185 20.12 12.05 10.32
N GLY A 186 20.82 11.70 9.25
CA GLY A 186 22.25 11.52 9.27
C GLY A 186 22.73 10.82 8.00
N TRP A 187 23.83 11.29 7.44
CA TRP A 187 24.32 10.79 6.16
C TRP A 187 25.64 10.16 6.32
N VAL A 188 25.81 9.02 5.64
CA VAL A 188 27.10 8.42 5.35
C VAL A 188 27.32 8.65 3.83
N LEU A 189 28.37 9.37 3.44
CA LEU A 189 28.64 9.76 2.07
C LEU A 189 29.96 9.14 1.57
N GLY A 190 30.30 9.39 0.31
CA GLY A 190 31.58 8.92 -0.24
C GLY A 190 31.45 7.51 -0.77
N GLU A 191 32.54 6.75 -0.67
CA GLU A 191 32.55 5.33 -1.03
C GLU A 191 31.55 4.47 -0.26
N HIS A 192 30.77 3.69 -0.99
CA HIS A 192 30.10 2.57 -0.39
C HIS A 192 31.11 1.50 -0.08
N GLY A 193 31.80 1.63 1.05
CA GLY A 193 32.93 0.76 1.38
C GLY A 193 33.74 1.30 2.55
N ASP A 194 34.96 0.84 2.70
CA ASP A 194 35.75 1.17 3.90
C ASP A 194 36.01 2.70 4.10
N SER A 195 36.00 3.49 3.02
CA SER A 195 36.35 4.91 3.13
C SER A 195 35.14 5.87 3.27
N SER A 196 33.97 5.32 3.54
CA SER A 196 32.75 6.11 3.72
C SER A 196 32.88 7.15 4.85
N VAL A 197 32.24 8.30 4.68
CA VAL A 197 32.36 9.42 5.61
C VAL A 197 31.04 9.67 6.35
N PRO A 198 31.03 9.48 7.68
CA PRO A 198 29.84 9.88 8.46
C PRO A 198 29.76 11.40 8.61
N VAL A 199 28.62 12.01 8.27
CA VAL A 199 28.48 13.48 8.38
C VAL A 199 27.87 13.86 9.76
N TRP A 200 28.74 13.95 10.76
CA TRP A 200 28.32 14.22 12.12
C TRP A 200 27.59 15.55 12.23
N SER A 201 28.01 16.52 11.41
CA SER A 201 27.47 17.88 11.43
C SER A 201 26.02 17.98 10.98
N GLY A 202 25.51 16.96 10.30
CA GLY A 202 24.14 16.98 9.76
C GLY A 202 23.19 16.11 10.54
N MET A 203 23.72 15.35 11.52
CA MET A 203 22.90 14.40 12.27
C MET A 203 21.92 15.12 13.15
N ASN A 204 20.67 14.73 13.07
CA ASN A 204 19.65 15.42 13.83
C ASN A 204 18.34 14.66 13.97
N VAL A 205 17.57 15.05 14.98
CA VAL A 205 16.22 14.60 15.17
C VAL A 205 15.40 15.89 15.31
N ALA A 206 14.27 15.97 14.62
CA ALA A 206 13.41 17.15 14.65
C ALA A 206 14.14 18.49 14.44
N GLY A 207 15.19 18.50 13.61
CA GLY A 207 15.98 19.71 13.38
C GLY A 207 17.03 20.01 14.45
N VAL A 208 16.98 19.30 15.58
CA VAL A 208 17.92 19.55 16.66
C VAL A 208 19.25 18.88 16.38
N SER A 209 20.30 19.66 16.17
CA SER A 209 21.63 19.12 15.83
C SER A 209 22.19 18.33 17.03
N LEU A 210 22.56 17.06 16.80
CA LEU A 210 23.09 16.18 17.84
C LEU A 210 24.49 16.64 18.27
N LYS A 211 25.29 17.08 17.31
CA LYS A 211 26.59 17.69 17.61
C LYS A 211 26.42 18.95 18.46
N THR A 212 25.39 19.75 18.18
CA THR A 212 25.09 20.89 19.01
C THR A 212 24.82 20.44 20.45
N LEU A 213 24.09 19.35 20.66
CA LEU A 213 23.82 18.90 22.03
C LEU A 213 24.99 18.15 22.68
N HIS A 214 25.89 17.61 21.86
CA HIS A 214 26.92 16.67 22.31
C HIS A 214 28.10 16.90 21.43
N PRO A 215 28.93 17.91 21.77
CA PRO A 215 29.99 18.36 20.86
C PRO A 215 31.12 17.34 20.62
N ASP A 216 31.24 16.35 21.50
CA ASP A 216 32.26 15.33 21.31
C ASP A 216 31.85 14.32 20.23
N LEU A 217 30.58 14.36 19.81
CA LEU A 217 30.02 13.46 18.78
C LEU A 217 30.97 13.39 17.61
N GLY A 218 31.45 12.19 17.31
CA GLY A 218 32.34 11.96 16.17
C GLY A 218 33.83 12.01 16.46
N THR A 219 34.20 12.28 17.71
CA THR A 219 35.59 12.32 18.10
C THR A 219 35.94 11.03 18.81
N ASP A 220 37.22 10.80 19.01
CA ASP A 220 37.66 9.63 19.73
C ASP A 220 37.43 9.82 21.23
N LYS A 221 37.48 11.06 21.71
CA LYS A 221 37.22 11.33 23.13
C LYS A 221 35.79 10.89 23.56
N ASP A 222 34.78 11.17 22.72
CA ASP A 222 33.36 10.79 22.97
C ASP A 222 33.12 9.61 23.91
N LYS A 223 32.62 9.88 25.11
CA LYS A 223 32.30 8.86 26.11
C LYS A 223 31.14 7.92 25.73
N GLU A 224 30.28 8.34 24.79
CA GLU A 224 29.23 7.46 24.24
C GLU A 224 29.71 6.69 23.00
N GLN A 225 30.91 7.05 22.51
CA GLN A 225 31.57 6.30 21.43
C GLN A 225 30.75 6.25 20.13
N TRP A 226 30.09 7.34 19.77
CA TRP A 226 29.30 7.39 18.51
C TRP A 226 30.07 7.04 17.27
N LYS A 227 31.38 7.20 17.31
CA LYS A 227 32.21 6.87 16.18
C LYS A 227 32.05 5.37 15.85
N GLU A 228 31.73 4.56 16.88
CA GLU A 228 31.51 3.13 16.71
C GLU A 228 30.25 2.80 15.90
N VAL A 229 29.26 3.69 15.90
CA VAL A 229 28.13 3.52 15.01
C VAL A 229 28.53 3.56 13.51
N HIS A 230 29.48 4.43 13.14
CA HIS A 230 29.99 4.43 11.76
C HIS A 230 30.85 3.23 11.46
N LYS A 231 31.65 2.79 12.43
CA LYS A 231 32.43 1.56 12.27
C LYS A 231 31.50 0.37 11.97
N GLN A 232 30.37 0.28 12.68
CA GLN A 232 29.40 -0.76 12.45
C GLN A 232 28.82 -0.66 11.05
N VAL A 233 28.63 0.56 10.54
CA VAL A 233 28.12 0.73 9.18
C VAL A 233 29.16 0.24 8.16
N VAL A 234 30.42 0.61 8.35
CA VAL A 234 31.49 0.13 7.49
C VAL A 234 31.51 -1.41 7.52
N GLU A 235 31.37 -2.01 8.71
CA GLU A 235 31.55 -3.44 8.91
C GLU A 235 30.32 -4.33 8.68
N SER A 236 29.17 -3.72 8.51
CA SER A 236 27.90 -4.43 8.36
C SER A 236 27.91 -5.56 7.31
N ALA A 237 28.35 -5.22 6.10
CA ALA A 237 28.26 -6.19 5.01
C ALA A 237 29.09 -7.41 5.40
N TYR A 238 30.25 -7.16 6.00
CA TYR A 238 31.11 -8.23 6.48
C TYR A 238 30.54 -9.02 7.66
N GLU A 239 29.99 -8.34 8.65
CA GLU A 239 29.35 -9.04 9.78
C GLU A 239 28.22 -9.95 9.24
N VAL A 240 27.45 -9.46 8.27
CA VAL A 240 26.33 -10.23 7.73
C VAL A 240 26.79 -11.38 6.84
N ILE A 241 27.72 -11.10 5.93
CA ILE A 241 28.36 -12.15 5.13
C ILE A 241 28.95 -13.21 6.06
N LYS A 242 29.68 -12.79 7.09
CA LYS A 242 30.21 -13.77 8.07
C LYS A 242 29.09 -14.64 8.64
N LEU A 243 27.90 -14.07 8.87
CA LEU A 243 26.83 -14.80 9.57
C LEU A 243 25.95 -15.64 8.65
N LYS A 244 25.57 -15.12 7.49
CA LYS A 244 24.71 -15.88 6.55
C LYS A 244 25.33 -16.10 5.18
N GLY A 245 26.55 -15.61 4.93
CA GLY A 245 27.25 -15.93 3.69
C GLY A 245 27.07 -14.89 2.59
N TYR A 246 26.08 -14.02 2.79
CA TYR A 246 25.75 -12.99 1.84
C TYR A 246 24.78 -12.00 2.46
N THR A 247 24.61 -10.85 1.80
CA THR A 247 23.53 -9.93 2.14
C THR A 247 22.56 -9.83 0.96
N SER A 248 21.31 -9.50 1.28
CA SER A 248 20.23 -9.53 0.28
C SER A 248 19.09 -8.58 0.59
N TRP A 249 18.48 -8.73 1.77
CA TRP A 249 17.24 -8.02 2.07
C TRP A 249 17.37 -6.52 2.17
N ALA A 250 18.33 -6.03 2.96
CA ALA A 250 18.48 -4.57 3.10
C ALA A 250 18.80 -3.89 1.75
N ILE A 251 19.74 -4.44 1.02
CA ILE A 251 20.13 -3.85 -0.26
C ILE A 251 18.94 -3.89 -1.24
N GLY A 252 18.12 -4.93 -1.15
CA GLY A 252 16.94 -5.03 -2.00
C GLY A 252 15.95 -3.94 -1.67
N LEU A 253 15.69 -3.77 -0.38
CA LEU A 253 14.84 -2.70 0.08
C LEU A 253 15.41 -1.34 -0.29
N SER A 254 16.68 -1.10 -0.05
CA SER A 254 17.35 0.15 -0.45
C SER A 254 17.23 0.43 -1.95
N VAL A 255 17.32 -0.58 -2.77
CA VAL A 255 17.16 -0.40 -4.19
C VAL A 255 15.67 -0.15 -4.57
N ALA A 256 14.74 -0.75 -3.83
CA ALA A 256 13.31 -0.50 -4.12
C ALA A 256 12.98 0.94 -3.76
N ASP A 257 13.54 1.40 -2.64
CA ASP A 257 13.40 2.78 -2.16
C ASP A 257 13.81 3.76 -3.25
N LEU A 258 14.97 3.51 -3.85
CA LEU A 258 15.47 4.33 -4.95
C LEU A 258 14.60 4.23 -6.23
N ALA A 259 14.21 3.00 -6.58
CA ALA A 259 13.27 2.74 -7.69
C ALA A 259 11.98 3.54 -7.53
N GLU A 260 11.42 3.54 -6.31
CA GLU A 260 10.18 4.28 -6.03
C GLU A 260 10.33 5.77 -6.33
N SER A 261 11.43 6.38 -5.89
CA SER A 261 11.68 7.80 -6.16
C SER A 261 11.89 8.10 -7.63
N ILE A 262 12.53 7.19 -8.37
CA ILE A 262 12.69 7.34 -9.80
C ILE A 262 11.33 7.11 -10.54
N MET A 263 10.63 6.02 -10.26
CA MET A 263 9.45 5.68 -11.11
C MET A 263 8.33 6.68 -10.93
N LYS A 264 8.12 7.10 -9.69
CA LYS A 264 7.03 8.01 -9.33
C LYS A 264 7.49 9.48 -9.36
N ASN A 265 8.70 9.73 -9.83
CA ASN A 265 9.23 11.10 -9.98
C ASN A 265 9.11 11.96 -8.72
N LEU A 266 9.47 11.37 -7.58
CA LEU A 266 9.22 12.03 -6.29
C LEU A 266 10.11 13.23 -5.99
N ARG A 267 11.33 13.23 -6.51
CA ARG A 267 12.32 14.25 -6.15
C ARG A 267 12.61 14.19 -4.66
N ARG A 268 12.73 12.96 -4.14
CA ARG A 268 13.29 12.73 -2.83
C ARG A 268 14.81 12.83 -2.91
N VAL A 269 15.42 13.12 -1.78
CA VAL A 269 16.87 13.19 -1.67
C VAL A 269 17.42 11.85 -1.19
N HIS A 270 18.38 11.30 -1.93
CA HIS A 270 19.03 10.04 -1.55
C HIS A 270 20.52 10.14 -1.74
N PRO A 271 21.31 9.47 -0.90
CA PRO A 271 22.74 9.53 -1.11
C PRO A 271 23.16 8.41 -2.06
N VAL A 272 23.43 8.79 -3.31
CA VAL A 272 23.66 7.83 -4.36
C VAL A 272 24.93 8.21 -5.09
N SER A 273 25.52 7.23 -5.80
CA SER A 273 26.76 7.45 -6.52
C SER A 273 26.52 8.27 -7.76
N THR A 274 27.20 9.41 -7.84
CA THR A 274 27.21 10.26 -9.05
C THR A 274 28.56 10.94 -9.16
N MET A 275 28.82 11.65 -10.27
CA MET A 275 30.08 12.40 -10.41
C MET A 275 30.13 13.64 -9.55
N ILE A 276 31.23 13.80 -8.81
CA ILE A 276 31.41 14.98 -7.94
C ILE A 276 32.59 15.88 -8.30
N LYS A 277 33.23 15.68 -9.45
CA LYS A 277 34.20 16.64 -9.95
C LYS A 277 33.68 18.07 -9.79
N GLY A 278 34.51 18.98 -9.30
CA GLY A 278 34.09 20.37 -9.08
C GLY A 278 33.73 20.67 -7.63
N LEU A 279 33.35 19.65 -6.86
CA LEU A 279 32.93 19.86 -5.48
C LEU A 279 34.00 19.41 -4.52
N TYR A 280 34.11 20.09 -3.39
CA TYR A 280 34.95 19.66 -2.29
C TYR A 280 36.41 19.48 -2.70
N GLY A 281 36.81 20.23 -3.72
CA GLY A 281 38.20 20.24 -4.15
C GLY A 281 38.62 19.06 -4.98
N ILE A 282 37.67 18.25 -5.43
CA ILE A 282 37.97 17.09 -6.26
C ILE A 282 38.02 17.53 -7.73
N LYS A 283 39.12 17.25 -8.43
CA LYS A 283 39.34 17.73 -9.81
C LYS A 283 39.23 16.63 -10.87
N ASP A 284 39.00 15.39 -10.44
CA ASP A 284 38.94 14.22 -11.34
C ASP A 284 37.51 13.65 -11.48
N ASP A 285 37.28 12.86 -12.54
CA ASP A 285 35.96 12.23 -12.79
C ASP A 285 35.67 11.08 -11.80
N VAL A 286 35.74 11.37 -10.50
CA VAL A 286 35.37 10.37 -9.49
C VAL A 286 33.86 10.35 -9.30
N PHE A 287 33.29 9.15 -9.20
CA PHE A 287 31.92 8.99 -8.72
C PHE A 287 31.97 8.53 -7.25
N LEU A 288 31.09 9.09 -6.43
CA LEU A 288 30.87 8.62 -5.08
C LEU A 288 29.55 9.21 -4.66
N SER A 289 29.10 8.87 -3.46
CA SER A 289 27.78 9.27 -2.97
C SER A 289 27.75 10.66 -2.30
N VAL A 290 26.83 11.50 -2.75
CA VAL A 290 26.46 12.73 -2.09
C VAL A 290 24.95 12.73 -2.15
N PRO A 291 24.28 13.59 -1.35
CA PRO A 291 22.82 13.53 -1.44
C PRO A 291 22.34 14.10 -2.76
N CYS A 292 21.51 13.33 -3.47
CA CYS A 292 20.96 13.74 -4.77
C CYS A 292 19.45 13.70 -4.78
N ILE A 293 18.88 14.56 -5.64
CA ILE A 293 17.46 14.67 -5.87
C ILE A 293 17.10 13.65 -6.95
N LEU A 294 16.32 12.64 -6.56
CA LEU A 294 15.98 11.52 -7.46
C LEU A 294 14.56 11.56 -8.04
N GLY A 295 14.45 11.47 -9.36
CA GLY A 295 13.15 11.41 -10.03
C GLY A 295 13.25 10.84 -11.42
N GLN A 296 12.28 11.18 -12.27
CA GLN A 296 12.07 10.47 -13.51
C GLN A 296 13.15 10.70 -14.57
N ASN A 297 14.01 11.69 -14.37
CA ASN A 297 15.20 11.81 -15.17
C ASN A 297 16.47 11.35 -14.45
N GLY A 298 16.28 10.60 -13.36
CA GLY A 298 17.38 10.11 -12.54
C GLY A 298 17.80 11.20 -11.57
N ILE A 299 19.10 11.48 -11.49
CA ILE A 299 19.61 12.55 -10.65
C ILE A 299 19.46 13.89 -11.38
N SER A 300 18.44 14.65 -11.03
CA SER A 300 18.29 15.98 -11.64
C SER A 300 19.21 17.03 -10.98
N ASP A 301 19.46 16.87 -9.68
CA ASP A 301 20.18 17.84 -8.87
C ASP A 301 20.99 17.15 -7.77
N LEU A 302 22.00 17.87 -7.26
CA LEU A 302 22.84 17.48 -6.12
C LEU A 302 22.63 18.47 -5.00
N VAL A 303 22.52 17.98 -3.77
CA VAL A 303 22.61 18.87 -2.62
C VAL A 303 24.09 19.05 -2.25
N LYS A 304 24.53 20.30 -2.15
CA LYS A 304 25.94 20.60 -1.81
C LYS A 304 26.06 20.70 -0.30
N VAL A 305 26.14 19.54 0.33
CA VAL A 305 26.20 19.45 1.79
C VAL A 305 27.40 20.23 2.29
N THR A 306 27.22 20.91 3.41
CA THR A 306 28.29 21.65 4.04
C THR A 306 28.95 20.69 5.02
N LEU A 307 30.27 20.61 4.95
CA LEU A 307 31.06 19.70 5.74
C LEU A 307 32.06 20.50 6.57
N THR A 308 32.30 20.05 7.80
CA THR A 308 33.45 20.54 8.57
C THR A 308 34.70 20.18 7.78
N SER A 309 35.82 20.80 8.11
CA SER A 309 37.09 20.52 7.44
C SER A 309 37.56 19.05 7.60
N GLU A 310 37.31 18.46 8.75
N GLU A 310 37.31 18.43 8.74
CA GLU A 310 37.61 17.05 9.00
CA GLU A 310 37.67 17.01 8.92
C GLU A 310 36.72 16.17 8.12
C GLU A 310 36.71 16.09 8.18
N GLU A 311 35.42 16.46 8.11
CA GLU A 311 34.48 15.74 7.23
C GLU A 311 34.87 15.91 5.75
N GLU A 312 35.23 17.12 5.33
CA GLU A 312 35.65 17.35 3.92
C GLU A 312 36.99 16.66 3.56
N ALA A 313 37.91 16.57 4.52
CA ALA A 313 39.17 15.90 4.28
C ALA A 313 38.95 14.38 4.11
N ARG A 314 38.02 13.81 4.86
CA ARG A 314 37.68 12.40 4.72
C ARG A 314 37.00 12.09 3.37
N LEU A 315 36.03 12.91 2.99
CA LEU A 315 35.45 12.76 1.66
C LEU A 315 36.55 12.81 0.58
N LYS A 316 37.46 13.76 0.67
CA LYS A 316 38.51 13.92 -0.33
C LYS A 316 39.43 12.70 -0.36
N LYS A 317 39.63 12.07 0.80
CA LYS A 317 40.46 10.86 0.91
C LYS A 317 39.72 9.68 0.29
N SER A 318 38.41 9.63 0.52
CA SER A 318 37.55 8.64 -0.17
C SER A 318 37.61 8.79 -1.71
N ALA A 319 37.55 10.04 -2.18
CA ALA A 319 37.68 10.34 -3.60
C ALA A 319 39.04 9.91 -4.13
N ASP A 320 40.11 10.29 -3.44
CA ASP A 320 41.48 9.88 -3.81
C ASP A 320 41.66 8.36 -3.91
N THR A 321 41.14 7.63 -2.93
CA THR A 321 41.15 6.16 -2.94
C THR A 321 40.41 5.62 -4.16
N LEU A 322 39.19 6.10 -4.40
CA LEU A 322 38.42 5.65 -5.55
C LEU A 322 39.13 6.00 -6.85
N TRP A 323 39.70 7.20 -6.95
CA TRP A 323 40.42 7.60 -8.17
C TRP A 323 41.61 6.73 -8.45
N GLY A 324 42.29 6.26 -7.39
CA GLY A 324 43.41 5.34 -7.54
C GLY A 324 42.99 4.04 -8.21
N ILE A 325 41.91 3.44 -7.73
CA ILE A 325 41.40 2.18 -8.29
C ILE A 325 40.93 2.41 -9.73
N GLN A 326 40.30 3.55 -9.97
CA GLN A 326 39.90 3.97 -11.32
C GLN A 326 41.04 4.02 -12.34
N LYS A 327 42.28 4.19 -11.88
CA LYS A 327 43.42 4.14 -12.79
C LYS A 327 43.61 2.75 -13.41
N GLU A 328 43.14 1.71 -12.72
CA GLU A 328 43.21 0.34 -13.23
C GLU A 328 42.26 0.01 -14.40
N LEU A 329 41.37 0.94 -14.76
CA LEU A 329 40.33 0.68 -15.74
C LEU A 329 40.80 0.65 -17.20
N GLN A 330 40.43 -0.45 -17.89
CA GLN A 330 40.68 -0.68 -19.32
C GLN A 330 39.38 -1.20 -19.97
N PHE A 331 38.83 -0.41 -20.91
CA PHE A 331 37.67 -0.83 -21.72
C PHE A 331 37.67 -0.13 -23.09
N ALA B 1 24.82 15.21 31.21
CA ALA B 1 23.79 14.19 30.86
C ALA B 1 24.08 13.58 29.49
N THR B 2 23.48 12.41 29.23
CA THR B 2 23.66 11.74 27.97
C THR B 2 23.02 12.54 26.83
N LEU B 3 23.34 12.16 25.60
CA LEU B 3 22.79 12.83 24.43
C LEU B 3 21.28 12.50 24.31
N LYS B 4 20.93 11.23 24.49
CA LYS B 4 19.53 10.81 24.59
C LYS B 4 18.70 11.68 25.53
N ASP B 5 19.16 11.82 26.77
CA ASP B 5 18.46 12.62 27.79
C ASP B 5 18.45 14.14 27.52
N GLN B 6 19.54 14.68 26.96
CA GLN B 6 19.54 16.10 26.55
C GLN B 6 18.48 16.32 25.48
N LEU B 7 18.36 15.37 24.56
CA LEU B 7 17.46 15.46 23.41
C LEU B 7 16.00 15.12 23.72
N ILE B 8 15.80 14.12 24.55
CA ILE B 8 14.49 13.51 24.71
C ILE B 8 14.06 13.52 26.15
N TYR B 9 12.87 14.07 26.41
CA TYR B 9 12.27 14.01 27.74
C TYR B 9 11.24 12.91 27.74
N ASN B 10 11.35 12.00 28.71
CA ASN B 10 10.52 10.80 28.73
C ASN B 10 9.34 10.94 29.66
N LEU B 11 8.13 10.63 29.17
CA LEU B 11 6.93 10.56 29.99
C LEU B 11 6.66 9.13 30.44
N LEU B 12 6.87 8.17 29.55
CA LEU B 12 6.47 6.78 29.81
C LEU B 12 7.62 5.81 29.85
N LYS B 13 7.78 5.13 30.98
CA LYS B 13 8.71 4.01 31.10
C LYS B 13 8.13 2.73 30.46
N GLU B 14 6.86 2.44 30.73
CA GLU B 14 6.19 1.21 30.21
C GLU B 14 6.42 0.97 28.72
N THR B 17 3.68 -4.10 25.27
CA THR B 17 3.52 -5.42 24.66
C THR B 17 2.90 -5.38 23.26
N PRO B 18 3.51 -6.10 22.28
CA PRO B 18 3.09 -5.95 20.88
C PRO B 18 1.62 -6.27 20.69
N GLN B 19 0.96 -5.51 19.81
CA GLN B 19 -0.47 -5.66 19.54
C GLN B 19 -0.71 -6.59 18.36
N ASN B 20 0.24 -6.67 17.45
CA ASN B 20 0.04 -7.38 16.17
C ASN B 20 1.31 -8.11 15.76
N LYS B 21 1.78 -8.96 16.66
CA LYS B 21 3.05 -9.68 16.46
C LYS B 21 2.89 -10.96 15.65
N ILE B 22 3.80 -11.14 14.72
CA ILE B 22 3.92 -12.37 13.95
C ILE B 22 5.30 -13.02 14.17
N THR B 23 5.32 -14.36 14.24
CA THR B 23 6.54 -15.14 14.37
C THR B 23 6.66 -16.07 13.16
N VAL B 24 7.84 -16.14 12.57
CA VAL B 24 8.13 -17.14 11.53
C VAL B 24 9.20 -18.05 12.09
N VAL B 25 8.88 -19.35 12.11
CA VAL B 25 9.82 -20.35 12.63
C VAL B 25 10.40 -20.96 11.40
N GLY B 26 11.73 -20.89 11.30
CA GLY B 26 12.45 -21.38 10.13
C GLY B 26 12.90 -20.22 9.28
N VAL B 27 14.22 -20.06 9.13
CA VAL B 27 14.76 -19.02 8.26
C VAL B 27 15.44 -19.56 7.00
N GLY B 28 14.83 -20.62 6.45
CA GLY B 28 15.17 -21.10 5.11
C GLY B 28 14.52 -20.19 4.08
N ALA B 29 14.73 -20.47 2.80
CA ALA B 29 14.23 -19.62 1.72
C ALA B 29 12.74 -19.34 1.96
N VAL B 30 11.98 -20.37 2.31
CA VAL B 30 10.52 -20.22 2.52
C VAL B 30 10.18 -19.28 3.67
N GLY B 31 10.86 -19.42 4.78
CA GLY B 31 10.53 -18.63 5.98
C GLY B 31 10.93 -17.17 5.84
N MET B 32 12.02 -16.92 5.12
CA MET B 32 12.43 -15.54 4.87
C MET B 32 11.56 -14.91 3.77
N ALA B 33 11.06 -15.70 2.82
CA ALA B 33 10.09 -15.14 1.86
C ALA B 33 8.77 -14.80 2.59
N CYS B 34 8.32 -15.69 3.49
CA CYS B 34 7.22 -15.33 4.40
C CYS B 34 7.48 -14.02 5.13
N ALA B 35 8.67 -13.91 5.75
CA ALA B 35 9.04 -12.71 6.51
C ALA B 35 9.01 -11.42 5.67
N ILE B 36 9.76 -11.39 4.56
CA ILE B 36 9.82 -10.19 3.75
C ILE B 36 8.43 -9.79 3.25
N SER B 37 7.63 -10.76 2.80
CA SER B 37 6.32 -10.45 2.25
C SER B 37 5.46 -9.82 3.34
N ILE B 38 5.47 -10.42 4.51
CA ILE B 38 4.75 -9.84 5.64
C ILE B 38 5.28 -8.45 6.06
N LEU B 39 6.59 -8.28 6.11
CA LEU B 39 7.12 -6.96 6.42
C LEU B 39 6.66 -5.94 5.37
N MET B 40 6.60 -6.33 4.10
CA MET B 40 6.18 -5.37 3.09
C MET B 40 4.68 -5.16 2.94
N LYS B 41 3.87 -5.99 3.59
CA LYS B 41 2.42 -5.77 3.58
C LYS B 41 1.96 -5.06 4.83
N ASP B 42 2.91 -4.62 5.65
CA ASP B 42 2.64 -3.97 6.95
C ASP B 42 1.67 -4.71 7.90
N LEU B 43 1.74 -6.03 7.96
CA LEU B 43 0.75 -6.75 8.77
C LEU B 43 1.10 -6.87 10.24
N ALA B 44 2.31 -6.48 10.62
CA ALA B 44 2.82 -6.79 11.97
C ALA B 44 3.41 -5.56 12.66
N ASP B 45 3.28 -5.46 13.99
CA ASP B 45 4.02 -4.41 14.67
C ASP B 45 5.34 -4.93 15.25
N GLU B 46 5.52 -6.24 15.18
CA GLU B 46 6.76 -6.88 15.58
C GLU B 46 6.87 -8.20 14.81
N LEU B 47 8.07 -8.49 14.32
CA LEU B 47 8.34 -9.74 13.68
C LEU B 47 9.37 -10.49 14.51
N ALA B 48 9.03 -11.71 14.89
CA ALA B 48 9.98 -12.61 15.55
C ALA B 48 10.40 -13.75 14.60
N LEU B 49 11.71 -14.05 14.54
CA LEU B 49 12.21 -15.17 13.73
C LEU B 49 12.86 -16.19 14.65
N VAL B 50 12.70 -17.48 14.36
CA VAL B 50 13.36 -18.54 15.14
C VAL B 50 13.91 -19.62 14.26
N ASP B 51 15.04 -20.18 14.67
CA ASP B 51 15.66 -21.32 13.98
C ASP B 51 16.67 -21.97 14.92
N VAL B 52 17.28 -23.09 14.51
CA VAL B 52 18.32 -23.75 15.32
C VAL B 52 19.78 -23.37 14.97
N ILE B 53 20.01 -22.85 13.77
CA ILE B 53 21.34 -22.43 13.29
C ILE B 53 21.59 -20.93 13.65
N GLU B 54 22.40 -20.68 14.68
CA GLU B 54 22.48 -19.35 15.29
C GLU B 54 23.09 -18.26 14.38
N ASP B 55 24.16 -18.58 13.65
N ASP B 55 24.16 -18.58 13.65
CA ASP B 55 24.78 -17.59 12.79
CA ASP B 55 24.78 -17.59 12.78
C ASP B 55 23.82 -17.15 11.67
C ASP B 55 23.82 -17.15 11.67
N LYS B 56 23.21 -18.11 10.98
CA LYS B 56 22.29 -17.80 9.87
C LYS B 56 21.10 -16.98 10.35
N LEU B 57 20.58 -17.36 11.52
CA LEU B 57 19.47 -16.69 12.13
C LEU B 57 19.80 -15.21 12.40
N LYS B 58 20.91 -14.98 13.08
CA LYS B 58 21.32 -13.64 13.44
C LYS B 58 21.53 -12.86 12.18
N GLY B 59 22.16 -13.50 11.19
CA GLY B 59 22.47 -12.82 9.94
C GLY B 59 21.18 -12.34 9.29
N GLU B 60 20.18 -13.24 9.20
CA GLU B 60 18.87 -12.92 8.61
C GLU B 60 18.20 -11.74 9.33
N MET B 61 18.09 -11.84 10.66
CA MET B 61 17.54 -10.76 11.48
C MET B 61 18.20 -9.43 11.19
N MET B 62 19.53 -9.36 11.33
CA MET B 62 20.30 -8.15 11.00
C MET B 62 20.07 -7.61 9.56
N ASP B 63 20.00 -8.49 8.57
CA ASP B 63 19.81 -8.02 7.18
C ASP B 63 18.46 -7.28 7.06
N LEU B 64 17.42 -7.87 7.66
CA LEU B 64 16.09 -7.27 7.73
C LEU B 64 16.13 -5.96 8.50
N GLN B 65 16.74 -6.00 9.69
CA GLN B 65 16.82 -4.83 10.52
C GLN B 65 17.44 -3.64 9.80
N HIS B 66 18.47 -3.89 8.99
CA HIS B 66 19.16 -2.79 8.32
C HIS B 66 18.29 -2.12 7.28
N GLY B 67 17.19 -2.74 6.90
CA GLY B 67 16.25 -2.11 5.96
C GLY B 67 15.04 -1.45 6.64
N SER B 68 15.05 -1.37 7.98
CA SER B 68 13.97 -0.78 8.79
C SER B 68 13.52 0.64 8.39
N LEU B 69 14.43 1.46 7.89
CA LEU B 69 14.07 2.79 7.37
C LEU B 69 12.98 2.70 6.33
N PHE B 70 12.92 1.59 5.61
CA PHE B 70 12.02 1.44 4.48
C PHE B 70 10.79 0.61 4.81
N LEU B 71 10.62 0.24 6.08
CA LEU B 71 9.51 -0.59 6.51
C LEU B 71 8.71 0.11 7.62
N ARG B 72 7.60 -0.51 8.04
CA ARG B 72 6.75 0.08 9.04
C ARG B 72 6.48 -0.94 10.15
N THR B 73 7.52 -1.68 10.49
CA THR B 73 7.49 -2.73 11.47
C THR B 73 8.69 -2.41 12.37
N PRO B 74 8.41 -1.85 13.55
CA PRO B 74 9.45 -1.19 14.33
C PRO B 74 10.34 -2.13 15.13
N LYS B 75 9.91 -3.37 15.34
CA LYS B 75 10.68 -4.35 16.10
C LYS B 75 10.80 -5.66 15.35
N ILE B 76 12.05 -6.03 15.06
CA ILE B 76 12.41 -7.30 14.46
C ILE B 76 13.34 -7.99 15.45
N VAL B 77 13.02 -9.23 15.83
CA VAL B 77 13.82 -9.98 16.80
C VAL B 77 13.99 -11.42 16.30
N SER B 78 15.10 -12.05 16.71
CA SER B 78 15.33 -13.45 16.45
C SER B 78 15.91 -14.10 17.70
N GLY B 79 15.93 -15.45 17.69
CA GLY B 79 16.40 -16.24 18.82
C GLY B 79 16.23 -17.74 18.61
N LYS B 80 17.22 -18.52 19.04
CA LYS B 80 17.04 -19.96 19.22
C LYS B 80 15.97 -20.20 20.31
N ASP B 81 15.96 -19.34 21.31
CA ASP B 81 15.04 -19.45 22.42
C ASP B 81 13.70 -18.88 22.00
N TYR B 82 12.63 -19.62 22.30
CA TYR B 82 11.28 -19.22 21.89
C TYR B 82 10.68 -18.09 22.73
N ASN B 83 11.35 -17.68 23.80
CA ASN B 83 10.90 -16.48 24.51
C ASN B 83 10.83 -15.22 23.59
N VAL B 84 11.63 -15.17 22.52
CA VAL B 84 11.53 -14.05 21.53
C VAL B 84 10.17 -13.99 20.82
N THR B 85 9.43 -15.11 20.79
CA THR B 85 8.13 -15.21 20.08
C THR B 85 6.90 -14.92 20.93
N ALA B 86 7.09 -14.59 22.22
CA ALA B 86 5.96 -14.41 23.15
C ALA B 86 4.90 -13.44 22.63
N ASN B 87 3.64 -13.78 22.94
CA ASN B 87 2.50 -12.93 22.63
C ASN B 87 2.28 -12.74 21.10
N SER B 88 2.66 -13.72 20.29
CA SER B 88 2.41 -13.62 18.85
C SER B 88 0.91 -13.82 18.58
N LYS B 89 0.37 -13.10 17.58
CA LYS B 89 -1.01 -13.32 17.15
C LYS B 89 -1.05 -14.50 16.23
N LEU B 90 0.05 -14.66 15.50
CA LEU B 90 0.11 -15.58 14.41
C LEU B 90 1.54 -16.12 14.36
N VAL B 91 1.69 -17.44 14.31
CA VAL B 91 3.01 -18.10 14.31
C VAL B 91 3.00 -19.03 13.11
N ILE B 92 3.91 -18.80 12.17
CA ILE B 92 3.92 -19.49 10.89
C ILE B 92 5.09 -20.50 10.96
N ILE B 93 4.78 -21.78 10.83
CA ILE B 93 5.81 -22.83 10.90
C ILE B 93 6.29 -23.19 9.49
N THR B 94 7.55 -22.93 9.20
CA THR B 94 8.16 -23.28 7.91
C THR B 94 9.38 -24.18 8.11
N ALA B 95 9.57 -24.70 9.32
CA ALA B 95 10.75 -25.52 9.64
C ALA B 95 10.60 -26.93 9.05
N GLY B 96 11.71 -27.58 8.70
CA GLY B 96 11.63 -28.97 8.33
C GLY B 96 12.46 -29.42 7.16
N ALA B 97 12.39 -30.72 6.88
CA ALA B 97 12.97 -31.30 5.71
C ALA B 97 12.07 -31.01 4.52
N ARG B 98 12.69 -30.83 3.37
CA ARG B 98 11.97 -30.63 2.12
C ARG B 98 12.30 -31.75 1.14
N GLN B 99 11.37 -32.03 0.24
CA GLN B 99 11.51 -33.17 -0.63
C GLN B 99 12.62 -32.92 -1.68
N GLN B 100 13.28 -34.00 -2.06
CA GLN B 100 14.15 -33.98 -3.22
C GLN B 100 13.31 -34.16 -4.46
N GLU B 101 13.91 -33.85 -5.58
CA GLU B 101 13.35 -34.14 -6.89
C GLU B 101 12.86 -35.59 -6.97
N GLY B 102 11.60 -35.75 -7.33
CA GLY B 102 11.03 -37.10 -7.41
C GLY B 102 10.59 -37.69 -6.07
N GLU B 103 10.74 -36.95 -4.98
CA GLU B 103 10.26 -37.41 -3.68
C GLU B 103 8.97 -36.70 -3.35
N SER B 104 7.94 -37.46 -3.06
CA SER B 104 6.69 -36.92 -2.59
C SER B 104 6.88 -36.21 -1.23
N ARG B 105 6.18 -35.09 -1.04
CA ARG B 105 6.06 -34.41 0.26
C ARG B 105 5.62 -35.36 1.38
N LEU B 106 4.85 -36.39 1.03
CA LEU B 106 4.32 -37.35 1.99
C LEU B 106 5.42 -38.13 2.68
N ASN B 107 6.58 -38.22 2.03
CA ASN B 107 7.69 -39.01 2.53
C ASN B 107 8.48 -38.24 3.60
N LEU B 108 8.09 -36.98 3.83
CA LEU B 108 8.75 -36.10 4.80
C LEU B 108 8.07 -36.19 6.17
N VAL B 109 7.03 -37.01 6.26
CA VAL B 109 6.11 -36.95 7.38
C VAL B 109 6.79 -37.21 8.74
N GLN B 110 7.53 -38.29 8.88
CA GLN B 110 8.06 -38.61 10.22
C GLN B 110 9.25 -37.71 10.59
N ARG B 111 10.02 -37.28 9.60
CA ARG B 111 11.12 -36.34 9.87
C ARG B 111 10.59 -35.02 10.42
N ASN B 112 9.49 -34.55 9.85
CA ASN B 112 8.91 -33.26 10.21
C ASN B 112 7.95 -33.38 11.39
N VAL B 113 7.43 -34.58 11.65
CA VAL B 113 6.64 -34.82 12.88
C VAL B 113 7.59 -34.75 14.07
N ASN B 114 8.75 -35.39 13.93
CA ASN B 114 9.79 -35.29 14.96
C ASN B 114 10.11 -33.87 15.35
N ILE B 115 10.39 -33.05 14.34
CA ILE B 115 10.70 -31.65 14.50
C ILE B 115 9.53 -30.90 15.17
N PHE B 116 8.30 -31.28 14.87
CA PHE B 116 7.13 -30.58 15.40
C PHE B 116 6.94 -30.88 16.90
N LYS B 117 7.36 -32.06 17.33
CA LYS B 117 7.33 -32.43 18.73
C LYS B 117 8.20 -31.50 19.59
N PHE B 118 9.17 -30.79 19.00
CA PHE B 118 9.95 -29.77 19.75
C PHE B 118 9.34 -28.38 19.60
N ILE B 119 9.11 -28.02 18.34
CA ILE B 119 8.65 -26.70 17.95
C ILE B 119 7.30 -26.36 18.55
N ILE B 120 6.30 -27.22 18.36
CA ILE B 120 4.90 -26.83 18.65
C ILE B 120 4.65 -26.50 20.12
N PRO B 121 5.14 -27.33 21.06
CA PRO B 121 4.90 -26.98 22.46
C PRO B 121 5.63 -25.71 22.92
N ASN B 122 6.74 -25.38 22.24
CA ASN B 122 7.50 -24.16 22.56
C ASN B 122 6.81 -22.91 22.04
N VAL B 123 6.24 -22.98 20.84
CA VAL B 123 5.36 -21.94 20.31
C VAL B 123 4.15 -21.71 21.21
N VAL B 124 3.46 -22.81 21.50
CA VAL B 124 2.29 -22.78 22.34
C VAL B 124 2.62 -22.21 23.71
N LYS B 125 3.74 -22.64 24.29
CA LYS B 125 4.20 -22.12 25.60
C LYS B 125 4.13 -20.58 25.66
N TYR B 126 4.70 -19.93 24.66
CA TYR B 126 4.90 -18.48 24.67
C TYR B 126 3.81 -17.68 23.97
N SER B 127 3.01 -18.28 23.10
CA SER B 127 1.85 -17.60 22.49
C SER B 127 0.66 -18.53 22.48
N PRO B 128 0.09 -18.83 23.68
CA PRO B 128 -1.01 -19.81 23.78
C PRO B 128 -2.28 -19.43 23.02
N ASN B 129 -2.47 -18.14 22.78
CA ASN B 129 -3.65 -17.65 22.06
C ASN B 129 -3.41 -17.34 20.60
N CYS B 130 -2.33 -17.83 20.01
CA CYS B 130 -2.01 -17.52 18.63
C CYS B 130 -2.81 -18.39 17.66
N LYS B 131 -2.76 -18.02 16.39
CA LYS B 131 -3.20 -18.87 15.30
C LYS B 131 -1.92 -19.48 14.75
N LEU B 132 -1.98 -20.77 14.45
CA LEU B 132 -0.86 -21.53 13.95
C LEU B 132 -1.14 -21.73 12.51
N LEU B 133 -0.25 -21.20 11.68
CA LEU B 133 -0.34 -21.40 10.24
C LEU B 133 0.79 -22.34 9.84
N ILE B 134 0.43 -23.58 9.46
CA ILE B 134 1.42 -24.61 9.15
C ILE B 134 1.78 -24.56 7.66
N VAL B 135 3.06 -24.49 7.33
CA VAL B 135 3.50 -24.41 5.92
C VAL B 135 4.38 -25.61 5.55
N SER B 136 5.04 -26.19 6.55
CA SER B 136 5.93 -27.31 6.39
C SER B 136 5.14 -28.48 5.84
N ASN B 137 5.79 -29.37 5.11
CA ASN B 137 5.12 -30.43 4.37
C ASN B 137 5.36 -31.81 4.99
N PRO B 138 4.42 -32.72 4.83
CA PRO B 138 3.13 -32.60 4.15
C PRO B 138 2.16 -31.79 4.99
N VAL B 139 1.81 -30.62 4.48
CA VAL B 139 1.13 -29.62 5.30
C VAL B 139 -0.24 -30.08 5.84
N ASP B 140 -0.91 -30.97 5.14
CA ASP B 140 -2.24 -31.41 5.56
C ASP B 140 -2.08 -32.29 6.78
N ILE B 141 -1.20 -33.29 6.69
CA ILE B 141 -0.93 -34.15 7.83
C ILE B 141 -0.24 -33.36 8.94
N LEU B 142 0.70 -32.48 8.61
CA LEU B 142 1.35 -31.69 9.66
C LEU B 142 0.40 -30.73 10.40
N THR B 143 -0.63 -30.27 9.73
CA THR B 143 -1.63 -29.43 10.36
C THR B 143 -2.38 -30.24 11.41
N TYR B 144 -2.80 -31.44 11.02
CA TYR B 144 -3.34 -32.43 11.96
C TYR B 144 -2.38 -32.69 13.12
N VAL B 145 -1.10 -32.89 12.83
CA VAL B 145 -0.11 -33.11 13.89
C VAL B 145 0.02 -31.86 14.77
N ALA B 146 0.09 -30.69 14.15
CA ALA B 146 0.14 -29.45 14.94
C ALA B 146 -1.06 -29.34 15.89
N TRP B 147 -2.21 -29.81 15.44
CA TRP B 147 -3.43 -29.76 16.22
C TRP B 147 -3.36 -30.65 17.43
N LYS B 148 -2.86 -31.87 17.25
CA LYS B 148 -2.73 -32.82 18.33
C LYS B 148 -1.65 -32.41 19.31
N ILE B 149 -0.54 -31.86 18.84
CA ILE B 149 0.54 -31.54 19.79
C ILE B 149 0.17 -30.30 20.61
N SER B 150 -0.26 -29.25 19.91
CA SER B 150 -0.64 -27.99 20.55
C SER B 150 -1.81 -28.04 21.52
N GLY B 151 -2.84 -28.86 21.24
CA GLY B 151 -4.10 -28.86 22.03
C GLY B 151 -5.05 -27.69 21.77
N PHE B 152 -4.76 -26.92 20.73
CA PHE B 152 -5.60 -25.80 20.28
C PHE B 152 -6.91 -26.29 19.69
N PRO B 153 -7.98 -25.49 19.76
CA PRO B 153 -9.16 -25.90 19.01
C PRO B 153 -8.89 -25.79 17.48
N LYS B 154 -9.70 -26.50 16.71
CA LYS B 154 -9.57 -26.63 15.23
C LYS B 154 -9.34 -25.27 14.60
N ASN B 155 -10.12 -24.29 15.02
CA ASN B 155 -10.13 -23.02 14.34
C ASN B 155 -8.76 -22.33 14.30
N ARG B 156 -7.90 -22.62 15.29
CA ARG B 156 -6.58 -21.94 15.38
C ARG B 156 -5.40 -22.73 14.83
N VAL B 157 -5.67 -23.81 14.11
CA VAL B 157 -4.62 -24.53 13.37
C VAL B 157 -4.99 -24.62 11.90
N ILE B 158 -4.20 -23.95 11.07
CA ILE B 158 -4.52 -23.67 9.68
C ILE B 158 -3.32 -24.09 8.84
N GLY B 159 -3.53 -24.94 7.86
CA GLY B 159 -2.45 -25.33 6.96
C GLY B 159 -2.49 -24.50 5.68
N SER B 160 -1.33 -24.08 5.21
CA SER B 160 -1.30 -23.25 4.00
C SER B 160 -1.99 -23.93 2.82
N GLY B 161 -1.91 -25.26 2.78
CA GLY B 161 -2.85 -26.09 2.03
C GLY B 161 -2.73 -25.76 0.55
N CYS B 162 -3.88 -25.70 -0.11
CA CYS B 162 -3.95 -25.47 -1.55
C CYS B 162 -4.14 -24.03 -1.94
N ASN B 163 -3.89 -23.09 -1.03
CA ASN B 163 -3.98 -21.67 -1.41
C ASN B 163 -3.04 -21.48 -2.60
N LEU B 164 -1.85 -22.05 -2.50
CA LEU B 164 -0.82 -21.90 -3.52
C LEU B 164 -1.18 -22.63 -4.80
N ASP B 165 -1.68 -23.85 -4.67
CA ASP B 165 -2.12 -24.62 -5.82
C ASP B 165 -3.23 -23.90 -6.60
N SER B 166 -4.18 -23.30 -5.86
CA SER B 166 -5.24 -22.57 -6.54
C SER B 166 -4.67 -21.32 -7.20
N ALA B 167 -3.69 -20.67 -6.57
CA ALA B 167 -3.07 -19.50 -7.18
C ALA B 167 -2.38 -19.90 -8.51
N ARG B 168 -1.63 -21.01 -8.46
CA ARG B 168 -0.99 -21.56 -9.66
C ARG B 168 -1.99 -21.84 -10.73
N PHE B 169 -3.05 -22.53 -10.33
CA PHE B 169 -4.17 -22.84 -11.25
C PHE B 169 -4.69 -21.59 -11.96
N ARG B 170 -5.06 -20.59 -11.16
CA ARG B 170 -5.57 -19.31 -11.67
C ARG B 170 -4.53 -18.58 -12.54
N TYR B 171 -3.25 -18.70 -12.19
CA TYR B 171 -2.20 -18.16 -13.04
C TYR B 171 -2.25 -18.81 -14.43
N LEU B 172 -2.25 -20.15 -14.46
CA LEU B 172 -2.23 -20.88 -15.73
C LEU B 172 -3.53 -20.66 -16.53
N MET B 173 -4.64 -20.62 -15.83
CA MET B 173 -5.93 -20.22 -16.42
C MET B 173 -5.87 -18.81 -17.08
N GLY B 174 -5.27 -17.86 -16.38
CA GLY B 174 -5.13 -16.51 -16.90
C GLY B 174 -4.26 -16.41 -18.16
N GLU B 175 -3.19 -17.20 -18.19
CA GLU B 175 -2.31 -17.16 -19.35
C GLU B 175 -3.08 -17.66 -20.55
N ARG B 176 -3.83 -18.74 -20.39
CA ARG B 176 -4.65 -19.26 -21.50
C ARG B 176 -5.72 -18.29 -21.95
N LEU B 177 -6.34 -17.60 -21.00
CA LEU B 177 -7.51 -16.80 -21.33
C LEU B 177 -7.23 -15.32 -21.63
N GLY B 178 -5.99 -14.86 -21.37
CA GLY B 178 -5.65 -13.42 -21.48
C GLY B 178 -6.34 -12.57 -20.40
N VAL B 179 -6.47 -13.12 -19.21
CA VAL B 179 -7.18 -12.46 -18.13
C VAL B 179 -6.31 -12.53 -16.90
N HIS B 180 -6.33 -11.48 -16.08
CA HIS B 180 -5.62 -11.50 -14.82
C HIS B 180 -6.14 -12.63 -13.96
N PRO B 181 -5.26 -13.31 -13.23
CA PRO B 181 -5.73 -14.40 -12.37
C PRO B 181 -6.75 -13.99 -11.31
N LEU B 182 -6.73 -12.74 -10.84
CA LEU B 182 -7.75 -12.24 -9.88
C LEU B 182 -9.15 -12.42 -10.44
N SER B 183 -9.29 -12.29 -11.77
CA SER B 183 -10.59 -12.39 -12.43
C SER B 183 -10.92 -13.81 -12.96
N CYS B 184 -9.97 -14.74 -12.79
CA CYS B 184 -10.14 -16.15 -13.13
C CYS B 184 -10.40 -16.91 -11.86
N HIS B 185 -11.41 -17.76 -11.85
CA HIS B 185 -11.79 -18.45 -10.62
C HIS B 185 -11.75 -19.91 -10.86
N GLY B 186 -11.29 -20.63 -9.84
CA GLY B 186 -11.07 -22.06 -9.93
C GLY B 186 -10.38 -22.56 -8.69
N TRP B 187 -10.83 -23.69 -8.17
CA TRP B 187 -10.41 -24.21 -6.87
C TRP B 187 -9.73 -25.52 -7.02
N VAL B 188 -8.54 -25.63 -6.41
CA VAL B 188 -7.83 -26.88 -6.32
C VAL B 188 -7.93 -27.25 -4.83
N LEU B 189 -8.51 -28.41 -4.53
CA LEU B 189 -8.83 -28.84 -3.17
C LEU B 189 -8.10 -30.15 -2.76
N GLY B 190 -8.29 -30.61 -1.52
CA GLY B 190 -7.66 -31.84 -1.05
C GLY B 190 -6.20 -31.69 -0.60
N GLU B 191 -5.38 -32.69 -0.92
CA GLU B 191 -3.94 -32.65 -0.60
C GLU B 191 -3.20 -31.56 -1.36
N HIS B 192 -2.33 -30.83 -0.67
CA HIS B 192 -1.32 -30.02 -1.34
C HIS B 192 -0.28 -30.99 -1.77
N GLY B 193 -0.48 -31.57 -2.95
CA GLY B 193 0.39 -32.65 -3.44
C GLY B 193 -0.13 -33.33 -4.69
N ASP B 194 0.28 -34.58 -4.92
CA ASP B 194 -0.06 -35.28 -6.16
C ASP B 194 -1.54 -35.60 -6.34
N SER B 195 -2.29 -35.75 -5.24
CA SER B 195 -3.69 -36.14 -5.31
C SER B 195 -4.66 -34.95 -5.17
N SER B 196 -4.22 -33.74 -5.54
CA SER B 196 -5.04 -32.53 -5.46
C SER B 196 -6.15 -32.59 -6.50
N VAL B 197 -7.34 -32.10 -6.11
CA VAL B 197 -8.54 -32.20 -6.93
C VAL B 197 -8.92 -30.87 -7.57
N PRO B 198 -8.87 -30.79 -8.90
CA PRO B 198 -9.32 -29.56 -9.55
C PRO B 198 -10.84 -29.58 -9.70
N VAL B 199 -11.52 -28.54 -9.21
CA VAL B 199 -12.97 -28.49 -9.24
C VAL B 199 -13.41 -27.78 -10.53
N TRP B 200 -13.43 -28.56 -11.60
CA TRP B 200 -13.81 -28.07 -12.92
C TRP B 200 -15.15 -27.45 -12.88
N SER B 201 -16.08 -28.02 -12.09
CA SER B 201 -17.44 -27.48 -11.98
C SER B 201 -17.52 -26.03 -11.46
N GLY B 202 -16.51 -25.61 -10.69
CA GLY B 202 -16.44 -24.24 -10.16
C GLY B 202 -15.70 -23.22 -11.02
N MET B 203 -15.03 -23.68 -12.06
N MET B 203 -15.02 -23.67 -12.06
CA MET B 203 -14.16 -22.81 -12.84
CA MET B 203 -14.14 -22.80 -12.81
C MET B 203 -14.96 -21.81 -13.67
C MET B 203 -14.91 -21.83 -13.70
N ASN B 204 -14.62 -20.53 -13.55
CA ASN B 204 -15.38 -19.49 -14.20
C ASN B 204 -14.65 -18.17 -14.37
N VAL B 205 -15.14 -17.35 -15.31
CA VAL B 205 -14.75 -15.96 -15.40
C VAL B 205 -16.10 -15.21 -15.39
N ALA B 206 -16.22 -14.17 -14.58
CA ALA B 206 -17.45 -13.37 -14.52
C ALA B 206 -18.72 -14.20 -14.27
N GLY B 207 -18.61 -15.28 -13.51
CA GLY B 207 -19.77 -16.10 -13.15
C GLY B 207 -20.19 -17.12 -14.21
N VAL B 208 -19.41 -17.20 -15.29
CA VAL B 208 -19.77 -18.05 -16.41
C VAL B 208 -19.07 -19.37 -16.28
N SER B 209 -19.84 -20.45 -16.25
CA SER B 209 -19.29 -21.80 -16.08
C SER B 209 -18.60 -22.31 -17.34
N LEU B 210 -17.30 -22.54 -17.25
CA LEU B 210 -16.51 -22.95 -18.41
C LEU B 210 -16.83 -24.42 -18.76
N LYS B 211 -17.14 -25.23 -17.76
CA LYS B 211 -17.57 -26.61 -17.99
C LYS B 211 -18.85 -26.65 -18.85
N THR B 212 -19.75 -25.69 -18.62
CA THR B 212 -20.97 -25.56 -19.39
C THR B 212 -20.67 -25.06 -20.81
N LEU B 213 -19.78 -24.08 -20.96
CA LEU B 213 -19.35 -23.68 -22.32
C LEU B 213 -18.57 -24.74 -23.06
N HIS B 214 -17.86 -25.59 -22.32
CA HIS B 214 -16.91 -26.52 -22.91
C HIS B 214 -16.91 -27.81 -22.13
N PRO B 215 -17.90 -28.70 -22.42
CA PRO B 215 -18.12 -29.92 -21.61
C PRO B 215 -16.94 -30.86 -21.53
N ASP B 216 -16.07 -30.87 -22.54
CA ASP B 216 -14.83 -31.68 -22.46
C ASP B 216 -13.84 -31.24 -21.38
N LEU B 217 -14.03 -30.03 -20.83
CA LEU B 217 -13.19 -29.48 -19.75
C LEU B 217 -12.99 -30.49 -18.63
N GLY B 218 -11.72 -30.77 -18.32
CA GLY B 218 -11.33 -31.69 -17.27
C GLY B 218 -11.39 -33.16 -17.62
N THR B 219 -11.39 -33.47 -18.92
CA THR B 219 -11.32 -34.87 -19.40
C THR B 219 -10.15 -34.99 -20.37
N ASP B 220 -9.60 -36.21 -20.47
CA ASP B 220 -8.46 -36.48 -21.32
C ASP B 220 -8.75 -36.40 -22.84
N LYS B 221 -10.02 -36.48 -23.23
CA LYS B 221 -10.42 -36.32 -24.65
C LYS B 221 -10.43 -34.86 -25.13
N ASP B 222 -10.53 -33.92 -24.20
CA ASP B 222 -10.56 -32.49 -24.48
C ASP B 222 -9.45 -32.03 -25.42
N LYS B 223 -9.87 -31.57 -26.58
CA LYS B 223 -8.99 -31.08 -27.64
C LYS B 223 -8.10 -29.94 -27.14
N GLU B 224 -8.59 -29.16 -26.19
CA GLU B 224 -7.80 -28.07 -25.64
C GLU B 224 -6.90 -28.49 -24.51
N GLN B 225 -7.12 -29.70 -24.01
CA GLN B 225 -6.27 -30.30 -22.99
C GLN B 225 -6.24 -29.49 -21.72
N TRP B 226 -7.40 -29.07 -21.22
CA TRP B 226 -7.47 -28.35 -19.92
C TRP B 226 -6.99 -29.17 -18.76
N LYS B 227 -7.16 -30.49 -18.79
CA LYS B 227 -6.64 -31.34 -17.71
C LYS B 227 -5.13 -31.13 -17.44
N GLU B 228 -4.38 -30.74 -18.46
CA GLU B 228 -2.95 -30.44 -18.34
C GLU B 228 -2.68 -29.22 -17.48
N VAL B 229 -3.64 -28.31 -17.39
CA VAL B 229 -3.46 -27.17 -16.51
C VAL B 229 -3.33 -27.68 -15.06
N HIS B 230 -4.18 -28.61 -14.64
CA HIS B 230 -4.03 -29.22 -13.31
C HIS B 230 -2.77 -30.00 -13.16
N LYS B 231 -2.32 -30.65 -14.23
CA LYS B 231 -1.12 -31.48 -14.16
C LYS B 231 0.10 -30.59 -13.96
N GLN B 232 0.03 -29.37 -14.50
CA GLN B 232 1.07 -28.36 -14.33
C GLN B 232 1.05 -27.80 -12.91
N VAL B 233 -0.15 -27.71 -12.34
CA VAL B 233 -0.28 -27.41 -10.92
C VAL B 233 0.33 -28.52 -10.06
N VAL B 234 0.04 -29.79 -10.33
CA VAL B 234 0.63 -30.87 -9.52
C VAL B 234 2.18 -30.85 -9.59
N GLU B 235 2.73 -30.59 -10.77
CA GLU B 235 4.16 -30.71 -11.06
C GLU B 235 4.99 -29.41 -10.90
N SER B 236 4.29 -28.33 -10.57
CA SER B 236 4.88 -27.01 -10.39
C SER B 236 6.09 -27.00 -9.46
N ALA B 237 5.90 -27.45 -8.22
CA ALA B 237 6.94 -27.42 -7.23
C ALA B 237 8.16 -28.20 -7.71
N TYR B 238 7.92 -29.35 -8.31
CA TYR B 238 9.00 -30.16 -8.80
C TYR B 238 9.70 -29.53 -10.01
N GLU B 239 8.95 -28.83 -10.86
CA GLU B 239 9.55 -28.18 -12.00
C GLU B 239 10.44 -27.03 -11.51
N VAL B 240 9.99 -26.28 -10.52
CA VAL B 240 10.78 -25.15 -10.03
C VAL B 240 11.99 -25.67 -9.24
N ILE B 241 11.79 -26.64 -8.35
CA ILE B 241 12.90 -27.34 -7.67
C ILE B 241 13.97 -27.83 -8.66
N LYS B 242 13.58 -28.52 -9.72
CA LYS B 242 14.50 -28.94 -10.79
C LYS B 242 15.30 -27.78 -11.36
N LEU B 243 14.65 -26.62 -11.48
CA LEU B 243 15.26 -25.48 -12.15
C LEU B 243 16.14 -24.65 -11.21
N LYS B 244 15.63 -24.34 -10.02
CA LYS B 244 16.33 -23.44 -9.10
C LYS B 244 16.70 -24.06 -7.80
N GLY B 245 16.28 -25.30 -7.56
CA GLY B 245 16.74 -26.03 -6.38
C GLY B 245 15.75 -26.04 -5.24
N TYR B 246 14.83 -25.08 -5.20
CA TYR B 246 13.83 -24.97 -4.13
C TYR B 246 12.71 -24.06 -4.63
N THR B 247 11.62 -23.92 -3.88
CA THR B 247 10.64 -22.84 -4.14
C THR B 247 10.55 -21.92 -2.91
N SER B 248 10.16 -20.66 -3.13
CA SER B 248 10.14 -19.67 -2.04
C SER B 248 9.13 -18.54 -2.22
N TRP B 249 9.19 -17.85 -3.35
CA TRP B 249 8.46 -16.62 -3.54
C TRP B 249 6.96 -16.81 -3.62
N ALA B 250 6.50 -17.85 -4.30
CA ALA B 250 5.07 -18.06 -4.44
C ALA B 250 4.49 -18.53 -3.10
N ILE B 251 5.17 -19.43 -2.42
CA ILE B 251 4.66 -19.89 -1.13
C ILE B 251 4.74 -18.74 -0.10
N GLY B 252 5.76 -17.88 -0.22
CA GLY B 252 5.84 -16.73 0.65
C GLY B 252 4.60 -15.84 0.51
N LEU B 253 4.34 -15.41 -0.71
CA LEU B 253 3.18 -14.58 -1.08
C LEU B 253 1.88 -15.26 -0.70
N SER B 254 1.73 -16.53 -1.02
CA SER B 254 0.54 -17.25 -0.60
C SER B 254 0.32 -17.20 0.94
N VAL B 255 1.40 -17.32 1.70
CA VAL B 255 1.31 -17.31 3.16
C VAL B 255 0.98 -15.90 3.69
N ALA B 256 1.49 -14.86 3.02
CA ALA B 256 1.23 -13.47 3.43
C ALA B 256 -0.21 -13.12 3.06
N ASP B 257 -0.73 -13.71 1.99
CA ASP B 257 -2.15 -13.64 1.65
C ASP B 257 -3.01 -14.18 2.80
N LEU B 258 -2.68 -15.35 3.32
CA LEU B 258 -3.43 -15.92 4.44
C LEU B 258 -3.30 -15.08 5.71
N ALA B 259 -2.07 -14.68 6.01
CA ALA B 259 -1.78 -13.82 7.14
C ALA B 259 -2.55 -12.53 7.08
N GLU B 260 -2.62 -11.91 5.90
CA GLU B 260 -3.45 -10.72 5.71
C GLU B 260 -4.90 -10.93 6.14
N SER B 261 -5.51 -12.03 5.73
CA SER B 261 -6.91 -12.27 6.07
C SER B 261 -7.07 -12.55 7.55
N ILE B 262 -6.14 -13.28 8.16
CA ILE B 262 -6.20 -13.55 9.60
C ILE B 262 -6.00 -12.25 10.40
N MET B 263 -4.88 -11.56 10.16
CA MET B 263 -4.56 -10.33 10.92
C MET B 263 -5.60 -9.23 10.79
N LYS B 264 -6.16 -9.02 9.61
CA LYS B 264 -7.14 -7.96 9.40
C LYS B 264 -8.59 -8.44 9.58
N ASN B 265 -8.78 -9.67 10.05
CA ASN B 265 -10.11 -10.26 10.23
C ASN B 265 -11.07 -10.10 9.03
N LEU B 266 -10.55 -10.37 7.83
CA LEU B 266 -11.26 -10.03 6.60
C LEU B 266 -12.45 -10.93 6.30
N ARG B 267 -12.40 -12.16 6.80
CA ARG B 267 -13.41 -13.18 6.48
C ARG B 267 -13.47 -13.47 4.97
N ARG B 268 -12.30 -13.48 4.34
CA ARG B 268 -12.16 -13.97 2.97
C ARG B 268 -12.09 -15.50 2.91
N VAL B 269 -12.37 -16.07 1.74
CA VAL B 269 -12.42 -17.53 1.58
C VAL B 269 -11.16 -18.02 0.90
N HIS B 270 -10.42 -18.86 1.63
CA HIS B 270 -9.22 -19.46 1.05
C HIS B 270 -9.28 -20.97 1.16
N PRO B 271 -8.63 -21.67 0.23
CA PRO B 271 -8.58 -23.13 0.36
C PRO B 271 -7.38 -23.53 1.20
N VAL B 272 -7.61 -23.94 2.43
CA VAL B 272 -6.52 -24.14 3.39
C VAL B 272 -6.84 -25.41 4.15
N SER B 273 -5.83 -26.04 4.77
CA SER B 273 -5.98 -27.35 5.41
C SER B 273 -6.74 -27.26 6.73
N THR B 274 -7.84 -28.00 6.82
CA THR B 274 -8.59 -28.10 8.06
C THR B 274 -9.24 -29.46 8.13
N MET B 275 -9.83 -29.76 9.30
CA MET B 275 -10.48 -31.05 9.51
C MET B 275 -11.77 -31.10 8.72
N ILE B 276 -11.94 -32.18 7.97
CA ILE B 276 -13.12 -32.35 7.11
C ILE B 276 -13.96 -33.58 7.47
N LYS B 277 -13.65 -34.20 8.62
CA LYS B 277 -14.49 -35.25 9.19
C LYS B 277 -15.95 -34.83 9.16
N GLY B 278 -16.82 -35.75 8.74
CA GLY B 278 -18.24 -35.44 8.50
C GLY B 278 -18.63 -35.09 7.07
N LEU B 279 -17.67 -34.75 6.20
CA LEU B 279 -18.00 -34.22 4.86
C LEU B 279 -17.60 -35.17 3.75
N TYR B 280 -18.45 -35.27 2.73
CA TYR B 280 -18.18 -36.12 1.57
C TYR B 280 -17.96 -37.58 2.01
N GLY B 281 -18.61 -37.98 3.11
CA GLY B 281 -18.48 -39.35 3.62
C GLY B 281 -17.14 -39.72 4.26
N ILE B 282 -16.29 -38.72 4.54
CA ILE B 282 -15.04 -38.96 5.27
C ILE B 282 -15.38 -39.05 6.76
N LYS B 283 -14.92 -40.12 7.40
CA LYS B 283 -15.36 -40.45 8.74
C LYS B 283 -14.25 -40.35 9.81
N ASP B 284 -12.99 -40.19 9.38
CA ASP B 284 -11.81 -40.03 10.28
C ASP B 284 -11.36 -38.56 10.43
N ASP B 285 -10.40 -38.33 11.31
CA ASP B 285 -9.87 -36.99 11.57
C ASP B 285 -8.88 -36.55 10.46
N VAL B 286 -9.36 -36.49 9.23
CA VAL B 286 -8.48 -36.18 8.12
C VAL B 286 -8.46 -34.67 7.98
N PHE B 287 -7.28 -34.10 7.79
CA PHE B 287 -7.16 -32.70 7.40
C PHE B 287 -6.86 -32.60 5.91
N LEU B 288 -7.59 -31.75 5.20
CA LEU B 288 -7.18 -31.32 3.87
C LEU B 288 -7.83 -29.99 3.51
N SER B 289 -7.53 -29.50 2.31
CA SER B 289 -8.00 -28.19 1.90
C SER B 289 -9.43 -28.23 1.37
N VAL B 290 -10.27 -27.39 1.98
CA VAL B 290 -11.58 -26.99 1.47
C VAL B 290 -11.63 -25.46 1.61
N PRO B 291 -12.60 -24.81 0.96
CA PRO B 291 -12.53 -23.38 1.11
C PRO B 291 -13.03 -22.99 2.49
N CYS B 292 -12.24 -22.18 3.20
CA CYS B 292 -12.58 -21.75 4.54
C CYS B 292 -12.65 -20.23 4.65
N ILE B 293 -13.50 -19.75 5.55
CA ILE B 293 -13.55 -18.32 5.92
C ILE B 293 -12.51 -18.04 7.01
N LEU B 294 -11.55 -17.16 6.70
CA LEU B 294 -10.43 -16.79 7.59
C LEU B 294 -10.61 -15.41 8.18
N GLY B 295 -10.39 -15.31 9.49
CA GLY B 295 -10.38 -14.04 10.20
C GLY B 295 -9.57 -14.21 11.47
N GLN B 296 -9.81 -13.33 12.44
CA GLN B 296 -8.97 -13.21 13.64
C GLN B 296 -9.08 -14.41 14.57
N ASN B 297 -10.12 -15.25 14.41
CA ASN B 297 -10.23 -16.51 15.16
C ASN B 297 -9.79 -17.72 14.32
N GLY B 298 -9.13 -17.44 13.19
CA GLY B 298 -8.64 -18.46 12.27
C GLY B 298 -9.72 -18.85 11.26
N ILE B 299 -9.93 -20.16 11.11
CA ILE B 299 -11.04 -20.70 10.35
C ILE B 299 -12.31 -20.63 11.17
N SER B 300 -13.20 -19.71 10.82
CA SER B 300 -14.47 -19.60 11.54
C SER B 300 -15.57 -20.43 10.87
N ASP B 301 -15.40 -20.73 9.59
CA ASP B 301 -16.39 -21.46 8.79
C ASP B 301 -15.77 -22.20 7.58
N LEU B 302 -16.45 -23.25 7.14
CA LEU B 302 -16.12 -23.96 5.89
C LEU B 302 -17.25 -23.73 4.89
N VAL B 303 -16.88 -23.55 3.62
CA VAL B 303 -17.82 -23.61 2.52
C VAL B 303 -17.93 -25.08 2.10
N LYS B 304 -19.16 -25.57 2.04
CA LYS B 304 -19.40 -26.94 1.63
C LYS B 304 -19.50 -26.94 0.11
N VAL B 305 -18.40 -27.16 -0.57
CA VAL B 305 -18.40 -27.05 -2.01
C VAL B 305 -19.17 -28.22 -2.57
N THR B 306 -19.99 -27.95 -3.59
CA THR B 306 -20.72 -29.01 -4.27
C THR B 306 -19.81 -29.62 -5.32
N LEU B 307 -19.72 -30.94 -5.33
CA LEU B 307 -18.75 -31.65 -6.15
C LEU B 307 -19.47 -32.68 -7.01
N THR B 308 -19.16 -32.71 -8.31
CA THR B 308 -19.58 -33.83 -9.15
C THR B 308 -19.13 -35.13 -8.48
N SER B 309 -19.83 -36.22 -8.76
CA SER B 309 -19.50 -37.51 -8.17
C SER B 309 -18.03 -37.91 -8.39
N GLU B 310 -17.46 -37.54 -9.52
CA GLU B 310 -16.06 -37.83 -9.77
C GLU B 310 -15.13 -36.91 -8.96
N GLU B 311 -15.45 -35.60 -8.95
CA GLU B 311 -14.71 -34.62 -8.15
C GLU B 311 -14.77 -35.07 -6.69
N GLU B 312 -15.93 -35.50 -6.23
CA GLU B 312 -16.02 -36.08 -4.89
C GLU B 312 -15.23 -37.38 -4.71
N ALA B 313 -15.27 -38.26 -5.70
CA ALA B 313 -14.47 -39.48 -5.65
C ALA B 313 -12.96 -39.15 -5.49
N ARG B 314 -12.48 -38.19 -6.25
CA ARG B 314 -11.08 -37.77 -6.14
C ARG B 314 -10.71 -37.18 -4.78
N LEU B 315 -11.62 -36.45 -4.17
CA LEU B 315 -11.39 -35.90 -2.82
C LEU B 315 -11.38 -36.99 -1.74
N LYS B 316 -12.21 -38.01 -1.93
CA LYS B 316 -12.27 -39.11 -0.98
C LYS B 316 -10.99 -39.96 -1.09
N LYS B 317 -10.44 -40.01 -2.29
CA LYS B 317 -9.18 -40.71 -2.60
C LYS B 317 -7.96 -40.01 -1.93
N SER B 318 -7.88 -38.68 -2.09
CA SER B 318 -6.92 -37.82 -1.38
C SER B 318 -7.09 -37.99 0.15
N ALA B 319 -8.33 -38.00 0.64
CA ALA B 319 -8.58 -38.25 2.08
C ALA B 319 -8.00 -39.58 2.52
N ASP B 320 -8.26 -40.63 1.73
CA ASP B 320 -7.74 -41.97 2.03
C ASP B 320 -6.21 -42.06 2.08
N THR B 321 -5.55 -41.60 1.02
CA THR B 321 -4.10 -41.53 0.97
C THR B 321 -3.58 -40.89 2.26
N LEU B 322 -4.11 -39.72 2.62
CA LEU B 322 -3.68 -39.00 3.82
C LEU B 322 -3.91 -39.81 5.10
N TRP B 323 -5.11 -40.38 5.24
CA TRP B 323 -5.44 -41.16 6.44
C TRP B 323 -4.59 -42.40 6.55
N GLY B 324 -4.24 -42.99 5.40
CA GLY B 324 -3.29 -44.09 5.36
C GLY B 324 -1.99 -43.75 6.08
N ILE B 325 -1.40 -42.63 5.71
CA ILE B 325 -0.14 -42.19 6.31
C ILE B 325 -0.38 -41.74 7.74
N GLN B 326 -1.44 -40.98 7.92
CA GLN B 326 -1.77 -40.36 9.19
C GLN B 326 -1.92 -41.37 10.33
N LYS B 327 -2.61 -42.48 10.08
CA LYS B 327 -2.93 -43.43 11.16
C LYS B 327 -1.73 -44.23 11.66
N GLU B 328 -0.64 -44.30 10.88
CA GLU B 328 0.60 -44.98 11.30
C GLU B 328 1.61 -44.07 12.03
N LEU B 329 1.15 -42.93 12.57
CA LEU B 329 2.01 -41.96 13.29
C LEU B 329 1.90 -42.13 14.82
N GLN B 330 3.01 -41.92 15.52
CA GLN B 330 3.03 -41.87 16.99
C GLN B 330 3.63 -40.54 17.50
N PHE B 331 3.02 -40.00 18.55
CA PHE B 331 3.41 -38.69 19.09
C PHE B 331 2.99 -38.54 20.55
N ALA C 1 -33.15 -26.08 5.52
CA ALA C 1 -32.07 -25.11 5.85
C ALA C 1 -32.06 -23.92 4.90
N THR C 2 -31.60 -22.77 5.42
CA THR C 2 -31.40 -21.59 4.61
C THR C 2 -30.21 -21.74 3.65
N LEU C 3 -30.12 -20.83 2.69
CA LEU C 3 -29.04 -20.85 1.69
C LEU C 3 -27.68 -20.76 2.39
N LYS C 4 -27.59 -19.86 3.37
CA LYS C 4 -26.38 -19.67 4.17
C LYS C 4 -25.90 -20.96 4.87
N ASP C 5 -26.85 -21.74 5.40
CA ASP C 5 -26.52 -23.01 6.06
C ASP C 5 -26.19 -24.14 5.07
N GLN C 6 -26.83 -24.19 3.92
CA GLN C 6 -26.45 -25.15 2.88
C GLN C 6 -25.05 -24.84 2.37
N LEU C 7 -24.71 -23.55 2.26
CA LEU C 7 -23.41 -23.14 1.74
C LEU C 7 -22.27 -23.22 2.76
N ILE C 8 -22.55 -22.88 4.01
CA ILE C 8 -21.51 -22.63 5.00
C ILE C 8 -21.73 -23.42 6.28
N TYR C 9 -20.70 -24.20 6.67
CA TYR C 9 -20.70 -24.87 7.96
C TYR C 9 -19.89 -24.05 8.94
N ASN C 10 -20.50 -23.66 10.05
CA ASN C 10 -19.89 -22.79 11.04
C ASN C 10 -19.17 -23.58 12.13
N LEU C 11 -17.89 -23.26 12.36
CA LEU C 11 -17.09 -23.89 13.41
C LEU C 11 -17.28 -23.21 14.74
N LEU C 12 -17.55 -21.92 14.69
CA LEU C 12 -17.22 -21.02 15.78
C LEU C 12 -18.09 -19.77 15.69
N LYS C 13 -18.87 -19.53 16.75
CA LYS C 13 -19.78 -18.39 16.81
C LYS C 13 -19.31 -17.39 17.86
N GLN C 16 -15.82 -12.18 19.00
CA GLN C 16 -14.72 -11.68 19.83
C GLN C 16 -14.60 -10.15 19.79
N THR C 17 -13.84 -9.63 20.76
CA THR C 17 -13.62 -8.20 20.95
C THR C 17 -13.02 -7.50 19.73
N PRO C 18 -13.09 -6.15 19.69
CA PRO C 18 -12.42 -5.42 18.62
C PRO C 18 -10.93 -5.27 18.93
N GLN C 19 -10.10 -5.53 17.95
CA GLN C 19 -8.66 -5.64 18.18
C GLN C 19 -7.85 -4.39 17.76
N ASN C 20 -8.31 -3.73 16.71
CA ASN C 20 -7.62 -2.55 16.16
C ASN C 20 -8.65 -1.53 15.70
N LYS C 21 -9.48 -1.14 16.67
CA LYS C 21 -10.65 -0.33 16.42
C LYS C 21 -10.34 1.17 16.55
N ILE C 22 -10.85 1.95 15.60
CA ILE C 22 -10.73 3.40 15.63
C ILE C 22 -12.16 3.97 15.56
N THR C 23 -12.47 4.89 16.46
CA THR C 23 -13.71 5.64 16.39
C THR C 23 -13.45 7.06 15.94
N VAL C 24 -14.26 7.55 15.00
CA VAL C 24 -14.25 8.96 14.64
C VAL C 24 -15.55 9.61 15.10
N VAL C 25 -15.43 10.67 15.91
CA VAL C 25 -16.59 11.40 16.37
C VAL C 25 -16.69 12.67 15.54
N GLY C 26 -17.83 12.82 14.86
CA GLY C 26 -18.07 13.94 13.93
C GLY C 26 -17.94 13.42 12.52
N VAL C 27 -19.00 13.57 11.74
CA VAL C 27 -19.03 13.13 10.34
C VAL C 27 -19.26 14.30 9.35
N GLY C 28 -18.76 15.48 9.75
CA GLY C 28 -18.64 16.61 8.83
C GLY C 28 -17.50 16.33 7.87
N ALA C 29 -17.15 17.30 7.05
CA ALA C 29 -16.11 17.09 6.03
C ALA C 29 -14.79 16.58 6.66
N VAL C 30 -14.39 17.12 7.80
CA VAL C 30 -13.13 16.68 8.42
C VAL C 30 -13.21 15.23 8.94
N GLY C 31 -14.33 14.89 9.57
CA GLY C 31 -14.51 13.54 10.09
C GLY C 31 -14.44 12.48 9.01
N MET C 32 -15.13 12.75 7.91
CA MET C 32 -15.20 11.82 6.81
C MET C 32 -13.88 11.74 6.05
N ALA C 33 -13.11 12.82 6.07
CA ALA C 33 -11.81 12.83 5.40
C ALA C 33 -10.81 12.06 6.25
N CYS C 34 -10.97 12.15 7.56
CA CYS C 34 -10.25 11.25 8.49
C CYS C 34 -10.62 9.79 8.27
N ALA C 35 -11.92 9.50 8.19
CA ALA C 35 -12.45 8.14 7.93
C ALA C 35 -11.91 7.52 6.64
N ILE C 36 -12.11 8.21 5.51
CA ILE C 36 -11.62 7.66 4.24
C ILE C 36 -10.10 7.46 4.28
N SER C 37 -9.38 8.40 4.88
CA SER C 37 -7.93 8.31 4.91
C SER C 37 -7.46 7.08 5.67
N ILE C 38 -8.09 6.84 6.83
CA ILE C 38 -7.78 5.68 7.67
C ILE C 38 -8.18 4.38 6.99
N LEU C 39 -9.36 4.34 6.35
CA LEU C 39 -9.81 3.12 5.62
C LEU C 39 -8.83 2.78 4.50
N MET C 40 -8.34 3.77 3.77
CA MET C 40 -7.43 3.49 2.67
C MET C 40 -5.97 3.22 3.06
N LYS C 41 -5.65 3.39 4.33
CA LYS C 41 -4.32 3.06 4.85
C LYS C 41 -4.33 1.77 5.66
N ASP C 42 -5.48 1.13 5.76
CA ASP C 42 -5.61 -0.16 6.49
C ASP C 42 -5.14 -0.10 7.94
N LEU C 43 -5.50 0.97 8.62
CA LEU C 43 -5.05 1.16 9.99
C LEU C 43 -5.99 0.53 11.00
N ALA C 44 -7.20 0.19 10.57
CA ALA C 44 -8.21 -0.35 11.47
C ALA C 44 -8.84 -1.65 10.93
N ASP C 45 -9.23 -2.53 11.85
CA ASP C 45 -10.06 -3.64 11.50
C ASP C 45 -11.52 -3.36 11.81
N GLU C 46 -11.79 -2.29 12.55
CA GLU C 46 -13.14 -1.80 12.77
C GLU C 46 -13.16 -0.26 12.83
N LEU C 47 -14.10 0.34 12.13
CA LEU C 47 -14.26 1.77 12.15
C LEU C 47 -15.64 2.09 12.69
N ALA C 48 -15.73 2.95 13.69
CA ALA C 48 -17.03 3.39 14.16
C ALA C 48 -17.18 4.88 13.93
N LEU C 49 -18.37 5.32 13.56
CA LEU C 49 -18.65 6.74 13.36
C LEU C 49 -19.70 7.19 14.36
N VAL C 50 -19.51 8.36 14.97
CA VAL C 50 -20.50 8.95 15.86
C VAL C 50 -20.82 10.39 15.54
N ASP C 51 -22.12 10.70 15.60
CA ASP C 51 -22.61 12.06 15.44
C ASP C 51 -23.99 12.22 16.12
N VAL C 52 -24.55 13.43 16.03
CA VAL C 52 -25.91 13.71 16.53
C VAL C 52 -26.97 13.81 15.45
N ILE C 53 -26.58 14.00 14.19
CA ILE C 53 -27.55 14.19 13.10
C ILE C 53 -27.76 12.82 12.47
N GLU C 54 -28.85 12.15 12.82
N GLU C 54 -28.89 12.23 12.85
CA GLU C 54 -28.97 10.71 12.56
CA GLU C 54 -29.27 10.86 12.56
C GLU C 54 -29.03 10.28 11.08
C GLU C 54 -29.07 10.42 11.10
N ASP C 55 -29.54 11.15 10.22
N ASP C 55 -29.68 11.15 10.18
CA ASP C 55 -29.69 10.80 8.82
CA ASP C 55 -29.70 10.77 8.77
C ASP C 55 -28.37 10.97 8.06
C ASP C 55 -28.31 10.91 8.13
N LYS C 56 -27.66 12.05 8.33
CA LYS C 56 -26.32 12.27 7.80
C LYS C 56 -25.37 11.12 8.19
N LEU C 57 -25.40 10.76 9.48
CA LEU C 57 -24.60 9.66 10.04
C LEU C 57 -24.88 8.36 9.31
N LYS C 58 -26.15 7.98 9.23
CA LYS C 58 -26.51 6.74 8.56
C LYS C 58 -26.04 6.76 7.10
N GLY C 59 -26.24 7.89 6.44
CA GLY C 59 -25.91 8.05 5.03
C GLY C 59 -24.42 7.89 4.74
N GLU C 60 -23.58 8.54 5.55
CA GLU C 60 -22.13 8.42 5.44
C GLU C 60 -21.63 6.98 5.68
N MET C 61 -22.08 6.34 6.76
CA MET C 61 -21.82 4.93 6.99
C MET C 61 -22.13 4.10 5.76
N MET C 62 -23.38 4.19 5.26
CA MET C 62 -23.81 3.44 4.07
C MET C 62 -22.90 3.66 2.87
N ASP C 63 -22.50 4.90 2.65
CA ASP C 63 -21.72 5.24 1.49
C ASP C 63 -20.40 4.51 1.61
N LEU C 64 -19.83 4.48 2.82
CA LEU C 64 -18.55 3.83 3.04
C LEU C 64 -18.72 2.35 2.85
N GLN C 65 -19.77 1.81 3.45
CA GLN C 65 -20.06 0.40 3.39
C GLN C 65 -20.15 -0.13 1.95
N HIS C 66 -20.87 0.58 1.09
CA HIS C 66 -20.97 0.22 -0.32
C HIS C 66 -19.66 0.14 -1.05
N GLY C 67 -18.61 0.76 -0.55
CA GLY C 67 -17.27 0.63 -1.14
C GLY C 67 -16.39 -0.43 -0.49
N SER C 68 -16.99 -1.28 0.36
CA SER C 68 -16.30 -2.31 1.11
C SER C 68 -15.49 -3.27 0.27
N LEU C 69 -16.06 -3.68 -0.87
CA LEU C 69 -15.33 -4.52 -1.83
C LEU C 69 -13.93 -3.98 -2.11
N PHE C 70 -13.73 -2.66 -2.01
CA PHE C 70 -12.45 -2.03 -2.35
C PHE C 70 -11.59 -1.66 -1.15
N LEU C 71 -12.02 -2.08 0.04
CA LEU C 71 -11.27 -1.84 1.24
C LEU C 71 -10.93 -3.14 1.95
N ARG C 72 -10.09 -3.01 2.98
CA ARG C 72 -9.71 -4.13 3.81
C ARG C 72 -10.02 -3.83 5.27
N THR C 73 -11.13 -3.13 5.50
CA THR C 73 -11.59 -2.86 6.84
C THR C 73 -13.00 -3.45 6.92
N PRO C 74 -13.12 -4.62 7.55
CA PRO C 74 -14.32 -5.40 7.40
C PRO C 74 -15.52 -4.91 8.20
N LYS C 75 -15.34 -4.15 9.27
CA LYS C 75 -16.49 -3.72 10.03
C LYS C 75 -16.59 -2.19 10.13
N ILE C 76 -17.71 -1.67 9.65
CA ILE C 76 -18.03 -0.26 9.70
C ILE C 76 -19.37 -0.09 10.39
N VAL C 77 -19.36 0.55 11.56
CA VAL C 77 -20.57 0.79 12.36
C VAL C 77 -20.69 2.27 12.75
N SER C 78 -21.91 2.68 13.09
CA SER C 78 -22.16 4.07 13.45
C SER C 78 -23.33 4.15 14.37
N GLY C 79 -23.44 5.26 15.08
CA GLY C 79 -24.62 5.49 15.93
C GLY C 79 -24.49 6.75 16.77
N LYS C 80 -25.64 7.26 17.21
CA LYS C 80 -25.70 8.37 18.14
C LYS C 80 -25.25 7.90 19.53
N ASP C 81 -25.52 6.64 19.86
CA ASP C 81 -25.17 6.07 21.18
C ASP C 81 -23.72 5.63 21.14
N TYR C 82 -22.94 6.03 22.14
CA TYR C 82 -21.49 5.78 22.16
C TYR C 82 -21.12 4.31 22.37
N ASN C 83 -22.09 3.44 22.61
CA ASN C 83 -21.79 2.01 22.73
C ASN C 83 -21.26 1.40 21.44
N VAL C 84 -21.47 2.05 20.29
CA VAL C 84 -20.86 1.60 19.04
C VAL C 84 -19.34 1.81 19.08
N THR C 85 -18.85 2.64 19.98
CA THR C 85 -17.42 2.98 20.03
C THR C 85 -16.62 2.08 20.95
N ALA C 86 -17.26 1.09 21.58
CA ALA C 86 -16.63 0.34 22.70
C ALA C 86 -15.33 -0.33 22.27
N ASN C 87 -14.36 -0.32 23.19
CA ASN C 87 -13.06 -0.97 22.99
C ASN C 87 -12.28 -0.39 21.80
N SER C 88 -12.42 0.91 21.58
CA SER C 88 -11.57 1.60 20.64
C SER C 88 -10.17 1.75 21.23
N LYS C 89 -9.17 1.53 20.39
CA LYS C 89 -7.79 1.83 20.72
C LYS C 89 -7.56 3.34 20.59
N LEU C 90 -8.21 3.96 19.60
CA LEU C 90 -7.96 5.34 19.23
C LEU C 90 -9.32 5.96 18.89
N VAL C 91 -9.64 7.11 19.50
CA VAL C 91 -10.89 7.83 19.24
C VAL C 91 -10.53 9.22 18.81
N ILE C 92 -11.02 9.64 17.66
CA ILE C 92 -10.59 10.88 17.05
C ILE C 92 -11.72 11.89 17.12
N ILE C 93 -11.53 12.98 17.86
CA ILE C 93 -12.65 13.91 18.03
C ILE C 93 -12.57 15.04 17.03
N THR C 94 -13.50 15.04 16.08
CA THR C 94 -13.61 16.12 15.06
C THR C 94 -14.94 16.89 15.19
N ALA C 95 -15.66 16.72 16.31
CA ALA C 95 -16.97 17.37 16.45
C ALA C 95 -16.83 18.86 16.82
N GLY C 96 -17.83 19.66 16.50
CA GLY C 96 -17.80 21.03 16.94
C GLY C 96 -18.08 22.07 15.89
N ALA C 97 -18.22 23.30 16.37
CA ALA C 97 -18.31 24.46 15.54
C ALA C 97 -16.95 24.70 14.90
N ARG C 98 -16.95 25.26 13.70
CA ARG C 98 -15.73 25.67 13.02
C ARG C 98 -15.82 27.15 12.65
N GLN C 99 -14.67 27.78 12.45
CA GLN C 99 -14.60 29.23 12.35
C GLN C 99 -15.07 29.72 11.00
N GLN C 100 -15.62 30.92 10.96
CA GLN C 100 -15.89 31.59 9.70
C GLN C 100 -14.62 32.12 9.11
N GLU C 101 -14.70 32.50 7.86
CA GLU C 101 -13.65 33.27 7.23
C GLU C 101 -13.41 34.55 8.05
N GLY C 102 -12.17 34.73 8.49
CA GLY C 102 -11.83 35.90 9.28
C GLY C 102 -12.08 35.76 10.78
N GLU C 103 -12.42 34.54 11.22
CA GLU C 103 -12.66 34.27 12.63
C GLU C 103 -11.56 33.35 13.16
N SER C 104 -11.00 33.70 14.31
CA SER C 104 -9.93 32.93 14.92
C SER C 104 -10.51 31.63 15.47
N ARG C 105 -9.74 30.56 15.38
CA ARG C 105 -10.13 29.30 15.99
C ARG C 105 -10.32 29.46 17.50
N LEU C 106 -9.69 30.46 18.10
CA LEU C 106 -9.80 30.74 19.54
C LEU C 106 -11.18 31.20 19.94
N ASN C 107 -11.90 31.76 18.97
CA ASN C 107 -13.28 32.18 19.17
C ASN C 107 -14.29 31.03 19.23
N LEU C 108 -13.86 29.81 18.92
CA LEU C 108 -14.73 28.61 18.98
C LEU C 108 -14.81 27.97 20.38
N VAL C 109 -14.04 28.50 21.32
CA VAL C 109 -13.66 27.74 22.52
C VAL C 109 -14.85 27.35 23.40
N GLN C 110 -15.71 28.30 23.71
CA GLN C 110 -16.83 28.05 24.61
C GLN C 110 -17.80 27.03 24.03
N ARG C 111 -18.11 27.17 22.75
CA ARG C 111 -19.03 26.28 22.05
C ARG C 111 -18.51 24.85 22.08
N ASN C 112 -17.21 24.70 21.83
CA ASN C 112 -16.64 23.37 21.64
C ASN C 112 -16.30 22.74 23.01
N VAL C 113 -15.89 23.57 23.96
CA VAL C 113 -15.79 23.12 25.35
C VAL C 113 -17.12 22.54 25.85
N ASN C 114 -18.23 23.22 25.56
CA ASN C 114 -19.54 22.74 26.01
C ASN C 114 -19.89 21.39 25.38
N ILE C 115 -19.54 21.24 24.10
CA ILE C 115 -19.74 20.00 23.38
C ILE C 115 -18.92 18.87 24.00
N PHE C 116 -17.67 19.17 24.35
CA PHE C 116 -16.75 18.18 24.86
C PHE C 116 -17.22 17.65 26.22
N LYS C 117 -17.94 18.48 26.99
CA LYS C 117 -18.49 18.08 28.26
C LYS C 117 -19.47 16.94 28.09
N PHE C 118 -20.13 16.87 26.94
CA PHE C 118 -20.99 15.72 26.64
C PHE C 118 -20.19 14.56 26.01
N ILE C 119 -19.39 14.86 25.00
CA ILE C 119 -18.63 13.83 24.29
C ILE C 119 -17.61 13.09 25.15
N ILE C 120 -16.77 13.84 25.87
CA ILE C 120 -15.59 13.20 26.42
C ILE C 120 -15.88 12.09 27.45
N PRO C 121 -16.81 12.31 28.42
CA PRO C 121 -17.18 11.23 29.36
C PRO C 121 -17.86 10.04 28.68
N ASN C 122 -18.61 10.30 27.60
CA ASN C 122 -19.19 9.21 26.82
C ASN C 122 -18.13 8.33 26.13
N VAL C 123 -17.09 8.94 25.56
CA VAL C 123 -16.00 8.18 24.95
C VAL C 123 -15.27 7.36 26.02
N VAL C 124 -15.05 7.99 27.17
CA VAL C 124 -14.26 7.38 28.23
C VAL C 124 -14.99 6.19 28.87
N LYS C 125 -16.30 6.31 29.03
CA LYS C 125 -17.10 5.19 29.50
C LYS C 125 -16.86 3.92 28.68
N TYR C 126 -16.86 4.05 27.35
CA TYR C 126 -16.86 2.87 26.49
C TYR C 126 -15.47 2.45 26.00
N SER C 127 -14.48 3.34 26.06
CA SER C 127 -13.09 2.94 25.80
C SER C 127 -12.16 3.60 26.81
N PRO C 128 -12.15 3.06 28.05
CA PRO C 128 -11.34 3.68 29.09
C PRO C 128 -9.83 3.61 28.85
N ASN C 129 -9.38 2.72 27.98
CA ASN C 129 -7.95 2.56 27.67
C ASN C 129 -7.54 3.16 26.33
N CYS C 130 -8.43 3.86 25.65
CA CYS C 130 -8.10 4.41 24.34
C CYS C 130 -7.09 5.55 24.41
N LYS C 131 -6.51 5.85 23.26
CA LYS C 131 -5.85 7.14 23.03
C LYS C 131 -6.90 8.08 22.45
N LEU C 132 -6.86 9.34 22.90
CA LEU C 132 -7.75 10.40 22.45
C LEU C 132 -6.97 11.31 21.55
N LEU C 133 -7.39 11.42 20.29
CA LEU C 133 -6.75 12.31 19.36
C LEU C 133 -7.74 13.41 19.09
N ILE C 134 -7.48 14.57 19.66
CA ILE C 134 -8.37 15.72 19.52
C ILE C 134 -8.03 16.52 18.27
N VAL C 135 -9.02 16.73 17.39
CA VAL C 135 -8.84 17.53 16.16
C VAL C 135 -9.63 18.84 16.20
N SER C 136 -10.77 18.84 16.91
CA SER C 136 -11.62 20.02 17.09
C SER C 136 -10.79 21.22 17.59
N ASN C 137 -11.26 22.43 17.27
CA ASN C 137 -10.51 23.64 17.52
C ASN C 137 -11.18 24.52 18.55
N PRO C 138 -10.39 25.31 19.30
CA PRO C 138 -8.93 25.42 19.27
C PRO C 138 -8.23 24.22 19.88
N VAL C 139 -7.51 23.48 19.05
CA VAL C 139 -7.11 22.14 19.42
C VAL C 139 -6.27 22.03 20.70
N ASP C 140 -5.39 23.01 20.93
CA ASP C 140 -4.47 22.96 22.07
C ASP C 140 -5.25 23.10 23.34
N ILE C 141 -6.21 24.02 23.33
CA ILE C 141 -7.05 24.21 24.49
C ILE C 141 -7.95 23.00 24.69
N LEU C 142 -8.57 22.53 23.62
CA LEU C 142 -9.45 21.37 23.72
C LEU C 142 -8.73 20.05 24.09
N THR C 143 -7.42 19.99 23.93
CA THR C 143 -6.69 18.78 24.32
C THR C 143 -6.57 18.78 25.83
N TYR C 144 -6.22 19.95 26.36
CA TYR C 144 -6.19 20.24 27.79
C TYR C 144 -7.51 19.94 28.44
N VAL C 145 -8.59 20.40 27.82
CA VAL C 145 -9.93 20.14 28.31
C VAL C 145 -10.27 18.65 28.29
N ALA C 146 -10.06 17.99 27.15
CA ALA C 146 -10.20 16.53 27.08
C ALA C 146 -9.43 15.85 28.22
N TRP C 147 -8.23 16.36 28.50
CA TRP C 147 -7.36 15.81 29.52
C TRP C 147 -7.97 15.93 30.88
N LYS C 148 -8.44 17.14 31.21
CA LYS C 148 -9.08 17.39 32.50
C LYS C 148 -10.37 16.60 32.62
N ILE C 149 -11.20 16.63 31.58
CA ILE C 149 -12.47 15.92 31.66
C ILE C 149 -12.24 14.40 31.80
N SER C 150 -11.40 13.84 30.96
CA SER C 150 -11.26 12.38 30.91
C SER C 150 -10.62 11.71 32.15
N GLY C 151 -9.70 12.39 32.84
CA GLY C 151 -8.87 11.75 33.87
C GLY C 151 -7.74 10.90 33.28
N PHE C 152 -7.55 10.96 31.97
CA PHE C 152 -6.52 10.15 31.35
C PHE C 152 -5.14 10.66 31.73
N PRO C 153 -4.15 9.77 31.76
CA PRO C 153 -2.78 10.22 31.87
C PRO C 153 -2.45 10.98 30.59
N LYS C 154 -1.51 11.92 30.66
CA LYS C 154 -1.33 12.89 29.56
C LYS C 154 -0.74 12.30 28.27
N ASN C 155 -0.11 11.13 28.35
CA ASN C 155 0.36 10.45 27.14
C ASN C 155 -0.78 9.95 26.25
N ARG C 156 -1.98 9.76 26.81
CA ARG C 156 -3.11 9.22 26.07
C ARG C 156 -4.10 10.30 25.64
N VAL C 157 -3.68 11.57 25.69
CA VAL C 157 -4.48 12.66 25.15
C VAL C 157 -3.60 13.57 24.29
N ILE C 158 -3.80 13.45 22.98
CA ILE C 158 -2.95 14.03 21.94
C ILE C 158 -3.79 14.96 21.08
N GLY C 159 -3.34 16.18 20.90
CA GLY C 159 -4.02 17.07 19.97
C GLY C 159 -3.33 17.05 18.63
N SER C 160 -4.10 17.15 17.54
CA SER C 160 -3.48 17.14 16.21
C SER C 160 -2.48 18.24 16.07
N GLY C 161 -2.69 19.34 16.79
CA GLY C 161 -1.70 20.40 16.92
C GLY C 161 -1.16 20.84 15.57
N CYS C 162 0.16 20.88 15.44
CA CYS C 162 0.83 21.53 14.31
C CYS C 162 1.35 20.55 13.26
N ASN C 163 0.86 19.31 13.30
CA ASN C 163 1.27 18.29 12.34
C ASN C 163 0.92 18.81 10.94
N LEU C 164 -0.24 19.43 10.81
CA LEU C 164 -0.68 19.94 9.51
C LEU C 164 0.07 21.20 9.15
N ASP C 165 0.25 22.07 10.14
CA ASP C 165 1.02 23.27 9.94
C ASP C 165 2.43 22.95 9.40
N SER C 166 3.11 22.00 10.04
CA SER C 166 4.44 21.59 9.60
C SER C 166 4.41 20.95 8.19
N ALA C 167 3.40 20.14 7.93
CA ALA C 167 3.19 19.60 6.61
C ALA C 167 3.05 20.69 5.55
N ARG C 168 2.28 21.74 5.86
CA ARG C 168 2.09 22.88 4.96
C ARG C 168 3.40 23.61 4.77
N PHE C 169 4.07 23.86 5.88
CA PHE C 169 5.41 24.39 5.86
C PHE C 169 6.32 23.62 4.88
N ARG C 170 6.31 22.30 5.00
CA ARG C 170 7.24 21.49 4.22
C ARG C 170 6.85 21.47 2.73
N TYR C 171 5.54 21.49 2.47
CA TYR C 171 5.06 21.60 1.11
C TYR C 171 5.58 22.90 0.48
N LEU C 172 5.36 24.02 1.19
CA LEU C 172 5.79 25.33 0.70
C LEU C 172 7.32 25.40 0.47
N MET C 173 8.05 25.00 1.50
CA MET C 173 9.49 24.83 1.39
C MET C 173 9.90 24.05 0.14
N GLY C 174 9.31 22.85 -0.02
CA GLY C 174 9.50 22.02 -1.22
C GLY C 174 9.22 22.70 -2.55
N GLU C 175 8.18 23.53 -2.62
CA GLU C 175 7.92 24.31 -3.83
C GLU C 175 9.06 25.27 -4.13
N ARG C 176 9.53 25.99 -3.13
CA ARG C 176 10.64 26.92 -3.34
C ARG C 176 11.95 26.26 -3.77
N LEU C 177 12.23 25.09 -3.22
CA LEU C 177 13.54 24.48 -3.42
C LEU C 177 13.58 23.44 -4.55
N GLY C 178 12.42 22.99 -5.02
CA GLY C 178 12.36 21.87 -5.97
C GLY C 178 12.67 20.51 -5.37
N VAL C 179 12.19 20.27 -4.15
CA VAL C 179 12.47 19.04 -3.42
C VAL C 179 11.15 18.51 -2.85
N HIS C 180 10.97 17.20 -2.79
CA HIS C 180 9.75 16.67 -2.18
C HIS C 180 9.70 17.06 -0.72
N PRO C 181 8.51 17.40 -0.20
CA PRO C 181 8.34 17.74 1.23
C PRO C 181 8.89 16.71 2.22
N LEU C 182 8.84 15.42 1.87
CA LEU C 182 9.48 14.35 2.67
C LEU C 182 10.97 14.65 2.93
N SER C 183 11.66 15.25 1.95
CA SER C 183 13.08 15.55 2.10
C SER C 183 13.36 16.96 2.58
N CYS C 184 12.30 17.74 2.79
CA CYS C 184 12.39 19.08 3.37
C CYS C 184 11.96 19.04 4.81
N HIS C 185 12.73 19.65 5.70
CA HIS C 185 12.51 19.53 7.14
C HIS C 185 12.44 20.87 7.78
N GLY C 186 11.47 21.05 8.65
CA GLY C 186 11.26 22.31 9.32
C GLY C 186 10.00 22.21 10.15
N TRP C 187 10.03 22.77 11.33
CA TRP C 187 9.02 22.54 12.32
C TRP C 187 8.31 23.81 12.60
N VAL C 188 6.97 23.74 12.59
CA VAL C 188 6.14 24.78 13.12
C VAL C 188 5.60 24.29 14.49
N LEU C 189 5.89 25.05 15.55
CA LEU C 189 5.51 24.66 16.90
C LEU C 189 4.53 25.68 17.54
N GLY C 190 4.08 25.39 18.75
CA GLY C 190 3.19 26.30 19.48
C GLY C 190 1.73 26.05 19.16
N GLU C 191 0.97 27.12 18.96
CA GLU C 191 -0.46 27.05 18.66
C GLU C 191 -0.68 26.61 17.24
N HIS C 192 -1.66 25.72 17.07
CA HIS C 192 -2.26 25.53 15.78
C HIS C 192 -3.17 26.69 15.52
N GLY C 193 -2.58 27.77 15.01
CA GLY C 193 -3.27 29.05 14.77
C GLY C 193 -2.30 30.22 14.72
N ASP C 194 -2.80 31.43 14.91
CA ASP C 194 -2.05 32.66 14.52
C ASP C 194 -0.71 32.86 15.21
N SER C 195 -0.55 32.28 16.39
CA SER C 195 0.68 32.44 17.16
C SER C 195 1.70 31.29 16.96
N SER C 196 1.54 30.46 15.92
CA SER C 196 2.47 29.35 15.64
C SER C 196 3.87 29.87 15.43
N VAL C 197 4.88 29.09 15.81
CA VAL C 197 6.28 29.48 15.70
C VAL C 197 7.04 28.65 14.67
N PRO C 198 7.60 29.29 13.63
CA PRO C 198 8.46 28.56 12.68
C PRO C 198 9.89 28.46 13.21
N VAL C 199 10.40 27.24 13.34
CA VAL C 199 11.74 27.03 13.92
C VAL C 199 12.80 27.06 12.81
N TRP C 200 13.14 28.28 12.43
CA TRP C 200 14.06 28.56 11.34
C TRP C 200 15.39 27.90 11.55
N SER C 201 15.82 27.83 12.81
CA SER C 201 17.12 27.22 13.15
C SER C 201 17.16 25.73 12.80
N GLY C 202 16.00 25.06 12.78
CA GLY C 202 15.95 23.64 12.43
C GLY C 202 15.65 23.33 10.98
N MET C 203 15.38 24.35 10.16
CA MET C 203 15.07 24.17 8.72
C MET C 203 16.24 23.62 7.97
N ASN C 204 16.06 22.51 7.27
CA ASN C 204 17.18 21.91 6.58
C ASN C 204 16.80 20.97 5.45
N VAL C 205 17.73 20.77 4.54
CA VAL C 205 17.64 19.68 3.57
C VAL C 205 18.91 18.86 3.74
N ALA C 206 18.80 17.55 3.83
CA ALA C 206 19.98 16.71 3.88
C ALA C 206 20.91 17.10 5.05
N GLY C 207 20.34 17.66 6.11
CA GLY C 207 21.13 17.99 7.29
C GLY C 207 21.85 19.33 7.21
N VAL C 208 21.68 20.02 6.10
CA VAL C 208 22.28 21.33 5.84
C VAL C 208 21.38 22.41 6.39
N SER C 209 21.88 23.19 7.33
CA SER C 209 21.10 24.26 7.97
C SER C 209 20.91 25.45 7.04
N LEU C 210 19.65 25.74 6.66
CA LEU C 210 19.35 26.88 5.79
C LEU C 210 19.72 28.24 6.42
N LYS C 211 19.63 28.34 7.74
CA LYS C 211 19.96 29.58 8.45
C LYS C 211 21.46 29.84 8.42
N THR C 212 22.26 28.79 8.59
CA THR C 212 23.72 28.88 8.41
C THR C 212 24.09 29.43 7.04
N LEU C 213 23.42 28.95 6.00
CA LEU C 213 23.69 29.39 4.64
C LEU C 213 23.19 30.81 4.39
N HIS C 214 22.06 31.17 4.99
CA HIS C 214 21.30 32.38 4.64
C HIS C 214 20.79 32.96 5.92
N PRO C 215 21.59 33.82 6.58
CA PRO C 215 21.29 34.26 7.95
C PRO C 215 20.05 35.14 8.09
N ASP C 216 19.63 35.79 7.02
CA ASP C 216 18.40 36.60 7.06
C ASP C 216 17.12 35.75 7.01
N LEU C 217 17.26 34.43 7.03
CA LEU C 217 16.12 33.52 6.96
C LEU C 217 15.25 33.72 8.19
N GLY C 218 13.99 34.05 7.99
CA GLY C 218 13.06 34.27 9.08
C GLY C 218 12.98 35.69 9.62
N THR C 219 13.68 36.64 8.99
CA THR C 219 13.59 38.05 9.34
C THR C 219 12.84 38.76 8.23
N ASP C 220 12.32 39.94 8.56
CA ASP C 220 11.54 40.72 7.60
C ASP C 220 12.42 41.33 6.50
N LYS C 221 13.71 41.56 6.79
CA LYS C 221 14.64 42.12 5.81
C LYS C 221 14.78 41.20 4.62
N ASP C 222 15.00 39.91 4.92
CA ASP C 222 15.22 38.81 3.93
C ASP C 222 14.79 39.06 2.48
N LYS C 223 15.75 39.11 1.57
CA LYS C 223 15.48 39.44 0.17
C LYS C 223 14.62 38.36 -0.46
N GLU C 224 14.82 37.13 -0.03
CA GLU C 224 14.01 36.02 -0.52
C GLU C 224 12.68 35.84 0.21
N GLN C 225 12.44 36.60 1.27
CA GLN C 225 11.12 36.65 1.94
C GLN C 225 10.64 35.33 2.48
N TRP C 226 11.55 34.56 3.07
CA TRP C 226 11.17 33.28 3.65
C TRP C 226 10.17 33.41 4.75
N LYS C 227 10.05 34.58 5.36
CA LYS C 227 9.07 34.76 6.44
C LYS C 227 7.64 34.54 5.92
N GLU C 228 7.44 34.86 4.64
CA GLU C 228 6.16 34.64 3.93
C GLU C 228 5.75 33.19 3.79
N VAL C 229 6.69 32.26 3.90
CA VAL C 229 6.35 30.85 3.94
C VAL C 229 5.54 30.59 5.23
N HIS C 230 5.97 31.17 6.35
CA HIS C 230 5.22 30.98 7.58
C HIS C 230 3.89 31.65 7.50
N LYS C 231 3.83 32.81 6.86
CA LYS C 231 2.60 33.60 6.84
C LYS C 231 1.55 32.84 6.09
N GLN C 232 2.01 32.12 5.07
CA GLN C 232 1.18 31.23 4.27
C GLN C 232 0.71 30.00 5.05
N VAL C 233 1.51 29.54 6.01
CA VAL C 233 1.07 28.42 6.88
C VAL C 233 -0.08 28.86 7.78
N VAL C 234 0.12 30.00 8.46
CA VAL C 234 -0.87 30.68 9.30
C VAL C 234 -2.17 31.02 8.55
N GLU C 235 -2.06 31.50 7.32
CA GLU C 235 -3.21 31.95 6.53
C GLU C 235 -3.90 30.80 5.76
N SER C 236 -3.33 29.61 5.82
CA SER C 236 -3.78 28.51 4.99
C SER C 236 -5.25 28.15 5.21
N ALA C 237 -5.66 27.86 6.44
CA ALA C 237 -7.06 27.48 6.70
C ALA C 237 -8.04 28.61 6.31
N TYR C 238 -7.64 29.84 6.55
CA TYR C 238 -8.40 30.99 6.11
C TYR C 238 -8.52 31.10 4.60
N GLU C 239 -7.43 30.91 3.85
CA GLU C 239 -7.51 31.02 2.38
C GLU C 239 -8.29 29.83 1.81
N VAL C 240 -8.15 28.64 2.37
CA VAL C 240 -8.90 27.51 1.85
C VAL C 240 -10.39 27.69 2.16
N ILE C 241 -10.70 28.12 3.39
CA ILE C 241 -12.09 28.44 3.76
C ILE C 241 -12.70 29.46 2.80
N LYS C 242 -12.04 30.58 2.61
CA LYS C 242 -12.50 31.58 1.63
C LYS C 242 -12.82 30.94 0.28
N LEU C 243 -11.95 30.05 -0.18
CA LEU C 243 -12.06 29.53 -1.56
C LEU C 243 -13.10 28.42 -1.76
N LYS C 244 -13.05 27.40 -0.92
CA LYS C 244 -13.98 26.28 -1.04
C LYS C 244 -14.95 26.14 0.13
N GLY C 245 -14.80 26.97 1.17
CA GLY C 245 -15.80 27.08 2.23
C GLY C 245 -15.49 26.27 3.49
N TYR C 246 -14.49 25.40 3.40
CA TYR C 246 -14.03 24.62 4.57
C TYR C 246 -12.72 23.99 4.15
N THR C 247 -12.06 23.32 5.09
CA THR C 247 -10.92 22.46 4.74
C THR C 247 -11.17 21.03 5.21
N SER C 248 -10.60 20.07 4.48
CA SER C 248 -10.88 18.66 4.78
C SER C 248 -9.72 17.73 4.48
N TRP C 249 -9.20 17.78 3.26
CA TRP C 249 -8.26 16.75 2.83
C TRP C 249 -6.93 16.78 3.53
N ALA C 250 -6.30 17.96 3.61
CA ALA C 250 -5.01 18.03 4.28
C ALA C 250 -5.11 17.61 5.76
N ILE C 251 -6.16 18.03 6.46
CA ILE C 251 -6.27 17.67 7.90
C ILE C 251 -6.57 16.17 8.04
N GLY C 252 -7.36 15.63 7.11
CA GLY C 252 -7.71 14.21 7.15
C GLY C 252 -6.46 13.37 7.04
N LEU C 253 -5.64 13.66 6.02
CA LEU C 253 -4.35 12.99 5.81
C LEU C 253 -3.41 13.10 7.02
N SER C 254 -3.30 14.32 7.55
CA SER C 254 -2.50 14.61 8.73
C SER C 254 -2.89 13.72 9.89
N VAL C 255 -4.19 13.64 10.16
CA VAL C 255 -4.72 12.86 11.27
C VAL C 255 -4.49 11.35 11.05
N ALA C 256 -4.56 10.90 9.80
CA ALA C 256 -4.25 9.49 9.48
C ALA C 256 -2.75 9.20 9.70
N ASP C 257 -1.93 10.17 9.33
CA ASP C 257 -0.50 10.11 9.57
C ASP C 257 -0.23 9.87 11.06
N LEU C 258 -0.98 10.55 11.90
CA LEU C 258 -0.83 10.42 13.34
C LEU C 258 -1.35 9.08 13.78
N ALA C 259 -2.57 8.75 13.35
CA ALA C 259 -3.21 7.46 13.60
C ALA C 259 -2.31 6.32 13.20
N GLU C 260 -1.63 6.48 12.06
CA GLU C 260 -0.66 5.48 11.63
C GLU C 260 0.44 5.24 12.64
N SER C 261 1.04 6.31 13.17
CA SER C 261 2.12 6.15 14.13
C SER C 261 1.60 5.51 15.45
N ILE C 262 0.41 5.90 15.91
CA ILE C 262 -0.15 5.30 17.12
C ILE C 262 -0.42 3.81 16.93
N MET C 263 -1.25 3.49 15.94
CA MET C 263 -1.76 2.12 15.72
C MET C 263 -0.64 1.12 15.39
N LYS C 264 0.36 1.53 14.58
CA LYS C 264 1.50 0.68 14.26
C LYS C 264 2.70 0.78 15.24
N ASN C 265 2.55 1.56 16.31
CA ASN C 265 3.58 1.76 17.33
C ASN C 265 4.94 2.18 16.76
N LEU C 266 4.92 3.06 15.79
CA LEU C 266 6.12 3.40 15.03
C LEU C 266 7.19 4.23 15.77
N ARG C 267 6.80 5.00 16.78
CA ARG C 267 7.73 5.91 17.46
C ARG C 267 8.42 6.88 16.47
N ARG C 268 7.65 7.39 15.51
CA ARG C 268 8.02 8.58 14.77
C ARG C 268 7.77 9.86 15.58
N VAL C 269 8.38 10.95 15.11
CA VAL C 269 8.27 12.26 15.73
C VAL C 269 7.30 13.17 14.96
N HIS C 270 6.28 13.66 15.67
CA HIS C 270 5.29 14.58 15.07
C HIS C 270 5.06 15.79 15.95
N PRO C 271 4.85 16.98 15.35
CA PRO C 271 4.43 18.15 16.19
C PRO C 271 2.94 18.13 16.55
N VAL C 272 2.64 17.77 17.78
CA VAL C 272 1.28 17.49 18.26
C VAL C 272 1.10 18.09 19.65
N SER C 273 -0.15 18.37 20.03
CA SER C 273 -0.44 19.09 21.26
C SER C 273 -0.28 18.23 22.53
N THR C 274 0.49 18.75 23.48
CA THR C 274 0.72 18.07 24.75
C THR C 274 1.08 19.12 25.81
N MET C 275 1.04 18.72 27.07
CA MET C 275 1.44 19.63 28.14
C MET C 275 2.94 19.92 28.11
N ILE C 276 3.31 21.20 28.21
CA ILE C 276 4.72 21.61 28.16
C ILE C 276 5.15 22.42 29.39
N LYS C 277 4.36 22.38 30.47
CA LYS C 277 4.74 22.96 31.75
C LYS C 277 6.11 22.45 32.16
N GLY C 278 7.01 23.38 32.49
CA GLY C 278 8.39 23.04 32.82
C GLY C 278 9.38 23.18 31.67
N LEU C 279 8.92 23.59 30.50
CA LEU C 279 9.81 23.78 29.37
C LEU C 279 9.68 25.19 28.86
N TYR C 280 10.78 25.75 28.37
CA TYR C 280 10.85 27.13 27.84
C TYR C 280 10.28 28.17 28.81
N GLY C 281 10.45 27.89 30.10
CA GLY C 281 10.00 28.77 31.17
C GLY C 281 8.50 28.94 31.29
N ILE C 282 7.74 27.97 30.81
CA ILE C 282 6.28 27.98 31.01
C ILE C 282 5.99 27.24 32.30
N LYS C 283 5.15 27.84 33.13
CA LYS C 283 4.88 27.32 34.47
C LYS C 283 3.43 26.93 34.65
N ASP C 284 2.62 27.14 33.62
CA ASP C 284 1.20 26.78 33.66
C ASP C 284 0.97 25.51 32.89
N ASP C 285 -0.18 24.86 33.14
CA ASP C 285 -0.60 23.66 32.41
C ASP C 285 -1.00 23.93 30.95
N VAL C 286 -0.20 24.70 30.22
CA VAL C 286 -0.42 24.98 28.80
C VAL C 286 -0.15 23.71 27.98
N PHE C 287 -1.11 23.32 27.11
CA PHE C 287 -0.82 22.39 26.04
C PHE C 287 -0.47 23.16 24.76
N LEU C 288 0.55 22.74 24.03
CA LEU C 288 0.77 23.21 22.66
C LEU C 288 1.69 22.25 21.96
N SER C 289 1.95 22.49 20.68
CA SER C 289 2.74 21.57 19.90
C SER C 289 4.26 21.67 20.14
N VAL C 290 4.85 20.54 20.47
CA VAL C 290 6.27 20.31 20.35
C VAL C 290 6.47 18.92 19.72
N PRO C 291 7.70 18.63 19.25
CA PRO C 291 7.86 17.32 18.61
C PRO C 291 7.82 16.23 19.67
N CYS C 292 6.91 15.28 19.48
CA CYS C 292 6.71 14.16 20.39
C CYS C 292 6.85 12.81 19.67
N ILE C 293 7.33 11.81 20.40
CA ILE C 293 7.43 10.46 19.90
C ILE C 293 6.07 9.80 20.11
N LEU C 294 5.48 9.33 19.01
CA LEU C 294 4.15 8.72 18.97
C LEU C 294 4.15 7.20 18.73
N GLY C 295 3.46 6.49 19.61
CA GLY C 295 3.31 5.05 19.48
C GLY C 295 2.07 4.58 20.20
N GLN C 296 2.07 3.30 20.56
CA GLN C 296 0.89 2.62 21.03
C GLN C 296 0.38 3.05 22.38
N ASN C 297 1.18 3.80 23.14
CA ASN C 297 0.75 4.41 24.39
C ASN C 297 0.58 5.90 24.23
N GLY C 298 0.55 6.34 22.97
CA GLY C 298 0.38 7.74 22.65
C GLY C 298 1.72 8.41 22.66
N ILE C 299 1.80 9.56 23.37
CA ILE C 299 3.03 10.33 23.53
C ILE C 299 3.88 9.75 24.65
N SER C 300 4.90 8.98 24.29
CA SER C 300 5.81 8.40 25.28
C SER C 300 6.93 9.35 25.69
N ASP C 301 7.33 10.21 24.76
CA ASP C 301 8.47 11.09 24.94
C ASP C 301 8.24 12.40 24.23
N LEU C 302 9.04 13.39 24.62
CA LEU C 302 9.04 14.73 24.02
C LEU C 302 10.44 14.98 23.49
N VAL C 303 10.56 15.60 22.33
CA VAL C 303 11.85 16.10 21.91
C VAL C 303 12.00 17.54 22.41
N LYS C 304 13.11 17.81 23.10
CA LYS C 304 13.34 19.11 23.67
C LYS C 304 14.12 19.97 22.69
N VAL C 305 13.40 20.58 21.77
CA VAL C 305 14.03 21.32 20.68
C VAL C 305 14.83 22.53 21.21
N THR C 306 16.03 22.69 20.68
CA THR C 306 16.82 23.89 20.88
C THR C 306 16.31 25.08 20.01
N LEU C 307 15.85 26.13 20.68
CA LEU C 307 15.28 27.29 20.03
C LEU C 307 16.20 28.53 20.18
N THR C 308 16.31 29.36 19.13
CA THR C 308 16.89 30.71 19.31
C THR C 308 16.07 31.49 20.33
N SER C 309 16.67 32.53 20.90
CA SER C 309 16.04 33.36 21.93
C SER C 309 14.74 33.99 21.43
N GLU C 310 14.73 34.35 20.15
CA GLU C 310 13.56 34.86 19.49
C GLU C 310 12.52 33.77 19.24
N GLU C 311 12.97 32.61 18.76
CA GLU C 311 12.08 31.45 18.54
C GLU C 311 11.42 31.07 19.87
N GLU C 312 12.20 31.11 20.94
CA GLU C 312 11.69 30.79 22.27
C GLU C 312 10.74 31.89 22.75
N ALA C 313 11.06 33.13 22.43
CA ALA C 313 10.23 34.27 22.77
C ALA C 313 8.85 34.13 22.13
N ARG C 314 8.84 33.91 20.81
CA ARG C 314 7.62 33.62 20.06
C ARG C 314 6.79 32.49 20.66
N LEU C 315 7.45 31.42 21.12
CA LEU C 315 6.74 30.26 21.69
C LEU C 315 6.14 30.57 23.07
N LYS C 316 6.88 31.32 23.88
CA LYS C 316 6.39 31.74 25.19
C LYS C 316 5.19 32.66 24.97
N LYS C 317 5.21 33.41 23.86
CA LYS C 317 4.11 34.29 23.47
C LYS C 317 2.88 33.50 23.01
N SER C 318 3.12 32.42 22.28
CA SER C 318 2.05 31.47 21.91
C SER C 318 1.40 30.89 23.15
N ALA C 319 2.25 30.40 24.05
CA ALA C 319 1.88 29.83 25.34
C ALA C 319 0.98 30.78 26.14
N ASP C 320 1.39 32.05 26.23
CA ASP C 320 0.61 33.07 26.97
C ASP C 320 -0.79 33.34 26.39
N THR C 321 -0.86 33.56 25.09
CA THR C 321 -2.14 33.70 24.39
C THR C 321 -3.15 32.59 24.76
N LEU C 322 -2.71 31.33 24.71
CA LEU C 322 -3.61 30.19 25.02
C LEU C 322 -3.96 30.14 26.51
N TRP C 323 -2.97 30.32 27.37
CA TRP C 323 -3.19 30.29 28.80
C TRP C 323 -4.17 31.36 29.19
N GLY C 324 -4.13 32.49 28.49
CA GLY C 324 -5.09 33.58 28.70
C GLY C 324 -6.55 33.16 28.50
N ILE C 325 -6.75 32.14 27.68
CA ILE C 325 -8.09 31.58 27.44
C ILE C 325 -8.35 30.39 28.37
N GLN C 326 -7.39 29.48 28.46
CA GLN C 326 -7.47 28.30 29.35
C GLN C 326 -7.83 28.63 30.80
N LYS C 327 -7.18 29.66 31.34
CA LYS C 327 -7.35 29.99 32.76
C LYS C 327 -8.79 30.46 33.06
N GLU C 328 -9.46 31.04 32.07
CA GLU C 328 -10.84 31.50 32.24
C GLU C 328 -11.85 30.34 32.33
N LEU C 329 -11.64 29.28 31.57
CA LEU C 329 -12.62 28.19 31.43
C LEU C 329 -13.00 27.48 32.75
N GLN C 330 -14.23 26.96 32.80
CA GLN C 330 -14.73 26.21 33.96
C GLN C 330 -15.62 25.07 33.45
N PHE C 331 -15.47 23.88 34.02
CA PHE C 331 -16.23 22.70 33.54
C PHE C 331 -16.34 21.55 34.57
N ALA D 1 24.78 34.24 -4.64
CA ALA D 1 23.69 33.41 -5.23
C ALA D 1 22.52 33.28 -4.24
N THR D 2 21.39 32.77 -4.72
CA THR D 2 20.21 32.52 -3.86
C THR D 2 20.45 31.33 -2.90
N LEU D 3 19.59 31.18 -1.89
CA LEU D 3 19.64 30.01 -0.99
C LEU D 3 19.53 28.67 -1.75
N LYS D 4 18.62 28.62 -2.73
CA LYS D 4 18.46 27.43 -3.57
C LYS D 4 19.74 27.10 -4.30
N ASP D 5 20.42 28.09 -4.84
CA ASP D 5 21.62 27.83 -5.63
C ASP D 5 22.83 27.47 -4.75
N GLN D 6 22.85 27.97 -3.51
CA GLN D 6 23.90 27.59 -2.55
C GLN D 6 23.75 26.15 -2.07
N LEU D 7 22.51 25.71 -1.93
CA LEU D 7 22.21 24.39 -1.41
C LEU D 7 22.23 23.31 -2.49
N ILE D 8 21.81 23.67 -3.71
CA ILE D 8 21.48 22.72 -4.74
C ILE D 8 22.16 23.04 -6.07
N TYR D 9 22.91 22.07 -6.58
CA TYR D 9 23.50 22.17 -7.91
C TYR D 9 22.68 21.35 -8.91
N ASN D 10 22.31 22.00 -10.01
CA ASN D 10 21.35 21.45 -10.95
C ASN D 10 22.03 20.80 -12.15
N LEU D 11 21.61 19.59 -12.50
CA LEU D 11 22.09 18.91 -13.70
C LEU D 11 21.15 19.14 -14.88
N LEU D 12 19.84 19.07 -14.65
CA LEU D 12 18.80 19.28 -15.68
C LEU D 12 17.83 20.35 -15.29
N LYS D 13 17.62 21.34 -16.16
CA LYS D 13 16.47 22.24 -16.02
C LYS D 13 15.53 21.91 -17.18
N GLU D 14 15.18 20.64 -17.30
CA GLU D 14 14.54 20.10 -18.51
C GLU D 14 13.50 19.01 -18.17
N GLU D 15 12.21 19.33 -18.34
CA GLU D 15 11.14 18.40 -17.95
C GLU D 15 10.80 17.40 -19.05
N GLN D 16 10.36 16.19 -18.65
CA GLN D 16 9.78 15.20 -19.57
C GLN D 16 8.30 15.54 -19.78
N THR D 17 7.65 14.75 -20.62
CA THR D 17 6.21 14.81 -20.73
C THR D 17 5.65 14.01 -19.54
N PRO D 18 4.45 14.37 -19.07
CA PRO D 18 3.85 13.54 -18.01
C PRO D 18 3.81 12.06 -18.38
N GLN D 19 4.18 11.19 -17.46
CA GLN D 19 4.23 9.76 -17.75
C GLN D 19 3.02 8.97 -17.27
N ASN D 20 2.40 9.40 -16.17
CA ASN D 20 1.27 8.66 -15.58
C ASN D 20 0.22 9.61 -15.02
N LYS D 21 -0.20 10.50 -15.91
CA LYS D 21 -0.99 11.63 -15.50
C LYS D 21 -2.43 11.22 -15.60
N ILE D 22 -3.21 11.60 -14.60
CA ILE D 22 -4.66 11.42 -14.63
C ILE D 22 -5.33 12.80 -14.48
N THR D 23 -6.33 13.08 -15.31
CA THR D 23 -7.19 14.26 -15.08
C THR D 23 -8.54 13.83 -14.54
N VAL D 24 -9.07 14.62 -13.62
CA VAL D 24 -10.42 14.49 -13.15
C VAL D 24 -11.13 15.77 -13.51
N VAL D 25 -12.26 15.63 -14.22
CA VAL D 25 -13.05 16.80 -14.61
C VAL D 25 -14.27 16.84 -13.70
N GLY D 26 -14.44 17.99 -13.03
CA GLY D 26 -15.49 18.20 -12.05
C GLY D 26 -14.91 17.96 -10.67
N VAL D 27 -15.02 18.95 -9.79
CA VAL D 27 -14.52 18.84 -8.42
C VAL D 27 -15.66 18.88 -7.44
N GLY D 28 -16.83 18.38 -7.85
CA GLY D 28 -17.92 18.18 -6.86
C GLY D 28 -17.51 17.01 -5.96
N ALA D 29 -18.41 16.54 -5.10
CA ALA D 29 -18.10 15.48 -4.14
C ALA D 29 -17.63 14.20 -4.83
N VAL D 30 -18.27 13.83 -5.92
CA VAL D 30 -17.83 12.66 -6.66
C VAL D 30 -16.42 12.90 -7.21
N GLY D 31 -16.20 13.99 -7.94
CA GLY D 31 -14.86 14.29 -8.50
C GLY D 31 -13.72 14.23 -7.49
N MET D 32 -13.95 14.78 -6.30
CA MET D 32 -12.94 14.87 -5.28
C MET D 32 -12.75 13.53 -4.54
N ALA D 33 -13.81 12.73 -4.45
CA ALA D 33 -13.71 11.35 -3.92
C ALA D 33 -12.87 10.48 -4.87
N CYS D 34 -13.09 10.64 -6.17
CA CYS D 34 -12.17 10.04 -7.18
C CYS D 34 -10.72 10.46 -6.98
N ALA D 35 -10.53 11.77 -6.77
CA ALA D 35 -9.22 12.35 -6.64
C ALA D 35 -8.52 11.81 -5.41
N ILE D 36 -9.19 11.88 -4.25
CA ILE D 36 -8.53 11.41 -3.03
C ILE D 36 -8.23 9.92 -3.12
N SER D 37 -9.15 9.17 -3.71
CA SER D 37 -8.96 7.72 -3.87
C SER D 37 -7.76 7.36 -4.72
N ILE D 38 -7.63 8.04 -5.86
CA ILE D 38 -6.51 7.89 -6.78
C ILE D 38 -5.18 8.28 -6.12
N LEU D 39 -5.24 9.31 -5.27
CA LEU D 39 -4.04 9.82 -4.63
C LEU D 39 -3.50 8.80 -3.63
N MET D 40 -4.40 8.23 -2.84
CA MET D 40 -3.95 7.26 -1.86
C MET D 40 -3.70 5.84 -2.40
N LYS D 41 -3.92 5.61 -3.69
CA LYS D 41 -3.62 4.33 -4.29
C LYS D 41 -2.39 4.46 -5.19
N ASP D 42 -1.78 5.64 -5.18
CA ASP D 42 -0.55 5.90 -5.91
C ASP D 42 -0.66 5.54 -7.39
N LEU D 43 -1.75 5.93 -8.05
CA LEU D 43 -1.91 5.53 -9.47
C LEU D 43 -1.33 6.52 -10.46
N ALA D 44 -0.96 7.71 -9.99
CA ALA D 44 -0.56 8.79 -10.86
C ALA D 44 0.70 9.50 -10.36
N ASP D 45 1.54 9.97 -11.29
CA ASP D 45 2.61 10.89 -10.95
C ASP D 45 2.17 12.35 -11.07
N GLU D 46 0.99 12.56 -11.63
CA GLU D 46 0.44 13.90 -11.82
C GLU D 46 -1.09 13.89 -11.87
N LEU D 47 -1.70 14.72 -11.01
CA LEU D 47 -3.15 14.88 -10.94
C LEU D 47 -3.54 16.29 -11.38
N ALA D 48 -4.39 16.35 -12.39
CA ALA D 48 -4.97 17.59 -12.86
C ALA D 48 -6.48 17.60 -12.55
N LEU D 49 -6.97 18.72 -12.02
CA LEU D 49 -8.38 18.90 -11.75
C LEU D 49 -8.88 20.01 -12.64
N VAL D 50 -10.08 19.85 -13.18
CA VAL D 50 -10.74 20.88 -13.97
C VAL D 50 -12.16 21.08 -13.51
N ASP D 51 -12.60 22.32 -13.47
CA ASP D 51 -13.99 22.68 -13.19
C ASP D 51 -14.23 24.08 -13.77
N VAL D 52 -15.45 24.62 -13.66
CA VAL D 52 -15.70 25.98 -14.16
C VAL D 52 -15.86 27.04 -13.08
N ILE D 53 -16.00 26.61 -11.83
CA ILE D 53 -16.04 27.49 -10.67
C ILE D 53 -14.62 27.59 -10.08
N GLU D 54 -14.01 28.76 -10.24
CA GLU D 54 -12.58 28.95 -9.99
C GLU D 54 -12.13 28.92 -8.53
N ASP D 55 -12.90 29.50 -7.63
CA ASP D 55 -12.56 29.47 -6.20
C ASP D 55 -12.66 28.04 -5.62
N LYS D 56 -13.77 27.36 -5.90
CA LYS D 56 -13.95 25.96 -5.49
C LYS D 56 -12.77 25.12 -5.93
N LEU D 57 -12.37 25.33 -7.17
CA LEU D 57 -11.32 24.58 -7.81
C LEU D 57 -9.95 24.80 -7.13
N LYS D 58 -9.56 26.08 -7.04
CA LYS D 58 -8.28 26.46 -6.45
C LYS D 58 -8.21 25.92 -5.05
N GLY D 59 -9.31 26.03 -4.31
CA GLY D 59 -9.36 25.63 -2.92
C GLY D 59 -9.21 24.13 -2.76
N GLU D 60 -9.80 23.36 -3.68
CA GLU D 60 -9.67 21.90 -3.68
C GLU D 60 -8.22 21.49 -3.99
N MET D 61 -7.65 22.09 -5.01
CA MET D 61 -6.29 21.84 -5.38
C MET D 61 -5.37 22.14 -4.20
N MET D 62 -5.56 23.31 -3.57
CA MET D 62 -4.70 23.71 -2.45
C MET D 62 -4.83 22.73 -1.29
N ASP D 63 -6.06 22.29 -1.00
CA ASP D 63 -6.28 21.41 0.13
C ASP D 63 -5.53 20.09 -0.07
N LEU D 64 -5.57 19.54 -1.28
CA LEU D 64 -4.81 18.34 -1.63
C LEU D 64 -3.30 18.61 -1.56
N GLN D 65 -2.87 19.70 -2.16
CA GLN D 65 -1.46 20.10 -2.15
C GLN D 65 -0.86 20.12 -0.73
N HIS D 66 -1.64 20.65 0.22
CA HIS D 66 -1.25 20.71 1.63
C HIS D 66 -1.01 19.37 2.27
N GLY D 67 -1.57 18.30 1.73
CA GLY D 67 -1.29 16.94 2.23
C GLY D 67 -0.14 16.19 1.56
N SER D 68 0.59 16.86 0.67
CA SER D 68 1.61 16.21 -0.19
C SER D 68 2.67 15.43 0.58
N LEU D 69 3.05 15.93 1.75
CA LEU D 69 3.95 15.19 2.66
C LEU D 69 3.48 13.75 2.90
N PHE D 70 2.17 13.51 2.84
CA PHE D 70 1.57 12.21 3.14
C PHE D 70 1.18 11.45 1.89
N LEU D 71 1.45 12.02 0.72
CA LEU D 71 1.12 11.35 -0.53
C LEU D 71 2.40 11.05 -1.32
N ARG D 72 2.25 10.36 -2.46
CA ARG D 72 3.40 10.04 -3.34
C ARG D 72 3.06 10.39 -4.79
N THR D 73 2.36 11.49 -4.95
CA THR D 73 1.97 12.02 -6.25
C THR D 73 2.48 13.45 -6.20
N PRO D 74 3.62 13.70 -6.86
CA PRO D 74 4.39 14.93 -6.69
C PRO D 74 3.79 16.17 -7.34
N LYS D 75 2.97 16.01 -8.37
CA LYS D 75 2.42 17.17 -9.06
C LYS D 75 0.88 17.16 -9.09
N ILE D 76 0.29 18.18 -8.50
CA ILE D 76 -1.15 18.34 -8.45
C ILE D 76 -1.42 19.73 -8.99
N VAL D 77 -2.16 19.81 -10.08
CA VAL D 77 -2.45 21.08 -10.73
C VAL D 77 -3.97 21.23 -11.01
N SER D 78 -4.41 22.47 -11.21
CA SER D 78 -5.80 22.72 -11.59
C SER D 78 -5.92 23.93 -12.53
N GLY D 79 -7.05 24.00 -13.22
CA GLY D 79 -7.38 25.15 -14.06
C GLY D 79 -8.72 24.95 -14.77
N LYS D 80 -9.36 26.06 -15.11
CA LYS D 80 -10.53 26.07 -16.00
C LYS D 80 -10.09 25.81 -17.44
N ASP D 81 -8.87 26.18 -17.79
CA ASP D 81 -8.34 25.95 -19.15
C ASP D 81 -7.87 24.51 -19.22
N TYR D 82 -8.16 23.82 -20.31
CA TYR D 82 -7.84 22.38 -20.43
C TYR D 82 -6.37 22.11 -20.73
N ASN D 83 -5.57 23.17 -20.85
CA ASN D 83 -4.14 23.02 -21.09
C ASN D 83 -3.40 22.36 -19.94
N VAL D 84 -4.00 22.39 -18.74
CA VAL D 84 -3.47 21.68 -17.57
C VAL D 84 -3.72 20.16 -17.61
N THR D 85 -4.56 19.72 -18.54
CA THR D 85 -4.86 18.28 -18.70
C THR D 85 -3.97 17.58 -19.75
N ALA D 86 -3.14 18.36 -20.43
CA ALA D 86 -2.30 17.86 -21.52
C ALA D 86 -1.52 16.57 -21.20
N ASN D 87 -1.57 15.63 -22.15
CA ASN D 87 -0.84 14.36 -22.05
C ASN D 87 -1.35 13.41 -20.96
N SER D 88 -2.64 13.52 -20.62
CA SER D 88 -3.25 12.58 -19.67
C SER D 88 -3.33 11.15 -20.25
N LYS D 89 -3.01 10.16 -19.45
CA LYS D 89 -3.26 8.77 -19.86
C LYS D 89 -4.75 8.44 -19.71
N LEU D 90 -5.38 9.06 -18.70
CA LEU D 90 -6.74 8.73 -18.30
C LEU D 90 -7.43 10.02 -17.87
N VAL D 91 -8.60 10.29 -18.46
CA VAL D 91 -9.39 11.47 -18.13
C VAL D 91 -10.73 11.00 -17.65
N ILE D 92 -11.07 11.37 -16.42
CA ILE D 92 -12.24 10.92 -15.75
C ILE D 92 -13.20 12.08 -15.75
N ILE D 93 -14.39 11.88 -16.33
CA ILE D 93 -15.39 12.94 -16.38
C ILE D 93 -16.49 12.73 -15.32
N THR D 94 -16.50 13.60 -14.30
CA THR D 94 -17.53 13.57 -13.25
C THR D 94 -18.44 14.79 -13.29
N ALA D 95 -18.36 15.56 -14.38
CA ALA D 95 -18.99 16.86 -14.45
C ALA D 95 -20.49 16.71 -14.73
N GLY D 96 -21.30 17.66 -14.22
CA GLY D 96 -22.69 17.79 -14.66
C GLY D 96 -23.74 17.87 -13.55
N ALA D 97 -25.00 17.85 -13.97
CA ALA D 97 -26.12 17.80 -13.05
C ALA D 97 -26.19 16.43 -12.41
N ARG D 98 -26.70 16.37 -11.19
CA ARG D 98 -26.92 15.08 -10.54
C ARG D 98 -28.37 15.02 -10.09
N GLN D 99 -28.88 13.81 -9.94
CA GLN D 99 -30.30 13.64 -9.71
C GLN D 99 -30.69 14.02 -8.29
N GLN D 100 -31.81 14.73 -8.18
CA GLN D 100 -32.42 15.05 -6.90
C GLN D 100 -32.96 13.75 -6.29
N GLU D 101 -33.39 13.85 -5.04
CA GLU D 101 -34.10 12.77 -4.39
C GLU D 101 -35.33 12.44 -5.25
N GLY D 102 -35.47 11.19 -5.66
CA GLY D 102 -36.60 10.78 -6.50
C GLY D 102 -36.50 10.98 -8.02
N GLU D 103 -35.43 11.59 -8.52
CA GLU D 103 -35.30 11.89 -9.96
C GLU D 103 -34.51 10.78 -10.67
N SER D 104 -34.95 10.40 -11.87
CA SER D 104 -34.23 9.38 -12.63
C SER D 104 -32.92 9.97 -13.14
N ARG D 105 -31.91 9.10 -13.27
CA ARG D 105 -30.65 9.47 -13.90
C ARG D 105 -30.91 9.85 -15.36
N LEU D 106 -31.90 9.20 -15.98
CA LEU D 106 -32.19 9.42 -17.38
C LEU D 106 -32.69 10.84 -17.60
N ASN D 107 -33.12 11.49 -16.52
CA ASN D 107 -33.57 12.89 -16.60
C ASN D 107 -32.43 13.90 -16.70
N LEU D 108 -31.19 13.44 -16.59
CA LEU D 108 -30.02 14.33 -16.64
C LEU D 108 -29.47 14.45 -18.07
N VAL D 109 -30.14 13.80 -19.04
CA VAL D 109 -29.53 13.61 -20.36
C VAL D 109 -29.21 14.92 -21.05
N GLN D 110 -30.22 15.75 -21.26
CA GLN D 110 -30.06 16.99 -22.03
C GLN D 110 -29.07 18.00 -21.42
N ARG D 111 -29.17 18.20 -20.11
CA ARG D 111 -28.22 19.04 -19.37
C ARG D 111 -26.78 18.55 -19.52
N ASN D 112 -26.56 17.26 -19.33
CA ASN D 112 -25.18 16.76 -19.31
C ASN D 112 -24.64 16.52 -20.74
N VAL D 113 -25.52 16.27 -21.71
CA VAL D 113 -25.10 16.20 -23.11
C VAL D 113 -24.51 17.56 -23.55
N ASN D 114 -25.19 18.64 -23.20
CA ASN D 114 -24.72 19.98 -23.51
C ASN D 114 -23.40 20.30 -22.86
N ILE D 115 -23.27 19.88 -21.61
CA ILE D 115 -22.01 20.05 -20.91
C ILE D 115 -20.88 19.32 -21.64
N PHE D 116 -21.14 18.06 -22.01
CA PHE D 116 -20.14 17.20 -22.69
C PHE D 116 -19.75 17.72 -24.07
N LYS D 117 -20.71 18.32 -24.77
CA LYS D 117 -20.42 19.03 -26.01
C LYS D 117 -19.30 20.07 -25.82
N PHE D 118 -19.20 20.70 -24.64
CA PHE D 118 -18.05 21.58 -24.36
C PHE D 118 -16.83 20.79 -23.84
N ILE D 119 -17.05 19.97 -22.82
CA ILE D 119 -15.99 19.20 -22.20
C ILE D 119 -15.21 18.27 -23.14
N ILE D 120 -15.90 17.42 -23.89
CA ILE D 120 -15.22 16.32 -24.57
C ILE D 120 -14.25 16.80 -25.65
N PRO D 121 -14.69 17.72 -26.53
CA PRO D 121 -13.71 18.19 -27.53
C PRO D 121 -12.50 18.90 -26.89
N ASN D 122 -12.67 19.49 -25.72
CA ASN D 122 -11.58 20.16 -25.04
C ASN D 122 -10.57 19.13 -24.55
N VAL D 123 -11.06 18.08 -23.90
CA VAL D 123 -10.22 16.98 -23.44
C VAL D 123 -9.45 16.33 -24.60
N VAL D 124 -10.12 16.11 -25.72
CA VAL D 124 -9.49 15.45 -26.88
C VAL D 124 -8.39 16.30 -27.49
N LYS D 125 -8.50 17.62 -27.43
CA LYS D 125 -7.48 18.49 -28.00
C LYS D 125 -6.15 18.35 -27.28
N TYR D 126 -6.18 18.18 -25.96
CA TYR D 126 -4.92 18.17 -25.18
C TYR D 126 -4.41 16.76 -24.82
N SER D 127 -5.25 15.72 -24.91
CA SER D 127 -4.86 14.33 -24.70
C SER D 127 -5.52 13.41 -25.73
N PRO D 128 -5.05 13.45 -26.99
CA PRO D 128 -5.75 12.70 -28.02
C PRO D 128 -5.57 11.18 -27.92
N ASN D 129 -4.64 10.71 -27.09
CA ASN D 129 -4.43 9.27 -26.90
C ASN D 129 -4.85 8.78 -25.53
N CYS D 130 -5.58 9.59 -24.77
CA CYS D 130 -6.04 9.15 -23.48
C CYS D 130 -7.19 8.16 -23.59
N LYS D 131 -7.41 7.43 -22.50
CA LYS D 131 -8.64 6.72 -22.27
C LYS D 131 -9.61 7.69 -21.55
N LEU D 132 -10.87 7.68 -21.97
CA LEU D 132 -11.93 8.48 -21.35
C LEU D 132 -12.71 7.57 -20.45
N LEU D 133 -12.91 8.01 -19.20
CA LEU D 133 -13.73 7.24 -18.25
C LEU D 133 -14.88 8.13 -17.81
N ILE D 134 -16.07 7.79 -18.28
CA ILE D 134 -17.23 8.60 -18.05
C ILE D 134 -17.87 8.14 -16.75
N VAL D 135 -18.10 9.07 -15.81
CA VAL D 135 -18.74 8.74 -14.54
C VAL D 135 -20.15 9.41 -14.43
N SER D 136 -20.29 10.61 -15.00
CA SER D 136 -21.53 11.36 -15.08
C SER D 136 -22.69 10.57 -15.69
N ASN D 137 -23.90 10.95 -15.30
CA ASN D 137 -25.08 10.18 -15.62
C ASN D 137 -26.01 10.90 -16.59
N PRO D 138 -26.82 10.12 -17.33
CA PRO D 138 -26.86 8.64 -17.35
C PRO D 138 -25.63 8.08 -18.03
N VAL D 139 -24.83 7.30 -17.30
CA VAL D 139 -23.45 6.97 -17.72
C VAL D 139 -23.36 6.16 -19.01
N ASP D 140 -24.37 5.33 -19.25
CA ASP D 140 -24.43 4.47 -20.44
C ASP D 140 -24.60 5.35 -21.68
N ILE D 141 -25.53 6.29 -21.58
CA ILE D 141 -25.78 7.19 -22.69
C ILE D 141 -24.65 8.21 -22.83
N LEU D 142 -24.16 8.75 -21.73
CA LEU D 142 -23.07 9.72 -21.84
C LEU D 142 -21.76 9.09 -22.33
N THR D 143 -21.63 7.77 -22.23
CA THR D 143 -20.44 7.08 -22.74
C THR D 143 -20.52 6.98 -24.26
N TYR D 144 -21.72 6.70 -24.76
CA TYR D 144 -22.03 6.77 -26.18
C TYR D 144 -21.75 8.17 -26.75
N VAL D 145 -22.19 9.18 -26.01
CA VAL D 145 -22.05 10.57 -26.45
C VAL D 145 -20.56 10.94 -26.45
N ALA D 146 -19.85 10.63 -25.38
CA ALA D 146 -18.39 10.80 -25.33
C ALA D 146 -17.70 10.11 -26.53
N TRP D 147 -18.17 8.91 -26.85
CA TRP D 147 -17.68 8.14 -27.96
C TRP D 147 -17.92 8.85 -29.28
N LYS D 148 -19.17 9.19 -29.59
CA LYS D 148 -19.45 9.91 -30.84
C LYS D 148 -18.73 11.26 -30.94
N ILE D 149 -18.75 12.06 -29.88
CA ILE D 149 -18.09 13.37 -29.94
C ILE D 149 -16.56 13.29 -30.07
N SER D 150 -15.93 12.35 -29.37
CA SER D 150 -14.48 12.32 -29.32
C SER D 150 -13.84 11.86 -30.64
N GLY D 151 -14.52 10.94 -31.34
CA GLY D 151 -13.93 10.22 -32.48
C GLY D 151 -13.04 9.05 -32.09
N PHE D 152 -12.90 8.77 -30.80
CA PHE D 152 -12.03 7.70 -30.33
C PHE D 152 -12.57 6.33 -30.70
N PRO D 153 -11.67 5.35 -30.84
CA PRO D 153 -12.15 3.99 -30.95
C PRO D 153 -12.77 3.53 -29.61
N LYS D 154 -13.66 2.55 -29.67
CA LYS D 154 -14.56 2.27 -28.55
C LYS D 154 -13.87 1.62 -27.36
N ASN D 155 -12.67 1.11 -27.57
CA ASN D 155 -11.86 0.59 -26.49
C ASN D 155 -11.39 1.69 -25.54
N ARG D 156 -11.26 2.91 -26.05
CA ARG D 156 -10.79 4.04 -25.21
C ARG D 156 -11.89 4.91 -24.58
N VAL D 157 -13.17 4.51 -24.69
CA VAL D 157 -14.24 5.26 -24.07
C VAL D 157 -15.04 4.32 -23.15
N ILE D 158 -14.83 4.46 -21.85
CA ILE D 158 -15.29 3.49 -20.86
C ILE D 158 -16.25 4.17 -19.93
N GLY D 159 -17.44 3.62 -19.77
CA GLY D 159 -18.39 4.15 -18.76
C GLY D 159 -18.25 3.46 -17.43
N SER D 160 -18.32 4.21 -16.34
CA SER D 160 -18.17 3.59 -15.01
C SER D 160 -19.25 2.53 -14.76
N GLY D 161 -20.40 2.69 -15.41
CA GLY D 161 -21.35 1.62 -15.60
C GLY D 161 -21.77 0.98 -14.31
N CYS D 162 -21.79 -0.37 -14.29
CA CYS D 162 -22.36 -1.13 -13.20
C CYS D 162 -21.29 -1.69 -12.25
N ASN D 163 -20.08 -1.14 -12.30
CA ASN D 163 -18.99 -1.55 -11.39
C ASN D 163 -19.41 -1.32 -9.93
N LEU D 164 -19.99 -0.16 -9.67
CA LEU D 164 -20.51 0.17 -8.34
C LEU D 164 -21.76 -0.64 -8.02
N ASP D 165 -22.72 -0.74 -8.95
CA ASP D 165 -23.92 -1.57 -8.69
C ASP D 165 -23.48 -2.97 -8.27
N SER D 166 -22.54 -3.54 -9.02
CA SER D 166 -22.01 -4.84 -8.70
C SER D 166 -21.29 -4.88 -7.34
N ALA D 167 -20.55 -3.82 -7.01
CA ALA D 167 -19.88 -3.71 -5.71
C ALA D 167 -20.89 -3.68 -4.55
N ARG D 168 -21.99 -2.94 -4.73
CA ARG D 168 -23.11 -2.92 -3.77
C ARG D 168 -23.78 -4.28 -3.67
N PHE D 169 -24.08 -4.87 -4.81
CA PHE D 169 -24.63 -6.22 -4.80
C PHE D 169 -23.77 -7.13 -3.91
N ARG D 170 -22.46 -7.06 -4.11
CA ARG D 170 -21.56 -8.00 -3.44
C ARG D 170 -21.51 -7.73 -1.95
N TYR D 171 -21.57 -6.44 -1.59
CA TYR D 171 -21.55 -6.06 -0.20
C TYR D 171 -22.78 -6.66 0.47
N LEU D 172 -23.96 -6.47 -0.11
CA LEU D 172 -25.20 -6.99 0.46
C LEU D 172 -25.22 -8.51 0.50
N MET D 173 -24.73 -9.13 -0.55
CA MET D 173 -24.52 -10.59 -0.56
C MET D 173 -23.66 -11.03 0.65
N GLY D 174 -22.59 -10.27 0.88
CA GLY D 174 -21.67 -10.48 2.02
C GLY D 174 -22.32 -10.40 3.39
N GLU D 175 -23.21 -9.43 3.59
CA GLU D 175 -23.89 -9.27 4.87
C GLU D 175 -24.84 -10.43 5.09
N ARG D 176 -25.53 -10.85 4.05
CA ARG D 176 -26.40 -12.02 4.18
C ARG D 176 -25.65 -13.33 4.42
N LEU D 177 -24.50 -13.53 3.77
CA LEU D 177 -23.79 -14.82 3.86
C LEU D 177 -22.74 -14.89 4.99
N GLY D 178 -22.25 -13.72 5.42
CA GLY D 178 -21.21 -13.61 6.44
C GLY D 178 -19.81 -13.71 5.85
N VAL D 179 -19.64 -13.17 4.65
CA VAL D 179 -18.41 -13.34 3.88
C VAL D 179 -17.99 -11.99 3.28
N HIS D 180 -16.70 -11.77 3.18
CA HIS D 180 -16.22 -10.56 2.56
C HIS D 180 -16.72 -10.45 1.14
N PRO D 181 -17.12 -9.24 0.71
CA PRO D 181 -17.55 -9.09 -0.68
C PRO D 181 -16.53 -9.53 -1.70
N LEU D 182 -15.25 -9.44 -1.36
CA LEU D 182 -14.18 -9.98 -2.19
C LEU D 182 -14.44 -11.46 -2.50
N SER D 183 -14.95 -12.23 -1.55
CA SER D 183 -15.23 -13.63 -1.81
C SER D 183 -16.69 -13.91 -2.25
N CYS D 184 -17.47 -12.86 -2.46
CA CYS D 184 -18.81 -12.97 -3.00
C CYS D 184 -18.76 -12.54 -4.44
N HIS D 185 -19.29 -13.37 -5.33
CA HIS D 185 -19.31 -13.00 -6.74
C HIS D 185 -20.72 -12.97 -7.22
N GLY D 186 -21.01 -11.95 -8.02
CA GLY D 186 -22.32 -11.71 -8.54
C GLY D 186 -22.27 -10.47 -9.38
N TRP D 187 -23.02 -10.46 -10.47
CA TRP D 187 -22.90 -9.42 -11.47
C TRP D 187 -24.24 -8.78 -11.67
N VAL D 188 -24.26 -7.45 -11.60
CA VAL D 188 -25.41 -6.66 -12.01
C VAL D 188 -25.01 -5.98 -13.33
N LEU D 189 -25.80 -6.16 -14.38
CA LEU D 189 -25.42 -5.72 -15.74
C LEU D 189 -26.50 -4.85 -16.38
N GLY D 190 -26.22 -4.31 -17.57
CA GLY D 190 -27.20 -3.47 -18.27
C GLY D 190 -27.07 -2.02 -17.84
N GLU D 191 -28.19 -1.35 -17.61
CA GLU D 191 -28.17 0.08 -17.25
C GLU D 191 -27.65 0.31 -15.82
N HIS D 192 -26.81 1.33 -15.65
CA HIS D 192 -26.55 1.85 -14.33
C HIS D 192 -27.77 2.63 -13.94
N GLY D 193 -28.76 1.92 -13.41
CA GLY D 193 -30.05 2.53 -13.12
C GLY D 193 -31.14 1.50 -12.89
N ASP D 194 -32.40 1.93 -13.05
CA ASP D 194 -33.55 1.13 -12.62
C ASP D 194 -33.74 -0.16 -13.40
N SER D 195 -33.28 -0.18 -14.67
CA SER D 195 -33.39 -1.36 -15.52
C SER D 195 -32.17 -2.32 -15.49
N SER D 196 -31.25 -2.12 -14.56
CA SER D 196 -30.10 -3.05 -14.37
C SER D 196 -30.59 -4.49 -14.08
N VAL D 197 -29.79 -5.47 -14.48
CA VAL D 197 -30.17 -6.87 -14.51
C VAL D 197 -29.27 -7.66 -13.59
N PRO D 198 -29.85 -8.26 -12.53
CA PRO D 198 -29.03 -9.10 -11.64
C PRO D 198 -28.85 -10.50 -12.24
N VAL D 199 -27.60 -10.93 -12.42
CA VAL D 199 -27.34 -12.23 -13.04
C VAL D 199 -27.27 -13.33 -11.95
N TRP D 200 -28.45 -13.70 -11.45
CA TRP D 200 -28.60 -14.83 -10.51
C TRP D 200 -27.85 -16.11 -10.89
N SER D 201 -27.78 -16.43 -12.18
CA SER D 201 -27.15 -17.70 -12.62
C SER D 201 -25.62 -17.77 -12.39
N GLY D 202 -24.97 -16.63 -12.21
CA GLY D 202 -23.55 -16.58 -11.92
C GLY D 202 -23.20 -16.28 -10.47
N MET D 203 -24.17 -15.97 -9.63
CA MET D 203 -23.87 -15.74 -8.22
C MET D 203 -23.22 -16.94 -7.53
N ASN D 204 -22.08 -16.70 -6.88
CA ASN D 204 -21.35 -17.81 -6.29
C ASN D 204 -20.37 -17.39 -5.22
N VAL D 205 -20.15 -18.29 -4.29
CA VAL D 205 -19.03 -18.20 -3.39
C VAL D 205 -18.17 -19.40 -3.73
N ALA D 206 -16.87 -19.22 -3.87
CA ALA D 206 -15.94 -20.34 -4.04
C ALA D 206 -16.34 -21.27 -5.22
N GLY D 207 -16.97 -20.67 -6.22
CA GLY D 207 -17.44 -21.40 -7.41
C GLY D 207 -18.66 -22.28 -7.18
N VAL D 208 -19.24 -22.19 -5.99
CA VAL D 208 -20.47 -22.88 -5.67
C VAL D 208 -21.62 -21.99 -6.09
N SER D 209 -22.38 -22.45 -7.06
CA SER D 209 -23.53 -21.70 -7.57
C SER D 209 -24.67 -21.62 -6.54
N LEU D 210 -25.00 -20.40 -6.14
CA LEU D 210 -26.04 -20.16 -5.15
C LEU D 210 -27.39 -20.56 -5.71
N LYS D 211 -27.57 -20.26 -7.00
CA LYS D 211 -28.73 -20.68 -7.78
C LYS D 211 -28.92 -22.20 -7.72
N THR D 212 -27.82 -22.94 -7.84
CA THR D 212 -27.83 -24.41 -7.68
C THR D 212 -28.23 -24.88 -6.28
N LEU D 213 -27.75 -24.21 -5.23
CA LEU D 213 -28.16 -24.57 -3.83
C LEU D 213 -29.56 -24.12 -3.49
N HIS D 214 -30.03 -23.09 -4.19
CA HIS D 214 -31.31 -22.44 -3.84
C HIS D 214 -32.00 -22.13 -5.14
N PRO D 215 -32.75 -23.12 -5.66
CA PRO D 215 -33.34 -22.96 -6.99
C PRO D 215 -34.32 -21.78 -7.14
N ASP D 216 -35.01 -21.38 -6.08
CA ASP D 216 -35.90 -20.22 -6.15
C ASP D 216 -35.18 -18.86 -6.22
N LEU D 217 -33.85 -18.85 -6.09
CA LEU D 217 -33.10 -17.59 -6.00
C LEU D 217 -33.48 -16.64 -7.12
N GLY D 218 -33.91 -15.44 -6.74
CA GLY D 218 -34.24 -14.41 -7.69
C GLY D 218 -35.64 -14.53 -8.29
N THR D 219 -36.46 -15.41 -7.74
CA THR D 219 -37.85 -15.49 -8.13
C THR D 219 -38.68 -14.87 -7.02
N ASP D 220 -39.93 -14.55 -7.34
CA ASP D 220 -40.84 -13.97 -6.35
C ASP D 220 -41.26 -14.97 -5.26
N LYS D 221 -41.26 -16.26 -5.55
CA LYS D 221 -41.61 -17.26 -4.51
C LYS D 221 -40.44 -17.53 -3.53
N ASP D 222 -39.23 -17.10 -3.88
CA ASP D 222 -38.09 -17.14 -2.98
C ASP D 222 -38.45 -16.76 -1.53
N LYS D 223 -38.47 -17.73 -0.64
CA LYS D 223 -38.78 -17.48 0.76
C LYS D 223 -37.74 -16.55 1.41
N GLU D 224 -36.50 -16.58 0.93
CA GLU D 224 -35.44 -15.66 1.43
C GLU D 224 -35.40 -14.31 0.68
N GLN D 225 -36.29 -14.10 -0.29
CA GLN D 225 -36.44 -12.79 -0.97
C GLN D 225 -35.09 -12.18 -1.41
N TRP D 226 -34.26 -12.95 -2.09
CA TRP D 226 -33.03 -12.42 -2.66
C TRP D 226 -33.28 -11.33 -3.68
N LYS D 227 -34.41 -11.37 -4.36
CA LYS D 227 -34.82 -10.28 -5.26
C LYS D 227 -34.72 -8.90 -4.58
N GLU D 228 -35.01 -8.82 -3.29
CA GLU D 228 -34.88 -7.56 -2.55
C GLU D 228 -33.44 -7.04 -2.52
N VAL D 229 -32.46 -7.94 -2.65
CA VAL D 229 -31.06 -7.50 -2.70
C VAL D 229 -30.84 -6.67 -3.97
N HIS D 230 -31.39 -7.10 -5.10
CA HIS D 230 -31.23 -6.30 -6.31
C HIS D 230 -31.96 -4.99 -6.18
N LYS D 231 -33.13 -5.04 -5.55
CA LYS D 231 -33.94 -3.84 -5.37
C LYS D 231 -33.16 -2.82 -4.56
N GLN D 232 -32.49 -3.27 -3.50
CA GLN D 232 -31.59 -2.42 -2.73
C GLN D 232 -30.42 -1.89 -3.57
N VAL D 233 -29.88 -2.67 -4.49
CA VAL D 233 -28.86 -2.12 -5.40
C VAL D 233 -29.44 -0.96 -6.21
N VAL D 234 -30.63 -1.17 -6.77
CA VAL D 234 -31.33 -0.17 -7.59
C VAL D 234 -31.59 1.12 -6.78
N GLU D 235 -31.99 0.95 -5.52
CA GLU D 235 -32.43 2.06 -4.67
C GLU D 235 -31.31 2.72 -3.87
N SER D 236 -30.10 2.16 -3.94
CA SER D 236 -28.97 2.61 -3.13
C SER D 236 -28.63 4.10 -3.22
N ALA D 237 -28.51 4.60 -4.44
CA ALA D 237 -28.10 5.98 -4.63
C ALA D 237 -29.18 6.87 -4.01
N TYR D 238 -30.43 6.47 -4.19
CA TYR D 238 -31.59 7.18 -3.66
C TYR D 238 -31.70 7.17 -2.13
N GLU D 239 -31.53 6.02 -1.49
N GLU D 239 -31.54 6.01 -1.50
CA GLU D 239 -31.53 5.97 -0.02
CA GLU D 239 -31.51 5.96 -0.02
C GLU D 239 -30.38 6.83 0.55
C GLU D 239 -30.39 6.89 0.50
N VAL D 240 -29.24 6.84 -0.15
CA VAL D 240 -28.08 7.62 0.30
C VAL D 240 -28.31 9.11 0.08
N ILE D 241 -28.82 9.48 -1.10
CA ILE D 241 -29.14 10.87 -1.38
C ILE D 241 -30.15 11.39 -0.36
N LYS D 242 -31.24 10.65 -0.16
CA LYS D 242 -32.24 10.93 0.88
C LYS D 242 -31.61 11.21 2.26
N LEU D 243 -30.58 10.46 2.63
CA LEU D 243 -30.05 10.54 3.99
C LEU D 243 -29.00 11.65 4.17
N LYS D 244 -28.07 11.74 3.22
CA LYS D 244 -26.94 12.69 3.32
C LYS D 244 -26.87 13.70 2.17
N GLY D 245 -27.74 13.59 1.17
CA GLY D 245 -27.84 14.62 0.13
C GLY D 245 -27.24 14.28 -1.23
N TYR D 246 -26.31 13.35 -1.25
CA TYR D 246 -25.56 12.98 -2.45
C TYR D 246 -24.81 11.71 -2.09
N THR D 247 -24.14 11.09 -3.07
CA THR D 247 -23.23 9.98 -2.80
C THR D 247 -21.86 10.38 -3.33
N SER D 248 -20.80 9.84 -2.70
CA SER D 248 -19.42 10.15 -3.11
C SER D 248 -18.40 9.02 -2.90
N TRP D 249 -18.38 8.43 -1.72
CA TRP D 249 -17.24 7.58 -1.36
C TRP D 249 -17.22 6.31 -2.12
N ALA D 250 -18.38 5.67 -2.26
CA ALA D 250 -18.45 4.38 -2.94
C ALA D 250 -18.16 4.56 -4.43
N ILE D 251 -18.75 5.57 -5.07
CA ILE D 251 -18.44 5.82 -6.47
C ILE D 251 -16.96 6.22 -6.66
N GLY D 252 -16.42 6.95 -5.69
CA GLY D 252 -15.02 7.36 -5.80
C GLY D 252 -14.12 6.13 -5.81
N LEU D 253 -14.34 5.23 -4.87
CA LEU D 253 -13.55 4.01 -4.81
C LEU D 253 -13.74 3.14 -6.08
N SER D 254 -14.97 3.02 -6.57
CA SER D 254 -15.27 2.23 -7.76
C SER D 254 -14.46 2.74 -8.94
N VAL D 255 -14.40 4.06 -9.08
CA VAL D 255 -13.68 4.65 -10.19
C VAL D 255 -12.18 4.44 -10.01
N ALA D 256 -11.72 4.53 -8.79
CA ALA D 256 -10.29 4.32 -8.52
C ALA D 256 -9.94 2.87 -8.87
N ASP D 257 -10.83 1.94 -8.50
CA ASP D 257 -10.71 0.52 -8.90
C ASP D 257 -10.46 0.38 -10.42
N LEU D 258 -11.33 1.02 -11.20
CA LEU D 258 -11.21 0.99 -12.66
C LEU D 258 -9.89 1.63 -13.14
N ALA D 259 -9.61 2.84 -12.63
CA ALA D 259 -8.37 3.55 -12.93
C ALA D 259 -7.13 2.65 -12.71
N GLU D 260 -7.12 1.96 -11.57
CA GLU D 260 -6.06 1.02 -11.27
C GLU D 260 -5.86 -0.06 -12.33
N SER D 261 -6.94 -0.67 -12.80
CA SER D 261 -6.82 -1.70 -13.81
C SER D 261 -6.33 -1.11 -15.12
N ILE D 262 -6.75 0.11 -15.45
CA ILE D 262 -6.32 0.79 -16.68
C ILE D 262 -4.86 1.22 -16.61
N MET D 263 -4.50 1.96 -15.57
CA MET D 263 -3.13 2.50 -15.38
C MET D 263 -2.05 1.40 -15.22
N LYS D 264 -2.37 0.29 -14.54
CA LYS D 264 -1.43 -0.80 -14.34
C LYS D 264 -1.61 -1.98 -15.33
N ASN D 265 -2.51 -1.84 -16.27
CA ASN D 265 -2.69 -2.82 -17.34
C ASN D 265 -3.01 -4.20 -16.80
N LEU D 266 -3.91 -4.26 -15.83
CA LEU D 266 -4.14 -5.53 -15.13
C LEU D 266 -4.93 -6.55 -15.94
N ARG D 267 -5.73 -6.11 -16.90
CA ARG D 267 -6.64 -7.00 -17.63
C ARG D 267 -7.48 -7.75 -16.60
N ARG D 268 -8.06 -6.99 -15.67
CA ARG D 268 -9.07 -7.52 -14.79
C ARG D 268 -10.40 -7.34 -15.47
N VAL D 269 -11.40 -8.06 -14.97
CA VAL D 269 -12.74 -8.03 -15.54
C VAL D 269 -13.68 -7.17 -14.67
N HIS D 270 -14.27 -6.14 -15.30
CA HIS D 270 -15.17 -5.19 -14.61
C HIS D 270 -16.44 -4.97 -15.38
N PRO D 271 -17.59 -4.82 -14.70
CA PRO D 271 -18.76 -4.49 -15.48
C PRO D 271 -18.83 -2.99 -15.77
N VAL D 272 -18.47 -2.60 -17.00
CA VAL D 272 -18.40 -1.21 -17.39
C VAL D 272 -19.22 -0.95 -18.67
N SER D 273 -19.58 0.31 -18.93
CA SER D 273 -20.34 0.64 -20.15
C SER D 273 -19.47 0.64 -21.40
N THR D 274 -19.91 -0.16 -22.36
CA THR D 274 -19.28 -0.30 -23.66
C THR D 274 -20.39 -0.68 -24.65
N MET D 275 -20.07 -0.63 -25.95
CA MET D 275 -21.03 -0.99 -27.02
C MET D 275 -21.23 -2.50 -27.15
N ILE D 276 -22.49 -2.93 -27.11
CA ILE D 276 -22.80 -4.36 -27.20
C ILE D 276 -23.59 -4.76 -28.44
N LYS D 277 -23.66 -3.88 -29.44
CA LYS D 277 -24.12 -4.29 -30.78
C LYS D 277 -23.50 -5.63 -31.18
N GLY D 278 -24.36 -6.56 -31.57
CA GLY D 278 -23.92 -7.87 -32.03
C GLY D 278 -23.96 -8.93 -30.95
N LEU D 279 -24.46 -8.58 -29.77
CA LEU D 279 -24.59 -9.55 -28.68
C LEU D 279 -26.02 -9.58 -28.16
N TYR D 280 -26.45 -10.77 -27.72
CA TYR D 280 -27.76 -10.99 -27.12
C TYR D 280 -28.95 -10.55 -27.98
N GLY D 281 -28.74 -10.50 -29.29
CA GLY D 281 -29.78 -10.06 -30.21
C GLY D 281 -29.92 -8.56 -30.33
N ILE D 282 -29.01 -7.80 -29.72
CA ILE D 282 -29.00 -6.35 -29.90
C ILE D 282 -28.28 -5.98 -31.19
N LYS D 283 -28.93 -5.20 -32.04
CA LYS D 283 -28.38 -4.85 -33.35
C LYS D 283 -28.13 -3.34 -33.56
N ASP D 284 -28.35 -2.52 -32.53
CA ASP D 284 -28.05 -1.07 -32.60
C ASP D 284 -26.82 -0.71 -31.75
N ASP D 285 -26.29 0.51 -31.93
CA ASP D 285 -25.14 1.02 -31.18
C ASP D 285 -25.51 1.35 -29.72
N VAL D 286 -26.06 0.39 -28.98
CA VAL D 286 -26.38 0.62 -27.55
C VAL D 286 -25.12 0.45 -26.72
N PHE D 287 -24.97 1.33 -25.72
CA PHE D 287 -23.95 1.14 -24.69
C PHE D 287 -24.59 0.69 -23.39
N LEU D 288 -24.00 -0.33 -22.79
CA LEU D 288 -24.37 -0.71 -21.46
C LEU D 288 -23.29 -1.58 -20.88
N SER D 289 -23.46 -1.92 -19.61
CA SER D 289 -22.49 -2.70 -18.87
C SER D 289 -22.57 -4.19 -19.14
N VAL D 290 -21.48 -4.74 -19.68
CA VAL D 290 -21.15 -6.19 -19.62
C VAL D 290 -19.75 -6.35 -19.02
N PRO D 291 -19.36 -7.57 -18.64
CA PRO D 291 -17.99 -7.68 -18.10
C PRO D 291 -16.94 -7.51 -19.20
N CYS D 292 -16.09 -6.48 -19.05
CA CYS D 292 -15.03 -6.18 -19.99
C CYS D 292 -13.65 -6.33 -19.36
N ILE D 293 -12.69 -6.73 -20.18
CA ILE D 293 -11.31 -6.85 -19.78
C ILE D 293 -10.66 -5.48 -19.92
N LEU D 294 -10.18 -4.95 -18.80
CA LEU D 294 -9.62 -3.57 -18.76
C LEU D 294 -8.11 -3.56 -18.60
N GLY D 295 -7.44 -2.80 -19.46
CA GLY D 295 -5.99 -2.68 -19.47
C GLY D 295 -5.57 -1.33 -20.02
N GLN D 296 -4.31 -1.22 -20.40
CA GLN D 296 -3.74 0.07 -20.80
C GLN D 296 -4.36 0.64 -22.07
N ASN D 297 -5.04 -0.19 -22.86
CA ASN D 297 -5.74 0.27 -24.06
C ASN D 297 -7.26 0.38 -23.80
N GLY D 298 -7.64 0.49 -22.54
CA GLY D 298 -9.04 0.57 -22.17
C GLY D 298 -9.66 -0.81 -22.17
N ILE D 299 -10.82 -0.94 -22.82
CA ILE D 299 -11.49 -2.22 -22.97
C ILE D 299 -10.96 -2.99 -24.16
N SER D 300 -10.16 -4.02 -23.90
CA SER D 300 -9.56 -4.81 -24.97
C SER D 300 -10.45 -5.96 -25.42
N ASP D 301 -11.25 -6.49 -24.49
CA ASP D 301 -12.18 -7.60 -24.76
C ASP D 301 -13.48 -7.49 -23.93
N LEU D 302 -14.45 -8.33 -24.28
CA LEU D 302 -15.79 -8.41 -23.65
C LEU D 302 -15.98 -9.86 -23.25
N VAL D 303 -16.45 -10.10 -22.04
CA VAL D 303 -16.88 -11.43 -21.67
C VAL D 303 -18.32 -11.61 -22.09
N LYS D 304 -18.59 -12.68 -22.83
CA LYS D 304 -19.93 -12.97 -23.31
C LYS D 304 -20.66 -13.82 -22.27
N VAL D 305 -21.19 -13.18 -21.25
CA VAL D 305 -21.87 -13.87 -20.16
C VAL D 305 -23.06 -14.67 -20.69
N THR D 306 -23.16 -15.93 -20.30
CA THR D 306 -24.33 -16.74 -20.61
C THR D 306 -25.45 -16.43 -19.62
N LEU D 307 -26.62 -16.11 -20.17
CA LEU D 307 -27.76 -15.67 -19.41
C LEU D 307 -28.90 -16.67 -19.63
N THR D 308 -29.67 -16.96 -18.57
CA THR D 308 -30.96 -17.66 -18.73
C THR D 308 -31.80 -16.80 -19.69
N SER D 309 -32.90 -17.35 -20.17
CA SER D 309 -33.79 -16.63 -21.09
C SER D 309 -34.44 -15.38 -20.44
N GLU D 310 -34.75 -15.47 -19.15
CA GLU D 310 -35.30 -14.33 -18.43
C GLU D 310 -34.24 -13.23 -18.28
N GLU D 311 -33.05 -13.61 -17.82
CA GLU D 311 -31.93 -12.69 -17.63
C GLU D 311 -31.55 -11.98 -18.93
N GLU D 312 -31.56 -12.72 -20.04
CA GLU D 312 -31.34 -12.11 -21.35
C GLU D 312 -32.50 -11.20 -21.72
N ALA D 313 -33.72 -11.61 -21.39
CA ALA D 313 -34.92 -10.83 -21.68
C ALA D 313 -34.84 -9.45 -21.04
N ARG D 314 -34.55 -9.42 -19.73
CA ARG D 314 -34.32 -8.19 -18.96
C ARG D 314 -33.18 -7.30 -19.47
N LEU D 315 -32.11 -7.91 -19.98
CA LEU D 315 -30.98 -7.16 -20.52
C LEU D 315 -31.36 -6.53 -21.85
N LYS D 316 -32.16 -7.24 -22.64
CA LYS D 316 -32.54 -6.73 -23.95
C LYS D 316 -33.53 -5.59 -23.69
N LYS D 317 -34.26 -5.68 -22.58
CA LYS D 317 -35.18 -4.61 -22.15
C LYS D 317 -34.36 -3.37 -21.76
N SER D 318 -33.36 -3.61 -20.92
CA SER D 318 -32.45 -2.56 -20.45
C SER D 318 -31.82 -1.86 -21.65
N ALA D 319 -31.43 -2.65 -22.64
CA ALA D 319 -30.85 -2.15 -23.89
C ALA D 319 -31.84 -1.27 -24.69
N ASP D 320 -33.09 -1.73 -24.77
CA ASP D 320 -34.15 -1.00 -25.48
C ASP D 320 -34.52 0.31 -24.79
N THR D 321 -34.62 0.26 -23.47
CA THR D 321 -34.76 1.47 -22.69
C THR D 321 -33.65 2.46 -23.10
N LEU D 322 -32.39 2.07 -22.95
CA LEU D 322 -31.26 2.99 -23.23
C LEU D 322 -31.19 3.41 -24.70
N TRP D 323 -31.62 2.53 -25.60
CA TRP D 323 -31.62 2.88 -27.01
C TRP D 323 -32.67 3.92 -27.24
N GLY D 324 -33.74 3.85 -26.46
CA GLY D 324 -34.81 4.83 -26.48
C GLY D 324 -34.29 6.22 -26.24
N ILE D 325 -33.60 6.37 -25.11
CA ILE D 325 -33.07 7.65 -24.67
C ILE D 325 -31.97 8.10 -25.64
N GLN D 326 -31.23 7.14 -26.22
CA GLN D 326 -30.19 7.50 -27.19
C GLN D 326 -30.79 8.24 -28.37
N LYS D 327 -32.08 8.03 -28.61
CA LYS D 327 -32.79 8.72 -29.70
C LYS D 327 -33.08 10.18 -29.30
N GLU D 328 -33.03 10.47 -27.99
CA GLU D 328 -33.19 11.83 -27.48
C GLU D 328 -31.96 12.74 -27.77
N LEU D 329 -30.84 12.14 -28.21
CA LEU D 329 -29.60 12.89 -28.53
C LEU D 329 -29.62 13.61 -29.91
N GLN D 330 -29.15 14.86 -29.92
CA GLN D 330 -29.02 15.67 -31.13
C GLN D 330 -27.62 16.32 -31.22
N PHE D 331 -26.84 15.95 -32.24
CA PHE D 331 -25.53 16.57 -32.52
C PHE D 331 -25.35 16.85 -34.02
#